data_3QII
# 
_entry.id   3QII 
# 
_audit_conform.dict_name       mmcif_pdbx.dic 
_audit_conform.dict_version    5.399 
_audit_conform.dict_location   http://mmcif.pdb.org/dictionaries/ascii/mmcif_pdbx.dic 
# 
loop_
_database_2.database_id 
_database_2.database_code 
_database_2.pdbx_database_accession 
_database_2.pdbx_DOI 
PDB   3QII         pdb_00003qii 10.2210/pdb3qii/pdb 
RCSB  RCSB063687   ?            ?                   
WWPDB D_1000063687 ?            ?                   
# 
loop_
_pdbx_audit_revision_history.ordinal 
_pdbx_audit_revision_history.data_content_type 
_pdbx_audit_revision_history.major_revision 
_pdbx_audit_revision_history.minor_revision 
_pdbx_audit_revision_history.revision_date 
1 'Structure model' 1 0 2011-02-09 
2 'Structure model' 1 1 2011-07-13 
3 'Structure model' 1 2 2012-03-07 
4 'Structure model' 1 3 2012-04-11 
5 'Structure model' 1 4 2017-11-08 
6 'Structure model' 1 5 2023-09-13 
7 'Structure model' 1 6 2024-11-20 
# 
_pdbx_audit_revision_details.ordinal             1 
_pdbx_audit_revision_details.revision_ordinal    1 
_pdbx_audit_revision_details.data_content_type   'Structure model' 
_pdbx_audit_revision_details.provider            repository 
_pdbx_audit_revision_details.type                'Initial release' 
_pdbx_audit_revision_details.description         ? 
_pdbx_audit_revision_details.details             ? 
# 
loop_
_pdbx_audit_revision_group.ordinal 
_pdbx_audit_revision_group.revision_ordinal 
_pdbx_audit_revision_group.data_content_type 
_pdbx_audit_revision_group.group 
1 2 'Structure model' 'Version format compliance' 
2 3 'Structure model' 'Database references'       
3 4 'Structure model' 'Database references'       
4 5 'Structure model' 'Refinement description'    
5 6 'Structure model' 'Data collection'           
6 6 'Structure model' 'Database references'       
7 6 'Structure model' 'Refinement description'    
8 7 'Structure model' 'Structure summary'         
# 
loop_
_pdbx_audit_revision_category.ordinal 
_pdbx_audit_revision_category.revision_ordinal 
_pdbx_audit_revision_category.data_content_type 
_pdbx_audit_revision_category.category 
1 5 'Structure model' software                      
2 6 'Structure model' chem_comp_atom                
3 6 'Structure model' chem_comp_bond                
4 6 'Structure model' database_2                    
5 6 'Structure model' pdbx_initial_refinement_model 
6 6 'Structure model' struct_ref_seq_dif            
7 7 'Structure model' pdbx_entry_details            
8 7 'Structure model' pdbx_modification_feature     
# 
loop_
_pdbx_audit_revision_item.ordinal 
_pdbx_audit_revision_item.revision_ordinal 
_pdbx_audit_revision_item.data_content_type 
_pdbx_audit_revision_item.item 
1 6 'Structure model' '_database_2.pdbx_DOI'                
2 6 'Structure model' '_database_2.pdbx_database_accession' 
3 6 'Structure model' '_struct_ref_seq_dif.details'         
# 
_pdbx_database_status.entry_id                        3QII 
_pdbx_database_status.deposit_site                    RCSB 
_pdbx_database_status.process_site                    RCSB 
_pdbx_database_status.recvd_initial_deposition_date   2011-01-27 
_pdbx_database_status.status_code                     REL 
_pdbx_database_status.status_code_sf                  REL 
_pdbx_database_status.status_code_mr                  ? 
_pdbx_database_status.SG_entry                        Y 
_pdbx_database_status.status_code_cs                  ? 
_pdbx_database_status.methods_development_category    ? 
_pdbx_database_status.pdb_format_compatible           Y 
_pdbx_database_status.status_code_nmr_data            ? 
# 
loop_
_audit_author.name 
_audit_author.pdbx_ordinal 
'Li, Z.'                               1  
'Tempel, W.'                           2  
'Wernimont, A.K.'                      3  
'Chao, X.'                             4  
'Bian, C.'                             5  
'Lam, R.'                              6  
'Crombet, L.'                          7  
'Bountra, C.'                          8  
'Weigelt, J.'                          9  
'Arrowsmith, C.H.'                     10 
'Edwards, A.M.'                        11 
'Bochkarev, A.'                        12 
'Min, J.'                              13 
'Structural Genomics Consortium (SGC)' 14 
# 
_citation.id                        primary 
_citation.title                     
'Crystal structures of the Tudor domains of human PHF20 reveal novel structural variations on the Royal Family of proteins.' 
_citation.journal_abbrev            'Febs Lett.' 
_citation.journal_volume            586 
_citation.page_first                859 
_citation.page_last                 865 
_citation.year                      2012 
_citation.journal_id_ASTM           FEBLAL 
_citation.country                   NE 
_citation.journal_id_ISSN           0014-5793 
_citation.journal_id_CSD            0165 
_citation.book_publisher            ? 
_citation.pdbx_database_id_PubMed   22449972 
_citation.pdbx_database_id_DOI      10.1016/j.febslet.2012.02.012 
# 
loop_
_citation_author.citation_id 
_citation_author.name 
_citation_author.ordinal 
_citation_author.identifier_ORCID 
primary 'Adams-Cioaba, M.A.' 1 ? 
primary 'Li, Z.'             2 ? 
primary 'Tempel, W.'         3 ? 
primary 'Guo, Y.'            4 ? 
primary 'Bian, C.'           5 ? 
primary 'Li, Y.'             6 ? 
primary 'Lam, R.'            7 ? 
primary 'Min, J.'            8 ? 
# 
loop_
_entity.id 
_entity.type 
_entity.src_method 
_entity.pdbx_description 
_entity.formula_weight 
_entity.pdbx_number_of_molecules 
_entity.pdbx_ec 
_entity.pdbx_mutation 
_entity.pdbx_fragment 
_entity.details 
1 polymer     man 'PHD finger protein 20' 9818.977 1  ? ? ? ? 
2 non-polymer syn 'UNKNOWN ATOM OR ION'   ?        1  ? ? ? ? 
3 water       nat water                   18.015   10 ? ? ? ? 
# 
_entity_name_com.entity_id   1 
_entity_name_com.name        
'Glioma-expressed antigen 2, Hepatocellular carcinoma-associated antigen 58, Novel zinc finger protein, Transcription factor TZP' 
# 
_entity_poly.entity_id                      1 
_entity_poly.type                           'polypeptide(L)' 
_entity_poly.nstd_linkage                   no 
_entity_poly.nstd_monomer                   no 
_entity_poly.pdbx_seq_one_letter_code       
;MHHHHHHSSRENLYFQGGSSEFQINEQVLACWSDCRFYPAKVTAVNKDGTYTVKFYDGVVQTVKHIHVKAFSKDQNIVGN
ARPKE
;
_entity_poly.pdbx_seq_one_letter_code_can   
;MHHHHHHSSRENLYFQGGSSEFQINEQVLACWSDCRFYPAKVTAVNKDGTYTVKFYDGVVQTVKHIHVKAFSKDQNIVGN
ARPKE
;
_entity_poly.pdbx_strand_id                 A 
_entity_poly.pdbx_target_identifier         ? 
# 
loop_
_pdbx_entity_nonpoly.entity_id 
_pdbx_entity_nonpoly.name 
_pdbx_entity_nonpoly.comp_id 
2 'UNKNOWN ATOM OR ION' UNX 
3 water                 HOH 
# 
loop_
_entity_poly_seq.entity_id 
_entity_poly_seq.num 
_entity_poly_seq.mon_id 
_entity_poly_seq.hetero 
1 1  MET n 
1 2  HIS n 
1 3  HIS n 
1 4  HIS n 
1 5  HIS n 
1 6  HIS n 
1 7  HIS n 
1 8  SER n 
1 9  SER n 
1 10 ARG n 
1 11 GLU n 
1 12 ASN n 
1 13 LEU n 
1 14 TYR n 
1 15 PHE n 
1 16 GLN n 
1 17 GLY n 
1 18 GLY n 
1 19 SER n 
1 20 SER n 
1 21 GLU n 
1 22 PHE n 
1 23 GLN n 
1 24 ILE n 
1 25 ASN n 
1 26 GLU n 
1 27 GLN n 
1 28 VAL n 
1 29 LEU n 
1 30 ALA n 
1 31 CYS n 
1 32 TRP n 
1 33 SER n 
1 34 ASP n 
1 35 CYS n 
1 36 ARG n 
1 37 PHE n 
1 38 TYR n 
1 39 PRO n 
1 40 ALA n 
1 41 LYS n 
1 42 VAL n 
1 43 THR n 
1 44 ALA n 
1 45 VAL n 
1 46 ASN n 
1 47 LYS n 
1 48 ASP n 
1 49 GLY n 
1 50 THR n 
1 51 TYR n 
1 52 THR n 
1 53 VAL n 
1 54 LYS n 
1 55 PHE n 
1 56 TYR n 
1 57 ASP n 
1 58 GLY n 
1 59 VAL n 
1 60 VAL n 
1 61 GLN n 
1 62 THR n 
1 63 VAL n 
1 64 LYS n 
1 65 HIS n 
1 66 ILE n 
1 67 HIS n 
1 68 VAL n 
1 69 LYS n 
1 70 ALA n 
1 71 PHE n 
1 72 SER n 
1 73 LYS n 
1 74 ASP n 
1 75 GLN n 
1 76 ASN n 
1 77 ILE n 
1 78 VAL n 
1 79 GLY n 
1 80 ASN n 
1 81 ALA n 
1 82 ARG n 
1 83 PRO n 
1 84 LYS n 
1 85 GLU n 
# 
_entity_src_gen.entity_id                          1 
_entity_src_gen.pdbx_src_id                        1 
_entity_src_gen.pdbx_alt_source_flag               sample 
_entity_src_gen.pdbx_seq_type                      ? 
_entity_src_gen.pdbx_beg_seq_num                   ? 
_entity_src_gen.pdbx_end_seq_num                   ? 
_entity_src_gen.gene_src_common_name               human 
_entity_src_gen.gene_src_genus                     ? 
_entity_src_gen.pdbx_gene_src_gene                 'PHF20, C20orf104, GLEA2, HCA58, NZF, TZP' 
_entity_src_gen.gene_src_species                   ? 
_entity_src_gen.gene_src_strain                    ? 
_entity_src_gen.gene_src_tissue                    ? 
_entity_src_gen.gene_src_tissue_fraction           ? 
_entity_src_gen.gene_src_details                   ? 
_entity_src_gen.pdbx_gene_src_fragment             ? 
_entity_src_gen.pdbx_gene_src_scientific_name      'Homo sapiens' 
_entity_src_gen.pdbx_gene_src_ncbi_taxonomy_id     9606 
_entity_src_gen.pdbx_gene_src_variant              ? 
_entity_src_gen.pdbx_gene_src_cell_line            ? 
_entity_src_gen.pdbx_gene_src_atcc                 ? 
_entity_src_gen.pdbx_gene_src_organ                ? 
_entity_src_gen.pdbx_gene_src_organelle            ? 
_entity_src_gen.pdbx_gene_src_cell                 ? 
_entity_src_gen.pdbx_gene_src_cellular_location    ? 
_entity_src_gen.host_org_common_name               ? 
_entity_src_gen.pdbx_host_org_scientific_name      'Escherichia coli' 
_entity_src_gen.pdbx_host_org_ncbi_taxonomy_id     469008 
_entity_src_gen.host_org_genus                     ? 
_entity_src_gen.pdbx_host_org_gene                 ? 
_entity_src_gen.pdbx_host_org_organ                ? 
_entity_src_gen.host_org_species                   ? 
_entity_src_gen.pdbx_host_org_tissue               ? 
_entity_src_gen.pdbx_host_org_tissue_fraction      ? 
_entity_src_gen.pdbx_host_org_strain               'BL21(DE3) Codon plus RIL (Stratagene)' 
_entity_src_gen.pdbx_host_org_variant              ? 
_entity_src_gen.pdbx_host_org_cell_line            ? 
_entity_src_gen.pdbx_host_org_atcc                 ? 
_entity_src_gen.pdbx_host_org_culture_collection   ? 
_entity_src_gen.pdbx_host_org_cell                 ? 
_entity_src_gen.pdbx_host_org_organelle            ? 
_entity_src_gen.pdbx_host_org_cellular_location    ? 
_entity_src_gen.pdbx_host_org_vector_type          plasmid 
_entity_src_gen.pdbx_host_org_vector               ? 
_entity_src_gen.host_org_details                   ? 
_entity_src_gen.expression_system_id               ? 
_entity_src_gen.plasmid_name                       pET28-MHL 
_entity_src_gen.plasmid_details                    ? 
_entity_src_gen.pdbx_description                   ? 
# 
loop_
_chem_comp.id 
_chem_comp.type 
_chem_comp.mon_nstd_flag 
_chem_comp.name 
_chem_comp.pdbx_synonyms 
_chem_comp.formula 
_chem_comp.formula_weight 
ALA 'L-peptide linking' y ALANINE               ? 'C3 H7 N O2'     89.093  
ARG 'L-peptide linking' y ARGININE              ? 'C6 H15 N4 O2 1' 175.209 
ASN 'L-peptide linking' y ASPARAGINE            ? 'C4 H8 N2 O3'    132.118 
ASP 'L-peptide linking' y 'ASPARTIC ACID'       ? 'C4 H7 N O4'     133.103 
CYS 'L-peptide linking' y CYSTEINE              ? 'C3 H7 N O2 S'   121.158 
GLN 'L-peptide linking' y GLUTAMINE             ? 'C5 H10 N2 O3'   146.144 
GLU 'L-peptide linking' y 'GLUTAMIC ACID'       ? 'C5 H9 N O4'     147.129 
GLY 'peptide linking'   y GLYCINE               ? 'C2 H5 N O2'     75.067  
HIS 'L-peptide linking' y HISTIDINE             ? 'C6 H10 N3 O2 1' 156.162 
HOH non-polymer         . WATER                 ? 'H2 O'           18.015  
ILE 'L-peptide linking' y ISOLEUCINE            ? 'C6 H13 N O2'    131.173 
LEU 'L-peptide linking' y LEUCINE               ? 'C6 H13 N O2'    131.173 
LYS 'L-peptide linking' y LYSINE                ? 'C6 H15 N2 O2 1' 147.195 
MET 'L-peptide linking' y METHIONINE            ? 'C5 H11 N O2 S'  149.211 
PHE 'L-peptide linking' y PHENYLALANINE         ? 'C9 H11 N O2'    165.189 
PRO 'L-peptide linking' y PROLINE               ? 'C5 H9 N O2'     115.130 
SER 'L-peptide linking' y SERINE                ? 'C3 H7 N O3'     105.093 
THR 'L-peptide linking' y THREONINE             ? 'C4 H9 N O3'     119.119 
TRP 'L-peptide linking' y TRYPTOPHAN            ? 'C11 H12 N2 O2'  204.225 
TYR 'L-peptide linking' y TYROSINE              ? 'C9 H11 N O3'    181.189 
UNX non-polymer         . 'UNKNOWN ATOM OR ION' ? ?                ?       
VAL 'L-peptide linking' y VALINE                ? 'C5 H11 N O2'    117.146 
# 
loop_
_pdbx_poly_seq_scheme.asym_id 
_pdbx_poly_seq_scheme.entity_id 
_pdbx_poly_seq_scheme.seq_id 
_pdbx_poly_seq_scheme.mon_id 
_pdbx_poly_seq_scheme.ndb_seq_num 
_pdbx_poly_seq_scheme.pdb_seq_num 
_pdbx_poly_seq_scheme.auth_seq_num 
_pdbx_poly_seq_scheme.pdb_mon_id 
_pdbx_poly_seq_scheme.auth_mon_id 
_pdbx_poly_seq_scheme.pdb_strand_id 
_pdbx_poly_seq_scheme.pdb_ins_code 
_pdbx_poly_seq_scheme.hetero 
A 1 1  MET 1  66  ?   ?   ?   A . n 
A 1 2  HIS 2  67  ?   ?   ?   A . n 
A 1 3  HIS 3  68  ?   ?   ?   A . n 
A 1 4  HIS 4  69  ?   ?   ?   A . n 
A 1 5  HIS 5  70  ?   ?   ?   A . n 
A 1 6  HIS 6  71  ?   ?   ?   A . n 
A 1 7  HIS 7  72  ?   ?   ?   A . n 
A 1 8  SER 8  73  ?   ?   ?   A . n 
A 1 9  SER 9  74  ?   ?   ?   A . n 
A 1 10 ARG 10 75  ?   ?   ?   A . n 
A 1 11 GLU 11 76  ?   ?   ?   A . n 
A 1 12 ASN 12 77  ?   ?   ?   A . n 
A 1 13 LEU 13 78  ?   ?   ?   A . n 
A 1 14 TYR 14 79  ?   ?   ?   A . n 
A 1 15 PHE 15 80  ?   ?   ?   A . n 
A 1 16 GLN 16 81  ?   ?   ?   A . n 
A 1 17 GLY 17 82  ?   ?   ?   A . n 
A 1 18 GLY 18 83  ?   ?   ?   A . n 
A 1 19 SER 19 84  ?   ?   ?   A . n 
A 1 20 SER 20 85  ?   ?   ?   A . n 
A 1 21 GLU 21 86  86  GLU GLU A . n 
A 1 22 PHE 22 87  87  PHE PHE A . n 
A 1 23 GLN 23 88  88  GLN GLN A . n 
A 1 24 ILE 24 89  89  ILE ILE A . n 
A 1 25 ASN 25 90  90  ASN ASN A . n 
A 1 26 GLU 26 91  91  GLU GLU A . n 
A 1 27 GLN 27 92  92  GLN GLN A . n 
A 1 28 VAL 28 93  93  VAL VAL A . n 
A 1 29 LEU 29 94  94  LEU LEU A . n 
A 1 30 ALA 30 95  95  ALA ALA A . n 
A 1 31 CYS 31 96  96  CYS CYS A . n 
A 1 32 TRP 32 97  97  TRP TRP A . n 
A 1 33 SER 33 98  98  SER SER A . n 
A 1 34 ASP 34 99  99  ASP ASP A . n 
A 1 35 CYS 35 100 100 CYS CYS A . n 
A 1 36 ARG 36 101 101 ARG ARG A . n 
A 1 37 PHE 37 102 102 PHE PHE A . n 
A 1 38 TYR 38 103 103 TYR TYR A . n 
A 1 39 PRO 39 104 104 PRO PRO A . n 
A 1 40 ALA 40 105 105 ALA ALA A . n 
A 1 41 LYS 41 106 106 LYS LYS A . n 
A 1 42 VAL 42 107 107 VAL VAL A . n 
A 1 43 THR 43 108 108 THR THR A . n 
A 1 44 ALA 44 109 109 ALA ALA A . n 
A 1 45 VAL 45 110 110 VAL VAL A . n 
A 1 46 ASN 46 111 111 ASN ASN A . n 
A 1 47 LYS 47 112 112 LYS LYS A . n 
A 1 48 ASP 48 113 113 ASP ASP A . n 
A 1 49 GLY 49 114 114 GLY GLY A . n 
A 1 50 THR 50 115 115 THR THR A . n 
A 1 51 TYR 51 116 116 TYR TYR A . n 
A 1 52 THR 52 117 117 THR THR A . n 
A 1 53 VAL 53 118 118 VAL VAL A . n 
A 1 54 LYS 54 119 119 LYS LYS A . n 
A 1 55 PHE 55 120 120 PHE PHE A . n 
A 1 56 TYR 56 121 121 TYR TYR A . n 
A 1 57 ASP 57 122 122 ASP ASP A . n 
A 1 58 GLY 58 123 123 GLY GLY A . n 
A 1 59 VAL 59 124 124 VAL VAL A . n 
A 1 60 VAL 60 125 125 VAL VAL A . n 
A 1 61 GLN 61 126 126 GLN GLN A . n 
A 1 62 THR 62 127 127 THR THR A . n 
A 1 63 VAL 63 128 128 VAL VAL A . n 
A 1 64 LYS 64 129 129 LYS LYS A . n 
A 1 65 HIS 65 130 130 HIS HIS A . n 
A 1 66 ILE 66 131 131 ILE ILE A . n 
A 1 67 HIS 67 132 132 HIS HIS A . n 
A 1 68 VAL 68 133 133 VAL VAL A . n 
A 1 69 LYS 69 134 134 LYS LYS A . n 
A 1 70 ALA 70 135 135 ALA ALA A . n 
A 1 71 PHE 71 136 136 PHE PHE A . n 
A 1 72 SER 72 137 137 SER SER A . n 
A 1 73 LYS 73 138 ?   ?   ?   A . n 
A 1 74 ASP 74 139 ?   ?   ?   A . n 
A 1 75 GLN 75 140 ?   ?   ?   A . n 
A 1 76 ASN 76 141 ?   ?   ?   A . n 
A 1 77 ILE 77 142 ?   ?   ?   A . n 
A 1 78 VAL 78 143 ?   ?   ?   A . n 
A 1 79 GLY 79 144 ?   ?   ?   A . n 
A 1 80 ASN 80 145 ?   ?   ?   A . n 
A 1 81 ALA 81 146 ?   ?   ?   A . n 
A 1 82 ARG 82 147 ?   ?   ?   A . n 
A 1 83 PRO 83 148 ?   ?   ?   A . n 
A 1 84 LYS 84 149 ?   ?   ?   A . n 
A 1 85 GLU 85 150 ?   ?   ?   A . n 
# 
loop_
_pdbx_nonpoly_scheme.asym_id 
_pdbx_nonpoly_scheme.entity_id 
_pdbx_nonpoly_scheme.mon_id 
_pdbx_nonpoly_scheme.ndb_seq_num 
_pdbx_nonpoly_scheme.pdb_seq_num 
_pdbx_nonpoly_scheme.auth_seq_num 
_pdbx_nonpoly_scheme.pdb_mon_id 
_pdbx_nonpoly_scheme.auth_mon_id 
_pdbx_nonpoly_scheme.pdb_strand_id 
_pdbx_nonpoly_scheme.pdb_ins_code 
B 2 UNX 1  1   1  UNX UNX A . 
C 3 HOH 1  2   2  HOH HOH A . 
C 3 HOH 2  3   3  HOH HOH A . 
C 3 HOH 3  4   4  HOH HOH A . 
C 3 HOH 4  5   5  HOH HOH A . 
C 3 HOH 5  6   6  HOH HOH A . 
C 3 HOH 6  7   7  HOH HOH A . 
C 3 HOH 7  8   8  HOH HOH A . 
C 3 HOH 8  9   9  HOH HOH A . 
C 3 HOH 9  10  10 HOH HOH A . 
C 3 HOH 10 151 1  HOH HOH A . 
# 
_pdbx_unobs_or_zero_occ_atoms.id               1 
_pdbx_unobs_or_zero_occ_atoms.PDB_model_num    1 
_pdbx_unobs_or_zero_occ_atoms.polymer_flag     Y 
_pdbx_unobs_or_zero_occ_atoms.occupancy_flag   1 
_pdbx_unobs_or_zero_occ_atoms.auth_asym_id     A 
_pdbx_unobs_or_zero_occ_atoms.auth_comp_id     SER 
_pdbx_unobs_or_zero_occ_atoms.auth_seq_id      137 
_pdbx_unobs_or_zero_occ_atoms.PDB_ins_code     ? 
_pdbx_unobs_or_zero_occ_atoms.auth_atom_id     OG 
_pdbx_unobs_or_zero_occ_atoms.label_alt_id     ? 
_pdbx_unobs_or_zero_occ_atoms.label_asym_id    A 
_pdbx_unobs_or_zero_occ_atoms.label_comp_id    SER 
_pdbx_unobs_or_zero_occ_atoms.label_seq_id     72 
_pdbx_unobs_or_zero_occ_atoms.label_atom_id    OG 
# 
loop_
_software.name 
_software.version 
_software.date 
_software.type 
_software.contact_author 
_software.contact_author_email 
_software.classification 
_software.location 
_software.language 
_software.citation_id 
_software.pdbx_ordinal 
DENZO       .        ?                    package 'Zbyszek Otwinowski' zbyszek@mix.swmed.edu       'data reduction'  
http://www.lnls.br/infra/linhasluz/denzo-hkl.htm ?          ? 1 
SCALEPACK   .        ?                    package 'Zbyszek Otwinowski' zbyszek@mix.swmed.edu       'data scaling'    
http://www.lnls.br/infra/linhasluz/denzo-hkl.htm ?          ? 2 
PHASER      .        ?                    other   'R. J. Read'         cimr-phaser@lists.cam.ac.uk phasing           
http://www-structmed.cimr.cam.ac.uk/phaser/      ?          ? 3 
REFMAC      5.5.0109 ?                    program 'Murshudov, G.N.'    ccp4@dl.ac.uk               refinement        
http://www.ccp4.ac.uk/main.html                  Fortran_77 ? 4 
PDB_EXTRACT 3.005    'September 10, 2007' package PDB                  sw-help@rcsb.rutgers.edu    'data extraction' 
http://pdb.rutgers.edu/software/                 C++        ? 5 
HKL-2000    .        ?                    ?       ?                    ?                           'data reduction'  ? ?          
? 6 
HKL-2000    .        ?                    ?       ?                    ?                           'data scaling'    ? ?          
? 7 
# 
_cell.entry_id           3QII 
_cell.length_a           48.683 
_cell.length_b           48.683 
_cell.length_c           96.273 
_cell.angle_alpha        90.000 
_cell.angle_beta         90.000 
_cell.angle_gamma        90.000 
_cell.pdbx_unique_axis   ? 
_cell.Z_PDB              8 
_cell.length_a_esd       ? 
_cell.length_b_esd       ? 
_cell.length_c_esd       ? 
_cell.angle_alpha_esd    ? 
_cell.angle_beta_esd     ? 
_cell.angle_gamma_esd    ? 
# 
_symmetry.entry_id                         3QII 
_symmetry.space_group_name_H-M             'P 43 21 2' 
_symmetry.Int_Tables_number                96 
_symmetry.pdbx_full_space_group_name_H-M   ? 
_symmetry.cell_setting                     ? 
_symmetry.space_group_name_Hall            ? 
# 
_exptl.crystals_number   1 
_exptl.entry_id          3QII 
_exptl.method            'X-RAY DIFFRACTION' 
# 
_exptl_crystal.id                    1 
_exptl_crystal.density_percent_sol   57.65 
_exptl_crystal.density_Matthews      2.90 
_exptl_crystal.density_meas          ? 
_exptl_crystal.description           ? 
_exptl_crystal.F_000                 ? 
_exptl_crystal.preparation           ? 
# 
_exptl_crystal_grow.crystal_id      1 
_exptl_crystal_grow.method          'VAPOR DIFFUSION, SITTING DROP' 
_exptl_crystal_grow.pH              8.5 
_exptl_crystal_grow.temp            291 
_exptl_crystal_grow.pdbx_details    
'25% PEG-8000, 0.2M sodium chloride, 0.1M TRIS, pH 8.5, vapor diffusion, sitting drop, temperature 291K' 
_exptl_crystal_grow.temp_details    ? 
_exptl_crystal_grow.pdbx_pH_range   ? 
# 
_diffrn.id                     1 
_diffrn.ambient_temp           100 
_diffrn.ambient_temp_details   ? 
_diffrn.crystal_id             1 
# 
_diffrn_detector.diffrn_id              1 
_diffrn_detector.detector               CCD 
_diffrn_detector.type                   'MARMOSAIC 300 mm CCD' 
_diffrn_detector.pdbx_collection_date   2010-09-22 
_diffrn_detector.details                ? 
# 
_diffrn_radiation.diffrn_id                        1 
_diffrn_radiation.pdbx_diffrn_protocol             'SINGLE WAVELENGTH' 
_diffrn_radiation.monochromator                    ? 
_diffrn_radiation.wavelength_id                    1 
_diffrn_radiation.pdbx_monochromatic_or_laue_m_l   M 
_diffrn_radiation.pdbx_scattering_type             x-ray 
# 
_diffrn_radiation_wavelength.id           1 
_diffrn_radiation_wavelength.wavelength   0.97911 
_diffrn_radiation_wavelength.wt           1.0 
# 
_diffrn_source.diffrn_id                   1 
_diffrn_source.source                      SYNCHROTRON 
_diffrn_source.type                        'CLSI BEAMLINE 08ID-1' 
_diffrn_source.pdbx_wavelength_list        0.97911 
_diffrn_source.pdbx_wavelength             ? 
_diffrn_source.pdbx_synchrotron_site       CLSI 
_diffrn_source.pdbx_synchrotron_beamline   08ID-1 
# 
_reflns.entry_id                     3QII 
_reflns.d_resolution_high            2.300 
_reflns.d_resolution_low             50.000 
_reflns.number_obs                   5606 
_reflns.pdbx_Rmerge_I_obs            0.069 
_reflns.pdbx_netI_over_sigmaI        12.800 
_reflns.pdbx_chi_squared             1.393 
_reflns.pdbx_redundancy              12.300 
_reflns.percent_possible_obs         99.200 
_reflns.observed_criterion_sigma_F   ? 
_reflns.observed_criterion_sigma_I   ? 
_reflns.number_all                   ? 
_reflns.pdbx_Rsym_value              ? 
_reflns.B_iso_Wilson_estimate        ? 
_reflns.R_free_details               ? 
_reflns.limit_h_max                  ? 
_reflns.limit_h_min                  ? 
_reflns.limit_k_max                  ? 
_reflns.limit_k_min                  ? 
_reflns.limit_l_max                  ? 
_reflns.limit_l_min                  ? 
_reflns.observed_criterion_F_max     ? 
_reflns.observed_criterion_F_min     ? 
_reflns.pdbx_scaling_rejects         ? 
_reflns.pdbx_ordinal                 1 
_reflns.pdbx_diffrn_id               1 
# 
loop_
_reflns_shell.d_res_high 
_reflns_shell.d_res_low 
_reflns_shell.number_measured_obs 
_reflns_shell.number_measured_all 
_reflns_shell.number_unique_obs 
_reflns_shell.Rmerge_I_obs 
_reflns_shell.meanI_over_sigI_obs 
_reflns_shell.pdbx_Rsym_value 
_reflns_shell.pdbx_chi_squared 
_reflns_shell.pdbx_redundancy 
_reflns_shell.percent_possible_obs 
_reflns_shell.number_unique_all 
_reflns_shell.percent_possible_all 
_reflns_shell.pdbx_ordinal 
_reflns_shell.pdbx_diffrn_id 
2.30 2.34  ? ? ? 0.318 ? ? 1.013 6.40  ? 237 86.80  1  1 
2.34 2.38  ? ? ? 0.311 ? ? 1.100 8.20  ? 260 98.50  2  1 
2.38 2.43  ? ? ? 0.370 ? ? 0.863 9.30  ? 271 99.30  3  1 
2.43 2.48  ? ? ? 0.334 ? ? 0.957 10.30 ? 274 99.30  4  1 
2.48 2.53  ? ? ? 0.286 ? ? 1.029 11.80 ? 264 100.00 5  1 
2.53 2.59  ? ? ? 0.311 ? ? 0.937 12.50 ? 283 100.00 6  1 
2.59 2.66  ? ? ? 0.282 ? ? 1.025 13.30 ? 268 100.00 7  1 
2.66 2.73  ? ? ? 0.248 ? ? 1.151 13.50 ? 274 100.00 8  1 
2.73 2.81  ? ? ? 0.178 ? ? 1.092 14.00 ? 275 100.00 9  1 
2.81 2.90  ? ? ? 0.166 ? ? 1.209 13.70 ? 276 100.00 10 1 
2.90 3.00  ? ? ? 0.145 ? ? 1.243 14.00 ? 279 100.00 11 1 
3.00 3.12  ? ? ? 0.114 ? ? 1.330 13.70 ? 283 100.00 12 1 
3.12 3.26  ? ? ? 0.091 ? ? 1.388 13.90 ? 281 100.00 13 1 
3.26 3.44  ? ? ? 0.069 ? ? 1.355 13.80 ? 278 100.00 14 1 
3.44 3.65  ? ? ? 0.064 ? ? 1.642 13.80 ? 281 100.00 15 1 
3.65 3.93  ? ? ? 0.066 ? ? 2.292 13.20 ? 286 100.00 16 1 
3.93 4.33  ? ? ? 0.057 ? ? 2.570 13.00 ? 293 100.00 17 1 
4.33 4.95  ? ? ? 0.045 ? ? 2.147 13.10 ? 300 100.00 18 1 
4.95 6.24  ? ? ? 0.037 ? ? 1.298 12.90 ? 301 100.00 19 1 
6.24 50.00 ? ? ? 0.030 ? ? 1.379 11.20 ? 342 99.10  20 1 
# 
_refine.entry_id                                 3QII 
_refine.ls_d_res_high                            2.300 
_refine.ls_d_res_low                             30.000 
_refine.pdbx_ls_sigma_F                          0.00 
_refine.ls_percent_reflns_obs                    99.500 
_refine.ls_number_reflns_obs                     5533 
_refine.pdbx_ls_cross_valid_method               THROUGHOUT 
_refine.pdbx_R_Free_selection_details            RANDOM 
_refine.details                                  
;HYDROGENS HAVE BEEN ADDED IN THE RIDING POSITIONS. U VALUES WITH TLS ADDED. The programs buccaneer, arp/warp, coot and the ffas03 and molprobity servers were also used during refinement.
;
_refine.ls_R_factor_obs                          0.237 
_refine.ls_R_factor_R_work                       0.235 
_refine.ls_R_factor_R_free                       0.268 
_refine.ls_percent_reflns_R_free                 4.800 
_refine.ls_number_reflns_R_free                  266 
_refine.B_iso_mean                               38.075 
_refine.aniso_B[1][1]                            1.810 
_refine.aniso_B[2][2]                            1.810 
_refine.aniso_B[3][3]                            -3.620 
_refine.aniso_B[1][2]                            0.000 
_refine.aniso_B[1][3]                            0.000 
_refine.aniso_B[2][3]                            0.000 
_refine.correlation_coeff_Fo_to_Fc               0.934 
_refine.correlation_coeff_Fo_to_Fc_free          0.900 
_refine.pdbx_overall_ESU_R_Free                  0.179 
_refine.overall_SU_ML                            0.125 
_refine.overall_SU_B                             11.554 
_refine.solvent_model_details                    MASK 
_refine.pdbx_solvent_vdw_probe_radii             1.400 
_refine.pdbx_solvent_ion_probe_radii             0.800 
_refine.pdbx_solvent_shrinkage_radii             0.800 
_refine.pdbx_method_to_determine_struct          'MOLECULAR REPLACEMENT' 
_refine.pdbx_stereochemistry_target_values       'MAXIMUM LIKELIHOOD' 
_refine.pdbx_ls_sigma_I                          ? 
_refine.ls_number_reflns_all                     ? 
_refine.ls_R_factor_all                          ? 
_refine.ls_redundancy_reflns_obs                 ? 
_refine.pdbx_data_cutoff_high_absF               ? 
_refine.pdbx_data_cutoff_low_absF                ? 
_refine.ls_number_parameters                     ? 
_refine.ls_number_restraints                     ? 
_refine.ls_R_factor_R_free_error                 ? 
_refine.ls_R_factor_R_free_error_details         ? 
_refine.pdbx_starting_model                      'pdb entry 2o4x' 
_refine.pdbx_stereochem_target_val_spec_case     ? 
_refine.solvent_model_param_bsol                 ? 
_refine.solvent_model_param_ksol                 ? 
_refine.occupancy_max                            ? 
_refine.occupancy_min                            ? 
_refine.pdbx_isotropic_thermal_model             ? 
_refine.B_iso_min                                ? 
_refine.B_iso_max                                ? 
_refine.overall_SU_R_Cruickshank_DPI             ? 
_refine.overall_SU_R_free                        ? 
_refine.pdbx_data_cutoff_high_rms_absF           ? 
_refine.ls_wR_factor_R_free                      ? 
_refine.ls_wR_factor_R_work                      ? 
_refine.overall_FOM_free_R_set                   ? 
_refine.overall_FOM_work_R_set                   ? 
_refine.pdbx_overall_phase_error                 ? 
_refine.pdbx_refine_id                           'X-RAY DIFFRACTION' 
_refine.pdbx_overall_ESU_R                       ? 
_refine.pdbx_diffrn_id                           1 
_refine.pdbx_TLS_residual_ADP_flag               ? 
_refine.pdbx_overall_SU_R_free_Cruickshank_DPI   ? 
_refine.pdbx_overall_SU_R_Blow_DPI               ? 
_refine.pdbx_overall_SU_R_free_Blow_DPI          ? 
# 
_refine_hist.pdbx_refine_id                   'X-RAY DIFFRACTION' 
_refine_hist.cycle_id                         LAST 
_refine_hist.pdbx_number_atoms_protein        421 
_refine_hist.pdbx_number_atoms_nucleic_acid   0 
_refine_hist.pdbx_number_atoms_ligand         1 
_refine_hist.number_atoms_solvent             10 
_refine_hist.number_atoms_total               432 
_refine_hist.d_res_high                       2.300 
_refine_hist.d_res_low                        30.000 
# 
loop_
_refine_ls_restr.type 
_refine_ls_restr.number 
_refine_ls_restr.dev_ideal 
_refine_ls_restr.dev_ideal_target 
_refine_ls_restr.weight 
_refine_ls_restr.pdbx_refine_id 
_refine_ls_restr.pdbx_restraint_function 
r_bond_refined_d       432 0.016  0.022  ? 'X-RAY DIFFRACTION' ? 
r_bond_other_d         280 0.002  0.020  ? 'X-RAY DIFFRACTION' ? 
r_angle_refined_deg    586 1.361  1.898  ? 'X-RAY DIFFRACTION' ? 
r_angle_other_deg      682 0.833  3.000  ? 'X-RAY DIFFRACTION' ? 
r_dihedral_angle_1_deg 51  6.279  5.000  ? 'X-RAY DIFFRACTION' ? 
r_dihedral_angle_2_deg 21  35.817 24.286 ? 'X-RAY DIFFRACTION' ? 
r_dihedral_angle_3_deg 69  16.153 15.000 ? 'X-RAY DIFFRACTION' ? 
r_dihedral_angle_4_deg 1   3.564  15.000 ? 'X-RAY DIFFRACTION' ? 
r_chiral_restr         65  0.108  0.200  ? 'X-RAY DIFFRACTION' ? 
r_gen_planes_refined   477 0.007  0.020  ? 'X-RAY DIFFRACTION' ? 
r_gen_planes_other     95  0.001  0.020  ? 'X-RAY DIFFRACTION' ? 
r_mcbond_it            258 0.699  1.500  ? 'X-RAY DIFFRACTION' ? 
r_mcbond_other         104 0.174  1.500  ? 'X-RAY DIFFRACTION' ? 
r_mcangle_it           419 1.380  2.000  ? 'X-RAY DIFFRACTION' ? 
r_scbond_it            174 2.507  3.000  ? 'X-RAY DIFFRACTION' ? 
r_scangle_it           167 4.208  4.500  ? 'X-RAY DIFFRACTION' ? 
# 
_refine_ls_shell.d_res_high                       2.300 
_refine_ls_shell.d_res_low                        2.360 
_refine_ls_shell.pdbx_total_number_of_bins_used   20 
_refine_ls_shell.percent_reflns_obs               94.040 
_refine_ls_shell.number_reflns_R_work             339 
_refine_ls_shell.R_factor_all                     ? 
_refine_ls_shell.R_factor_R_work                  0.319 
_refine_ls_shell.R_factor_R_free                  0.405 
_refine_ls_shell.percent_reflns_R_free            ? 
_refine_ls_shell.number_reflns_R_free             24 
_refine_ls_shell.R_factor_R_free_error            ? 
_refine_ls_shell.number_reflns_all                363 
_refine_ls_shell.number_reflns_obs                ? 
_refine_ls_shell.redundancy_reflns_obs            ? 
_refine_ls_shell.pdbx_refine_id                   'X-RAY DIFFRACTION' 
# 
_struct.entry_id                  3QII 
_struct.title                     'Crystal structure of tudor domain 2 of human PHD finger protein 20' 
_struct.pdbx_model_details        ? 
_struct.pdbx_CASP_flag            ? 
_struct.pdbx_model_type_details   ? 
# 
_struct_keywords.entry_id        3QII 
_struct_keywords.text            
'tudor domain, phd finger, Structural Genomics, Structural Genomics Consortium, SGC, TRANSCRIPTION REGULATOR' 
_struct_keywords.pdbx_keywords   'TRANSCRIPTION REGULATOR' 
# 
loop_
_struct_asym.id 
_struct_asym.pdbx_blank_PDB_chainid_flag 
_struct_asym.pdbx_modified 
_struct_asym.entity_id 
_struct_asym.details 
A N N 1 ? 
B N N 2 ? 
C N N 3 ? 
# 
_struct_ref.id                         1 
_struct_ref.db_name                    UNP 
_struct_ref.db_code                    PHF20_HUMAN 
_struct_ref.pdbx_db_accession          Q9BVI0 
_struct_ref.entity_id                  1 
_struct_ref.pdbx_seq_one_letter_code   GSSEFQINEQVLACWSDCRFYPAKVTAVNKDGTYTVKFYDGVVQTVKHIHVKAFSKDQNIVGNARPKE 
_struct_ref.pdbx_align_begin           83 
_struct_ref.pdbx_db_isoform            ? 
# 
_struct_ref_seq.align_id                      1 
_struct_ref_seq.ref_id                        1 
_struct_ref_seq.pdbx_PDB_id_code              3QII 
_struct_ref_seq.pdbx_strand_id                A 
_struct_ref_seq.seq_align_beg                 18 
_struct_ref_seq.pdbx_seq_align_beg_ins_code   ? 
_struct_ref_seq.seq_align_end                 85 
_struct_ref_seq.pdbx_seq_align_end_ins_code   ? 
_struct_ref_seq.pdbx_db_accession             Q9BVI0 
_struct_ref_seq.db_align_beg                  83 
_struct_ref_seq.pdbx_db_align_beg_ins_code    ? 
_struct_ref_seq.db_align_end                  150 
_struct_ref_seq.pdbx_db_align_end_ins_code    ? 
_struct_ref_seq.pdbx_auth_seq_align_beg       83 
_struct_ref_seq.pdbx_auth_seq_align_end       150 
# 
loop_
_struct_ref_seq_dif.align_id 
_struct_ref_seq_dif.pdbx_pdb_id_code 
_struct_ref_seq_dif.mon_id 
_struct_ref_seq_dif.pdbx_pdb_strand_id 
_struct_ref_seq_dif.seq_num 
_struct_ref_seq_dif.pdbx_pdb_ins_code 
_struct_ref_seq_dif.pdbx_seq_db_name 
_struct_ref_seq_dif.pdbx_seq_db_accession_code 
_struct_ref_seq_dif.db_mon_id 
_struct_ref_seq_dif.pdbx_seq_db_seq_num 
_struct_ref_seq_dif.details 
_struct_ref_seq_dif.pdbx_auth_seq_num 
_struct_ref_seq_dif.pdbx_ordinal 
1 3QII MET A 1  ? UNP Q9BVI0 ? ? 'expression tag' 66 1  
1 3QII HIS A 2  ? UNP Q9BVI0 ? ? 'expression tag' 67 2  
1 3QII HIS A 3  ? UNP Q9BVI0 ? ? 'expression tag' 68 3  
1 3QII HIS A 4  ? UNP Q9BVI0 ? ? 'expression tag' 69 4  
1 3QII HIS A 5  ? UNP Q9BVI0 ? ? 'expression tag' 70 5  
1 3QII HIS A 6  ? UNP Q9BVI0 ? ? 'expression tag' 71 6  
1 3QII HIS A 7  ? UNP Q9BVI0 ? ? 'expression tag' 72 7  
1 3QII SER A 8  ? UNP Q9BVI0 ? ? 'expression tag' 73 8  
1 3QII SER A 9  ? UNP Q9BVI0 ? ? 'expression tag' 74 9  
1 3QII ARG A 10 ? UNP Q9BVI0 ? ? 'expression tag' 75 10 
1 3QII GLU A 11 ? UNP Q9BVI0 ? ? 'expression tag' 76 11 
1 3QII ASN A 12 ? UNP Q9BVI0 ? ? 'expression tag' 77 12 
1 3QII LEU A 13 ? UNP Q9BVI0 ? ? 'expression tag' 78 13 
1 3QII TYR A 14 ? UNP Q9BVI0 ? ? 'expression tag' 79 14 
1 3QII PHE A 15 ? UNP Q9BVI0 ? ? 'expression tag' 80 15 
1 3QII GLN A 16 ? UNP Q9BVI0 ? ? 'expression tag' 81 16 
1 3QII GLY A 17 ? UNP Q9BVI0 ? ? 'expression tag' 82 17 
# 
_pdbx_struct_assembly.id                   1 
_pdbx_struct_assembly.details              software_defined_assembly 
_pdbx_struct_assembly.method_details       PISA 
_pdbx_struct_assembly.oligomeric_details   dimeric 
_pdbx_struct_assembly.oligomeric_count     2 
# 
loop_
_pdbx_struct_assembly_prop.biol_id 
_pdbx_struct_assembly_prop.type 
_pdbx_struct_assembly_prop.value 
_pdbx_struct_assembly_prop.details 
1 'ABSA (A^2)' 690  ? 
1 MORE         -10  ? 
1 'SSA (A^2)'  6820 ? 
# 
_pdbx_struct_assembly_gen.assembly_id       1 
_pdbx_struct_assembly_gen.oper_expression   1,2 
_pdbx_struct_assembly_gen.asym_id_list      A,B,C 
# 
loop_
_pdbx_struct_oper_list.id 
_pdbx_struct_oper_list.type 
_pdbx_struct_oper_list.name 
_pdbx_struct_oper_list.symmetry_operation 
_pdbx_struct_oper_list.matrix[1][1] 
_pdbx_struct_oper_list.matrix[1][2] 
_pdbx_struct_oper_list.matrix[1][3] 
_pdbx_struct_oper_list.vector[1] 
_pdbx_struct_oper_list.matrix[2][1] 
_pdbx_struct_oper_list.matrix[2][2] 
_pdbx_struct_oper_list.matrix[2][3] 
_pdbx_struct_oper_list.vector[2] 
_pdbx_struct_oper_list.matrix[3][1] 
_pdbx_struct_oper_list.matrix[3][2] 
_pdbx_struct_oper_list.matrix[3][3] 
_pdbx_struct_oper_list.vector[3] 
1 'identity operation'         1_555 x,y,z      1.0000000000  0.0000000000  0.0000000000 0.0000000000 0.0000000000  1.0000000000  0.0000000000  0.0000000000   0.0000000000 0.0000000000  1.0000000000  0.0000000000   
2 'crystal symmetry operation' 7_465 y-1,x+1,-z -0.3218660689 -0.5238058390 0.7886885803 4.8098780877 -0.5238058390 -0.5954006364 -0.6092007265 -16.8554151527 0.7886885803 -0.6092007265 -0.0827332947 -15.3301400738 
# 
_struct_biol.id        1 
_struct_biol.details   'AUTHORS STATE THAT THE BIOLOGICAL MOLECULE IS UNKNOWN.' 
# 
_struct_conn.id                            disulf1 
_struct_conn.conn_type_id                  disulf 
_struct_conn.pdbx_leaving_atom_flag        ? 
_struct_conn.pdbx_PDB_id                   ? 
_struct_conn.ptnr1_label_asym_id           A 
_struct_conn.ptnr1_label_comp_id           CYS 
_struct_conn.ptnr1_label_seq_id            31 
_struct_conn.ptnr1_label_atom_id           SG 
_struct_conn.pdbx_ptnr1_label_alt_id       ? 
_struct_conn.pdbx_ptnr1_PDB_ins_code       ? 
_struct_conn.pdbx_ptnr1_standard_comp_id   ? 
_struct_conn.ptnr1_symmetry                1_555 
_struct_conn.ptnr2_label_asym_id           A 
_struct_conn.ptnr2_label_comp_id           CYS 
_struct_conn.ptnr2_label_seq_id            35 
_struct_conn.ptnr2_label_atom_id           SG 
_struct_conn.pdbx_ptnr2_label_alt_id       ? 
_struct_conn.pdbx_ptnr2_PDB_ins_code       ? 
_struct_conn.ptnr1_auth_asym_id            A 
_struct_conn.ptnr1_auth_comp_id            CYS 
_struct_conn.ptnr1_auth_seq_id             96 
_struct_conn.ptnr2_auth_asym_id            A 
_struct_conn.ptnr2_auth_comp_id            CYS 
_struct_conn.ptnr2_auth_seq_id             100 
_struct_conn.ptnr2_symmetry                7_465 
_struct_conn.pdbx_ptnr3_label_atom_id      ? 
_struct_conn.pdbx_ptnr3_label_seq_id       ? 
_struct_conn.pdbx_ptnr3_label_comp_id      ? 
_struct_conn.pdbx_ptnr3_label_asym_id      ? 
_struct_conn.pdbx_ptnr3_label_alt_id       ? 
_struct_conn.pdbx_ptnr3_PDB_ins_code       ? 
_struct_conn.details                       ? 
_struct_conn.pdbx_dist_value               2.150 
_struct_conn.pdbx_value_order              ? 
_struct_conn.pdbx_role                     ? 
# 
_struct_conn_type.id          disulf 
_struct_conn_type.criteria    ? 
_struct_conn_type.reference   ? 
# 
_pdbx_modification_feature.ordinal                            1 
_pdbx_modification_feature.label_comp_id                      CYS 
_pdbx_modification_feature.label_asym_id                      A 
_pdbx_modification_feature.label_seq_id                       31 
_pdbx_modification_feature.label_alt_id                       ? 
_pdbx_modification_feature.modified_residue_label_comp_id     CYS 
_pdbx_modification_feature.modified_residue_label_asym_id     A 
_pdbx_modification_feature.modified_residue_label_seq_id      35 
_pdbx_modification_feature.modified_residue_label_alt_id      ? 
_pdbx_modification_feature.auth_comp_id                       CYS 
_pdbx_modification_feature.auth_asym_id                       A 
_pdbx_modification_feature.auth_seq_id                        96 
_pdbx_modification_feature.PDB_ins_code                       ? 
_pdbx_modification_feature.symmetry                           1_555 
_pdbx_modification_feature.modified_residue_auth_comp_id      CYS 
_pdbx_modification_feature.modified_residue_auth_asym_id      A 
_pdbx_modification_feature.modified_residue_auth_seq_id       100 
_pdbx_modification_feature.modified_residue_PDB_ins_code      ? 
_pdbx_modification_feature.modified_residue_symmetry          7_465 
_pdbx_modification_feature.comp_id_linking_atom               SG 
_pdbx_modification_feature.modified_residue_id_linking_atom   SG 
_pdbx_modification_feature.modified_residue_id                . 
_pdbx_modification_feature.ref_pcm_id                         . 
_pdbx_modification_feature.ref_comp_id                        . 
_pdbx_modification_feature.type                               None 
_pdbx_modification_feature.category                           'Disulfide bridge' 
# 
_struct_sheet.id               A 
_struct_sheet.type             ? 
_struct_sheet.number_strands   5 
_struct_sheet.details          ? 
# 
loop_
_struct_sheet_order.sheet_id 
_struct_sheet_order.range_id_1 
_struct_sheet_order.range_id_2 
_struct_sheet_order.offset 
_struct_sheet_order.sense 
A 1 2 ? anti-parallel 
A 2 3 ? anti-parallel 
A 3 4 ? anti-parallel 
A 4 5 ? anti-parallel 
# 
loop_
_struct_sheet_range.sheet_id 
_struct_sheet_range.id 
_struct_sheet_range.beg_label_comp_id 
_struct_sheet_range.beg_label_asym_id 
_struct_sheet_range.beg_label_seq_id 
_struct_sheet_range.pdbx_beg_PDB_ins_code 
_struct_sheet_range.end_label_comp_id 
_struct_sheet_range.end_label_asym_id 
_struct_sheet_range.end_label_seq_id 
_struct_sheet_range.pdbx_end_PDB_ins_code 
_struct_sheet_range.beg_auth_comp_id 
_struct_sheet_range.beg_auth_asym_id 
_struct_sheet_range.beg_auth_seq_id 
_struct_sheet_range.end_auth_comp_id 
_struct_sheet_range.end_auth_asym_id 
_struct_sheet_range.end_auth_seq_id 
A 1 VAL A 60 ? LYS A 64 ? VAL A 125 LYS A 129 
A 2 THR A 50 ? PHE A 55 ? THR A 115 PHE A 120 
A 3 PHE A 37 ? VAL A 45 ? PHE A 102 VAL A 110 
A 4 GLN A 27 ? CYS A 31 ? GLN A 92  CYS A 96  
A 5 VAL A 68 ? ALA A 70 ? VAL A 133 ALA A 135 
# 
loop_
_pdbx_struct_sheet_hbond.sheet_id 
_pdbx_struct_sheet_hbond.range_id_1 
_pdbx_struct_sheet_hbond.range_id_2 
_pdbx_struct_sheet_hbond.range_1_label_atom_id 
_pdbx_struct_sheet_hbond.range_1_label_comp_id 
_pdbx_struct_sheet_hbond.range_1_label_asym_id 
_pdbx_struct_sheet_hbond.range_1_label_seq_id 
_pdbx_struct_sheet_hbond.range_1_PDB_ins_code 
_pdbx_struct_sheet_hbond.range_1_auth_atom_id 
_pdbx_struct_sheet_hbond.range_1_auth_comp_id 
_pdbx_struct_sheet_hbond.range_1_auth_asym_id 
_pdbx_struct_sheet_hbond.range_1_auth_seq_id 
_pdbx_struct_sheet_hbond.range_2_label_atom_id 
_pdbx_struct_sheet_hbond.range_2_label_comp_id 
_pdbx_struct_sheet_hbond.range_2_label_asym_id 
_pdbx_struct_sheet_hbond.range_2_label_seq_id 
_pdbx_struct_sheet_hbond.range_2_PDB_ins_code 
_pdbx_struct_sheet_hbond.range_2_auth_atom_id 
_pdbx_struct_sheet_hbond.range_2_auth_comp_id 
_pdbx_struct_sheet_hbond.range_2_auth_asym_id 
_pdbx_struct_sheet_hbond.range_2_auth_seq_id 
A 1 2 O VAL A 63 ? O VAL A 128 N TYR A 51 ? N TYR A 116 
A 2 3 O THR A 52 ? O THR A 117 N THR A 43 ? N THR A 108 
A 3 4 O ALA A 40 ? O ALA A 105 N VAL A 28 ? N VAL A 93  
A 4 5 N LEU A 29 ? N LEU A 94  O LYS A 69 ? O LYS A 134 
# 
_pdbx_entry_details.entry_id                   3QII 
_pdbx_entry_details.compound_details           ? 
_pdbx_entry_details.source_details             ? 
_pdbx_entry_details.nonpolymer_details         ? 
_pdbx_entry_details.sequence_details           ? 
_pdbx_entry_details.has_ligand_of_interest     ? 
_pdbx_entry_details.has_protein_modification   Y 
# 
_pdbx_SG_project.id                    1 
_pdbx_SG_project.project_name          ? 
_pdbx_SG_project.full_name_of_center   'Structural Genomics Consortium' 
_pdbx_SG_project.initial_of_center     SGC 
# 
_pdbx_refine_tls.id               1 
_pdbx_refine_tls.details          ? 
_pdbx_refine_tls.method           refined 
_pdbx_refine_tls.origin_x         -0.4555 
_pdbx_refine_tls.origin_y         -0.2161 
_pdbx_refine_tls.origin_z         -0.5076 
_pdbx_refine_tls.T[1][1]          0.2135 
_pdbx_refine_tls.T[2][2]          0.1782 
_pdbx_refine_tls.T[3][3]          0.3088 
_pdbx_refine_tls.T[1][2]          -0.0514 
_pdbx_refine_tls.T[1][3]          0.0282 
_pdbx_refine_tls.T[2][3]          -0.0009 
_pdbx_refine_tls.L[1][1]          6.7814 
_pdbx_refine_tls.L[2][2]          2.6421 
_pdbx_refine_tls.L[3][3]          3.6052 
_pdbx_refine_tls.L[1][2]          1.7316 
_pdbx_refine_tls.L[1][3]          1.1463 
_pdbx_refine_tls.L[2][3]          0.5456 
_pdbx_refine_tls.S[1][1]          0.1369 
_pdbx_refine_tls.S[2][2]          -0.0270 
_pdbx_refine_tls.S[3][3]          -0.1100 
_pdbx_refine_tls.S[1][2]          -0.2983 
_pdbx_refine_tls.S[1][3]          0.6134 
_pdbx_refine_tls.S[2][3]          0.2532 
_pdbx_refine_tls.S[2][1]          0.0471 
_pdbx_refine_tls.S[3][1]          -0.4216 
_pdbx_refine_tls.S[3][2]          -0.1424 
_pdbx_refine_tls.pdbx_refine_id   'X-RAY DIFFRACTION' 
# 
_pdbx_refine_tls_group.id                  1 
_pdbx_refine_tls_group.refine_tls_id       1 
_pdbx_refine_tls_group.beg_auth_asym_id    A 
_pdbx_refine_tls_group.beg_auth_seq_id     -10 
_pdbx_refine_tls_group.end_auth_asym_id    A 
_pdbx_refine_tls_group.end_auth_seq_id     9999 
_pdbx_refine_tls_group.selection           ? 
_pdbx_refine_tls_group.beg_label_asym_id   . 
_pdbx_refine_tls_group.beg_label_seq_id    . 
_pdbx_refine_tls_group.end_label_asym_id   . 
_pdbx_refine_tls_group.end_label_seq_id    . 
_pdbx_refine_tls_group.pdbx_refine_id      'X-RAY DIFFRACTION' 
_pdbx_refine_tls_group.selection_details   ? 
# 
_phasing.method   MR 
# 
loop_
_pdbx_unobs_or_zero_occ_residues.id 
_pdbx_unobs_or_zero_occ_residues.PDB_model_num 
_pdbx_unobs_or_zero_occ_residues.polymer_flag 
_pdbx_unobs_or_zero_occ_residues.occupancy_flag 
_pdbx_unobs_or_zero_occ_residues.auth_asym_id 
_pdbx_unobs_or_zero_occ_residues.auth_comp_id 
_pdbx_unobs_or_zero_occ_residues.auth_seq_id 
_pdbx_unobs_or_zero_occ_residues.PDB_ins_code 
_pdbx_unobs_or_zero_occ_residues.label_asym_id 
_pdbx_unobs_or_zero_occ_residues.label_comp_id 
_pdbx_unobs_or_zero_occ_residues.label_seq_id 
1  1 Y 1 A MET 66  ? A MET 1  
2  1 Y 1 A HIS 67  ? A HIS 2  
3  1 Y 1 A HIS 68  ? A HIS 3  
4  1 Y 1 A HIS 69  ? A HIS 4  
5  1 Y 1 A HIS 70  ? A HIS 5  
6  1 Y 1 A HIS 71  ? A HIS 6  
7  1 Y 1 A HIS 72  ? A HIS 7  
8  1 Y 1 A SER 73  ? A SER 8  
9  1 Y 1 A SER 74  ? A SER 9  
10 1 Y 1 A ARG 75  ? A ARG 10 
11 1 Y 1 A GLU 76  ? A GLU 11 
12 1 Y 1 A ASN 77  ? A ASN 12 
13 1 Y 1 A LEU 78  ? A LEU 13 
14 1 Y 1 A TYR 79  ? A TYR 14 
15 1 Y 1 A PHE 80  ? A PHE 15 
16 1 Y 1 A GLN 81  ? A GLN 16 
17 1 Y 1 A GLY 82  ? A GLY 17 
18 1 Y 1 A GLY 83  ? A GLY 18 
19 1 Y 1 A SER 84  ? A SER 19 
20 1 Y 1 A SER 85  ? A SER 20 
21 1 Y 1 A LYS 138 ? A LYS 73 
22 1 Y 1 A ASP 139 ? A ASP 74 
23 1 Y 1 A GLN 140 ? A GLN 75 
24 1 Y 1 A ASN 141 ? A ASN 76 
25 1 Y 1 A ILE 142 ? A ILE 77 
26 1 Y 1 A VAL 143 ? A VAL 78 
27 1 Y 1 A GLY 144 ? A GLY 79 
28 1 Y 1 A ASN 145 ? A ASN 80 
29 1 Y 1 A ALA 146 ? A ALA 81 
30 1 Y 1 A ARG 147 ? A ARG 82 
31 1 Y 1 A PRO 148 ? A PRO 83 
32 1 Y 1 A LYS 149 ? A LYS 84 
33 1 Y 1 A GLU 150 ? A GLU 85 
# 
loop_
_chem_comp_atom.comp_id 
_chem_comp_atom.atom_id 
_chem_comp_atom.type_symbol 
_chem_comp_atom.pdbx_aromatic_flag 
_chem_comp_atom.pdbx_stereo_config 
_chem_comp_atom.pdbx_ordinal 
ALA N    N N N 1   
ALA CA   C N S 2   
ALA C    C N N 3   
ALA O    O N N 4   
ALA CB   C N N 5   
ALA OXT  O N N 6   
ALA H    H N N 7   
ALA H2   H N N 8   
ALA HA   H N N 9   
ALA HB1  H N N 10  
ALA HB2  H N N 11  
ALA HB3  H N N 12  
ALA HXT  H N N 13  
ARG N    N N N 14  
ARG CA   C N S 15  
ARG C    C N N 16  
ARG O    O N N 17  
ARG CB   C N N 18  
ARG CG   C N N 19  
ARG CD   C N N 20  
ARG NE   N N N 21  
ARG CZ   C N N 22  
ARG NH1  N N N 23  
ARG NH2  N N N 24  
ARG OXT  O N N 25  
ARG H    H N N 26  
ARG H2   H N N 27  
ARG HA   H N N 28  
ARG HB2  H N N 29  
ARG HB3  H N N 30  
ARG HG2  H N N 31  
ARG HG3  H N N 32  
ARG HD2  H N N 33  
ARG HD3  H N N 34  
ARG HE   H N N 35  
ARG HH11 H N N 36  
ARG HH12 H N N 37  
ARG HH21 H N N 38  
ARG HH22 H N N 39  
ARG HXT  H N N 40  
ASN N    N N N 41  
ASN CA   C N S 42  
ASN C    C N N 43  
ASN O    O N N 44  
ASN CB   C N N 45  
ASN CG   C N N 46  
ASN OD1  O N N 47  
ASN ND2  N N N 48  
ASN OXT  O N N 49  
ASN H    H N N 50  
ASN H2   H N N 51  
ASN HA   H N N 52  
ASN HB2  H N N 53  
ASN HB3  H N N 54  
ASN HD21 H N N 55  
ASN HD22 H N N 56  
ASN HXT  H N N 57  
ASP N    N N N 58  
ASP CA   C N S 59  
ASP C    C N N 60  
ASP O    O N N 61  
ASP CB   C N N 62  
ASP CG   C N N 63  
ASP OD1  O N N 64  
ASP OD2  O N N 65  
ASP OXT  O N N 66  
ASP H    H N N 67  
ASP H2   H N N 68  
ASP HA   H N N 69  
ASP HB2  H N N 70  
ASP HB3  H N N 71  
ASP HD2  H N N 72  
ASP HXT  H N N 73  
CYS N    N N N 74  
CYS CA   C N R 75  
CYS C    C N N 76  
CYS O    O N N 77  
CYS CB   C N N 78  
CYS SG   S N N 79  
CYS OXT  O N N 80  
CYS H    H N N 81  
CYS H2   H N N 82  
CYS HA   H N N 83  
CYS HB2  H N N 84  
CYS HB3  H N N 85  
CYS HG   H N N 86  
CYS HXT  H N N 87  
GLN N    N N N 88  
GLN CA   C N S 89  
GLN C    C N N 90  
GLN O    O N N 91  
GLN CB   C N N 92  
GLN CG   C N N 93  
GLN CD   C N N 94  
GLN OE1  O N N 95  
GLN NE2  N N N 96  
GLN OXT  O N N 97  
GLN H    H N N 98  
GLN H2   H N N 99  
GLN HA   H N N 100 
GLN HB2  H N N 101 
GLN HB3  H N N 102 
GLN HG2  H N N 103 
GLN HG3  H N N 104 
GLN HE21 H N N 105 
GLN HE22 H N N 106 
GLN HXT  H N N 107 
GLU N    N N N 108 
GLU CA   C N S 109 
GLU C    C N N 110 
GLU O    O N N 111 
GLU CB   C N N 112 
GLU CG   C N N 113 
GLU CD   C N N 114 
GLU OE1  O N N 115 
GLU OE2  O N N 116 
GLU OXT  O N N 117 
GLU H    H N N 118 
GLU H2   H N N 119 
GLU HA   H N N 120 
GLU HB2  H N N 121 
GLU HB3  H N N 122 
GLU HG2  H N N 123 
GLU HG3  H N N 124 
GLU HE2  H N N 125 
GLU HXT  H N N 126 
GLY N    N N N 127 
GLY CA   C N N 128 
GLY C    C N N 129 
GLY O    O N N 130 
GLY OXT  O N N 131 
GLY H    H N N 132 
GLY H2   H N N 133 
GLY HA2  H N N 134 
GLY HA3  H N N 135 
GLY HXT  H N N 136 
HIS N    N N N 137 
HIS CA   C N S 138 
HIS C    C N N 139 
HIS O    O N N 140 
HIS CB   C N N 141 
HIS CG   C Y N 142 
HIS ND1  N Y N 143 
HIS CD2  C Y N 144 
HIS CE1  C Y N 145 
HIS NE2  N Y N 146 
HIS OXT  O N N 147 
HIS H    H N N 148 
HIS H2   H N N 149 
HIS HA   H N N 150 
HIS HB2  H N N 151 
HIS HB3  H N N 152 
HIS HD1  H N N 153 
HIS HD2  H N N 154 
HIS HE1  H N N 155 
HIS HE2  H N N 156 
HIS HXT  H N N 157 
HOH O    O N N 158 
HOH H1   H N N 159 
HOH H2   H N N 160 
ILE N    N N N 161 
ILE CA   C N S 162 
ILE C    C N N 163 
ILE O    O N N 164 
ILE CB   C N S 165 
ILE CG1  C N N 166 
ILE CG2  C N N 167 
ILE CD1  C N N 168 
ILE OXT  O N N 169 
ILE H    H N N 170 
ILE H2   H N N 171 
ILE HA   H N N 172 
ILE HB   H N N 173 
ILE HG12 H N N 174 
ILE HG13 H N N 175 
ILE HG21 H N N 176 
ILE HG22 H N N 177 
ILE HG23 H N N 178 
ILE HD11 H N N 179 
ILE HD12 H N N 180 
ILE HD13 H N N 181 
ILE HXT  H N N 182 
LEU N    N N N 183 
LEU CA   C N S 184 
LEU C    C N N 185 
LEU O    O N N 186 
LEU CB   C N N 187 
LEU CG   C N N 188 
LEU CD1  C N N 189 
LEU CD2  C N N 190 
LEU OXT  O N N 191 
LEU H    H N N 192 
LEU H2   H N N 193 
LEU HA   H N N 194 
LEU HB2  H N N 195 
LEU HB3  H N N 196 
LEU HG   H N N 197 
LEU HD11 H N N 198 
LEU HD12 H N N 199 
LEU HD13 H N N 200 
LEU HD21 H N N 201 
LEU HD22 H N N 202 
LEU HD23 H N N 203 
LEU HXT  H N N 204 
LYS N    N N N 205 
LYS CA   C N S 206 
LYS C    C N N 207 
LYS O    O N N 208 
LYS CB   C N N 209 
LYS CG   C N N 210 
LYS CD   C N N 211 
LYS CE   C N N 212 
LYS NZ   N N N 213 
LYS OXT  O N N 214 
LYS H    H N N 215 
LYS H2   H N N 216 
LYS HA   H N N 217 
LYS HB2  H N N 218 
LYS HB3  H N N 219 
LYS HG2  H N N 220 
LYS HG3  H N N 221 
LYS HD2  H N N 222 
LYS HD3  H N N 223 
LYS HE2  H N N 224 
LYS HE3  H N N 225 
LYS HZ1  H N N 226 
LYS HZ2  H N N 227 
LYS HZ3  H N N 228 
LYS HXT  H N N 229 
MET N    N N N 230 
MET CA   C N S 231 
MET C    C N N 232 
MET O    O N N 233 
MET CB   C N N 234 
MET CG   C N N 235 
MET SD   S N N 236 
MET CE   C N N 237 
MET OXT  O N N 238 
MET H    H N N 239 
MET H2   H N N 240 
MET HA   H N N 241 
MET HB2  H N N 242 
MET HB3  H N N 243 
MET HG2  H N N 244 
MET HG3  H N N 245 
MET HE1  H N N 246 
MET HE2  H N N 247 
MET HE3  H N N 248 
MET HXT  H N N 249 
PHE N    N N N 250 
PHE CA   C N S 251 
PHE C    C N N 252 
PHE O    O N N 253 
PHE CB   C N N 254 
PHE CG   C Y N 255 
PHE CD1  C Y N 256 
PHE CD2  C Y N 257 
PHE CE1  C Y N 258 
PHE CE2  C Y N 259 
PHE CZ   C Y N 260 
PHE OXT  O N N 261 
PHE H    H N N 262 
PHE H2   H N N 263 
PHE HA   H N N 264 
PHE HB2  H N N 265 
PHE HB3  H N N 266 
PHE HD1  H N N 267 
PHE HD2  H N N 268 
PHE HE1  H N N 269 
PHE HE2  H N N 270 
PHE HZ   H N N 271 
PHE HXT  H N N 272 
PRO N    N N N 273 
PRO CA   C N S 274 
PRO C    C N N 275 
PRO O    O N N 276 
PRO CB   C N N 277 
PRO CG   C N N 278 
PRO CD   C N N 279 
PRO OXT  O N N 280 
PRO H    H N N 281 
PRO HA   H N N 282 
PRO HB2  H N N 283 
PRO HB3  H N N 284 
PRO HG2  H N N 285 
PRO HG3  H N N 286 
PRO HD2  H N N 287 
PRO HD3  H N N 288 
PRO HXT  H N N 289 
SER N    N N N 290 
SER CA   C N S 291 
SER C    C N N 292 
SER O    O N N 293 
SER CB   C N N 294 
SER OG   O N N 295 
SER OXT  O N N 296 
SER H    H N N 297 
SER H2   H N N 298 
SER HA   H N N 299 
SER HB2  H N N 300 
SER HB3  H N N 301 
SER HG   H N N 302 
SER HXT  H N N 303 
THR N    N N N 304 
THR CA   C N S 305 
THR C    C N N 306 
THR O    O N N 307 
THR CB   C N R 308 
THR OG1  O N N 309 
THR CG2  C N N 310 
THR OXT  O N N 311 
THR H    H N N 312 
THR H2   H N N 313 
THR HA   H N N 314 
THR HB   H N N 315 
THR HG1  H N N 316 
THR HG21 H N N 317 
THR HG22 H N N 318 
THR HG23 H N N 319 
THR HXT  H N N 320 
TRP N    N N N 321 
TRP CA   C N S 322 
TRP C    C N N 323 
TRP O    O N N 324 
TRP CB   C N N 325 
TRP CG   C Y N 326 
TRP CD1  C Y N 327 
TRP CD2  C Y N 328 
TRP NE1  N Y N 329 
TRP CE2  C Y N 330 
TRP CE3  C Y N 331 
TRP CZ2  C Y N 332 
TRP CZ3  C Y N 333 
TRP CH2  C Y N 334 
TRP OXT  O N N 335 
TRP H    H N N 336 
TRP H2   H N N 337 
TRP HA   H N N 338 
TRP HB2  H N N 339 
TRP HB3  H N N 340 
TRP HD1  H N N 341 
TRP HE1  H N N 342 
TRP HE3  H N N 343 
TRP HZ2  H N N 344 
TRP HZ3  H N N 345 
TRP HH2  H N N 346 
TRP HXT  H N N 347 
TYR N    N N N 348 
TYR CA   C N S 349 
TYR C    C N N 350 
TYR O    O N N 351 
TYR CB   C N N 352 
TYR CG   C Y N 353 
TYR CD1  C Y N 354 
TYR CD2  C Y N 355 
TYR CE1  C Y N 356 
TYR CE2  C Y N 357 
TYR CZ   C Y N 358 
TYR OH   O N N 359 
TYR OXT  O N N 360 
TYR H    H N N 361 
TYR H2   H N N 362 
TYR HA   H N N 363 
TYR HB2  H N N 364 
TYR HB3  H N N 365 
TYR HD1  H N N 366 
TYR HD2  H N N 367 
TYR HE1  H N N 368 
TYR HE2  H N N 369 
TYR HH   H N N 370 
TYR HXT  H N N 371 
VAL N    N N N 372 
VAL CA   C N S 373 
VAL C    C N N 374 
VAL O    O N N 375 
VAL CB   C N N 376 
VAL CG1  C N N 377 
VAL CG2  C N N 378 
VAL OXT  O N N 379 
VAL H    H N N 380 
VAL H2   H N N 381 
VAL HA   H N N 382 
VAL HB   H N N 383 
VAL HG11 H N N 384 
VAL HG12 H N N 385 
VAL HG13 H N N 386 
VAL HG21 H N N 387 
VAL HG22 H N N 388 
VAL HG23 H N N 389 
VAL HXT  H N N 390 
# 
loop_
_chem_comp_bond.comp_id 
_chem_comp_bond.atom_id_1 
_chem_comp_bond.atom_id_2 
_chem_comp_bond.value_order 
_chem_comp_bond.pdbx_aromatic_flag 
_chem_comp_bond.pdbx_stereo_config 
_chem_comp_bond.pdbx_ordinal 
ALA N   CA   sing N N 1   
ALA N   H    sing N N 2   
ALA N   H2   sing N N 3   
ALA CA  C    sing N N 4   
ALA CA  CB   sing N N 5   
ALA CA  HA   sing N N 6   
ALA C   O    doub N N 7   
ALA C   OXT  sing N N 8   
ALA CB  HB1  sing N N 9   
ALA CB  HB2  sing N N 10  
ALA CB  HB3  sing N N 11  
ALA OXT HXT  sing N N 12  
ARG N   CA   sing N N 13  
ARG N   H    sing N N 14  
ARG N   H2   sing N N 15  
ARG CA  C    sing N N 16  
ARG CA  CB   sing N N 17  
ARG CA  HA   sing N N 18  
ARG C   O    doub N N 19  
ARG C   OXT  sing N N 20  
ARG CB  CG   sing N N 21  
ARG CB  HB2  sing N N 22  
ARG CB  HB3  sing N N 23  
ARG CG  CD   sing N N 24  
ARG CG  HG2  sing N N 25  
ARG CG  HG3  sing N N 26  
ARG CD  NE   sing N N 27  
ARG CD  HD2  sing N N 28  
ARG CD  HD3  sing N N 29  
ARG NE  CZ   sing N N 30  
ARG NE  HE   sing N N 31  
ARG CZ  NH1  sing N N 32  
ARG CZ  NH2  doub N N 33  
ARG NH1 HH11 sing N N 34  
ARG NH1 HH12 sing N N 35  
ARG NH2 HH21 sing N N 36  
ARG NH2 HH22 sing N N 37  
ARG OXT HXT  sing N N 38  
ASN N   CA   sing N N 39  
ASN N   H    sing N N 40  
ASN N   H2   sing N N 41  
ASN CA  C    sing N N 42  
ASN CA  CB   sing N N 43  
ASN CA  HA   sing N N 44  
ASN C   O    doub N N 45  
ASN C   OXT  sing N N 46  
ASN CB  CG   sing N N 47  
ASN CB  HB2  sing N N 48  
ASN CB  HB3  sing N N 49  
ASN CG  OD1  doub N N 50  
ASN CG  ND2  sing N N 51  
ASN ND2 HD21 sing N N 52  
ASN ND2 HD22 sing N N 53  
ASN OXT HXT  sing N N 54  
ASP N   CA   sing N N 55  
ASP N   H    sing N N 56  
ASP N   H2   sing N N 57  
ASP CA  C    sing N N 58  
ASP CA  CB   sing N N 59  
ASP CA  HA   sing N N 60  
ASP C   O    doub N N 61  
ASP C   OXT  sing N N 62  
ASP CB  CG   sing N N 63  
ASP CB  HB2  sing N N 64  
ASP CB  HB3  sing N N 65  
ASP CG  OD1  doub N N 66  
ASP CG  OD2  sing N N 67  
ASP OD2 HD2  sing N N 68  
ASP OXT HXT  sing N N 69  
CYS N   CA   sing N N 70  
CYS N   H    sing N N 71  
CYS N   H2   sing N N 72  
CYS CA  C    sing N N 73  
CYS CA  CB   sing N N 74  
CYS CA  HA   sing N N 75  
CYS C   O    doub N N 76  
CYS C   OXT  sing N N 77  
CYS CB  SG   sing N N 78  
CYS CB  HB2  sing N N 79  
CYS CB  HB3  sing N N 80  
CYS SG  HG   sing N N 81  
CYS OXT HXT  sing N N 82  
GLN N   CA   sing N N 83  
GLN N   H    sing N N 84  
GLN N   H2   sing N N 85  
GLN CA  C    sing N N 86  
GLN CA  CB   sing N N 87  
GLN CA  HA   sing N N 88  
GLN C   O    doub N N 89  
GLN C   OXT  sing N N 90  
GLN CB  CG   sing N N 91  
GLN CB  HB2  sing N N 92  
GLN CB  HB3  sing N N 93  
GLN CG  CD   sing N N 94  
GLN CG  HG2  sing N N 95  
GLN CG  HG3  sing N N 96  
GLN CD  OE1  doub N N 97  
GLN CD  NE2  sing N N 98  
GLN NE2 HE21 sing N N 99  
GLN NE2 HE22 sing N N 100 
GLN OXT HXT  sing N N 101 
GLU N   CA   sing N N 102 
GLU N   H    sing N N 103 
GLU N   H2   sing N N 104 
GLU CA  C    sing N N 105 
GLU CA  CB   sing N N 106 
GLU CA  HA   sing N N 107 
GLU C   O    doub N N 108 
GLU C   OXT  sing N N 109 
GLU CB  CG   sing N N 110 
GLU CB  HB2  sing N N 111 
GLU CB  HB3  sing N N 112 
GLU CG  CD   sing N N 113 
GLU CG  HG2  sing N N 114 
GLU CG  HG3  sing N N 115 
GLU CD  OE1  doub N N 116 
GLU CD  OE2  sing N N 117 
GLU OE2 HE2  sing N N 118 
GLU OXT HXT  sing N N 119 
GLY N   CA   sing N N 120 
GLY N   H    sing N N 121 
GLY N   H2   sing N N 122 
GLY CA  C    sing N N 123 
GLY CA  HA2  sing N N 124 
GLY CA  HA3  sing N N 125 
GLY C   O    doub N N 126 
GLY C   OXT  sing N N 127 
GLY OXT HXT  sing N N 128 
HIS N   CA   sing N N 129 
HIS N   H    sing N N 130 
HIS N   H2   sing N N 131 
HIS CA  C    sing N N 132 
HIS CA  CB   sing N N 133 
HIS CA  HA   sing N N 134 
HIS C   O    doub N N 135 
HIS C   OXT  sing N N 136 
HIS CB  CG   sing N N 137 
HIS CB  HB2  sing N N 138 
HIS CB  HB3  sing N N 139 
HIS CG  ND1  sing Y N 140 
HIS CG  CD2  doub Y N 141 
HIS ND1 CE1  doub Y N 142 
HIS ND1 HD1  sing N N 143 
HIS CD2 NE2  sing Y N 144 
HIS CD2 HD2  sing N N 145 
HIS CE1 NE2  sing Y N 146 
HIS CE1 HE1  sing N N 147 
HIS NE2 HE2  sing N N 148 
HIS OXT HXT  sing N N 149 
HOH O   H1   sing N N 150 
HOH O   H2   sing N N 151 
ILE N   CA   sing N N 152 
ILE N   H    sing N N 153 
ILE N   H2   sing N N 154 
ILE CA  C    sing N N 155 
ILE CA  CB   sing N N 156 
ILE CA  HA   sing N N 157 
ILE C   O    doub N N 158 
ILE C   OXT  sing N N 159 
ILE CB  CG1  sing N N 160 
ILE CB  CG2  sing N N 161 
ILE CB  HB   sing N N 162 
ILE CG1 CD1  sing N N 163 
ILE CG1 HG12 sing N N 164 
ILE CG1 HG13 sing N N 165 
ILE CG2 HG21 sing N N 166 
ILE CG2 HG22 sing N N 167 
ILE CG2 HG23 sing N N 168 
ILE CD1 HD11 sing N N 169 
ILE CD1 HD12 sing N N 170 
ILE CD1 HD13 sing N N 171 
ILE OXT HXT  sing N N 172 
LEU N   CA   sing N N 173 
LEU N   H    sing N N 174 
LEU N   H2   sing N N 175 
LEU CA  C    sing N N 176 
LEU CA  CB   sing N N 177 
LEU CA  HA   sing N N 178 
LEU C   O    doub N N 179 
LEU C   OXT  sing N N 180 
LEU CB  CG   sing N N 181 
LEU CB  HB2  sing N N 182 
LEU CB  HB3  sing N N 183 
LEU CG  CD1  sing N N 184 
LEU CG  CD2  sing N N 185 
LEU CG  HG   sing N N 186 
LEU CD1 HD11 sing N N 187 
LEU CD1 HD12 sing N N 188 
LEU CD1 HD13 sing N N 189 
LEU CD2 HD21 sing N N 190 
LEU CD2 HD22 sing N N 191 
LEU CD2 HD23 sing N N 192 
LEU OXT HXT  sing N N 193 
LYS N   CA   sing N N 194 
LYS N   H    sing N N 195 
LYS N   H2   sing N N 196 
LYS CA  C    sing N N 197 
LYS CA  CB   sing N N 198 
LYS CA  HA   sing N N 199 
LYS C   O    doub N N 200 
LYS C   OXT  sing N N 201 
LYS CB  CG   sing N N 202 
LYS CB  HB2  sing N N 203 
LYS CB  HB3  sing N N 204 
LYS CG  CD   sing N N 205 
LYS CG  HG2  sing N N 206 
LYS CG  HG3  sing N N 207 
LYS CD  CE   sing N N 208 
LYS CD  HD2  sing N N 209 
LYS CD  HD3  sing N N 210 
LYS CE  NZ   sing N N 211 
LYS CE  HE2  sing N N 212 
LYS CE  HE3  sing N N 213 
LYS NZ  HZ1  sing N N 214 
LYS NZ  HZ2  sing N N 215 
LYS NZ  HZ3  sing N N 216 
LYS OXT HXT  sing N N 217 
MET N   CA   sing N N 218 
MET N   H    sing N N 219 
MET N   H2   sing N N 220 
MET CA  C    sing N N 221 
MET CA  CB   sing N N 222 
MET CA  HA   sing N N 223 
MET C   O    doub N N 224 
MET C   OXT  sing N N 225 
MET CB  CG   sing N N 226 
MET CB  HB2  sing N N 227 
MET CB  HB3  sing N N 228 
MET CG  SD   sing N N 229 
MET CG  HG2  sing N N 230 
MET CG  HG3  sing N N 231 
MET SD  CE   sing N N 232 
MET CE  HE1  sing N N 233 
MET CE  HE2  sing N N 234 
MET CE  HE3  sing N N 235 
MET OXT HXT  sing N N 236 
PHE N   CA   sing N N 237 
PHE N   H    sing N N 238 
PHE N   H2   sing N N 239 
PHE CA  C    sing N N 240 
PHE CA  CB   sing N N 241 
PHE CA  HA   sing N N 242 
PHE C   O    doub N N 243 
PHE C   OXT  sing N N 244 
PHE CB  CG   sing N N 245 
PHE CB  HB2  sing N N 246 
PHE CB  HB3  sing N N 247 
PHE CG  CD1  doub Y N 248 
PHE CG  CD2  sing Y N 249 
PHE CD1 CE1  sing Y N 250 
PHE CD1 HD1  sing N N 251 
PHE CD2 CE2  doub Y N 252 
PHE CD2 HD2  sing N N 253 
PHE CE1 CZ   doub Y N 254 
PHE CE1 HE1  sing N N 255 
PHE CE2 CZ   sing Y N 256 
PHE CE2 HE2  sing N N 257 
PHE CZ  HZ   sing N N 258 
PHE OXT HXT  sing N N 259 
PRO N   CA   sing N N 260 
PRO N   CD   sing N N 261 
PRO N   H    sing N N 262 
PRO CA  C    sing N N 263 
PRO CA  CB   sing N N 264 
PRO CA  HA   sing N N 265 
PRO C   O    doub N N 266 
PRO C   OXT  sing N N 267 
PRO CB  CG   sing N N 268 
PRO CB  HB2  sing N N 269 
PRO CB  HB3  sing N N 270 
PRO CG  CD   sing N N 271 
PRO CG  HG2  sing N N 272 
PRO CG  HG3  sing N N 273 
PRO CD  HD2  sing N N 274 
PRO CD  HD3  sing N N 275 
PRO OXT HXT  sing N N 276 
SER N   CA   sing N N 277 
SER N   H    sing N N 278 
SER N   H2   sing N N 279 
SER CA  C    sing N N 280 
SER CA  CB   sing N N 281 
SER CA  HA   sing N N 282 
SER C   O    doub N N 283 
SER C   OXT  sing N N 284 
SER CB  OG   sing N N 285 
SER CB  HB2  sing N N 286 
SER CB  HB3  sing N N 287 
SER OG  HG   sing N N 288 
SER OXT HXT  sing N N 289 
THR N   CA   sing N N 290 
THR N   H    sing N N 291 
THR N   H2   sing N N 292 
THR CA  C    sing N N 293 
THR CA  CB   sing N N 294 
THR CA  HA   sing N N 295 
THR C   O    doub N N 296 
THR C   OXT  sing N N 297 
THR CB  OG1  sing N N 298 
THR CB  CG2  sing N N 299 
THR CB  HB   sing N N 300 
THR OG1 HG1  sing N N 301 
THR CG2 HG21 sing N N 302 
THR CG2 HG22 sing N N 303 
THR CG2 HG23 sing N N 304 
THR OXT HXT  sing N N 305 
TRP N   CA   sing N N 306 
TRP N   H    sing N N 307 
TRP N   H2   sing N N 308 
TRP CA  C    sing N N 309 
TRP CA  CB   sing N N 310 
TRP CA  HA   sing N N 311 
TRP C   O    doub N N 312 
TRP C   OXT  sing N N 313 
TRP CB  CG   sing N N 314 
TRP CB  HB2  sing N N 315 
TRP CB  HB3  sing N N 316 
TRP CG  CD1  doub Y N 317 
TRP CG  CD2  sing Y N 318 
TRP CD1 NE1  sing Y N 319 
TRP CD1 HD1  sing N N 320 
TRP CD2 CE2  doub Y N 321 
TRP CD2 CE3  sing Y N 322 
TRP NE1 CE2  sing Y N 323 
TRP NE1 HE1  sing N N 324 
TRP CE2 CZ2  sing Y N 325 
TRP CE3 CZ3  doub Y N 326 
TRP CE3 HE3  sing N N 327 
TRP CZ2 CH2  doub Y N 328 
TRP CZ2 HZ2  sing N N 329 
TRP CZ3 CH2  sing Y N 330 
TRP CZ3 HZ3  sing N N 331 
TRP CH2 HH2  sing N N 332 
TRP OXT HXT  sing N N 333 
TYR N   CA   sing N N 334 
TYR N   H    sing N N 335 
TYR N   H2   sing N N 336 
TYR CA  C    sing N N 337 
TYR CA  CB   sing N N 338 
TYR CA  HA   sing N N 339 
TYR C   O    doub N N 340 
TYR C   OXT  sing N N 341 
TYR CB  CG   sing N N 342 
TYR CB  HB2  sing N N 343 
TYR CB  HB3  sing N N 344 
TYR CG  CD1  doub Y N 345 
TYR CG  CD2  sing Y N 346 
TYR CD1 CE1  sing Y N 347 
TYR CD1 HD1  sing N N 348 
TYR CD2 CE2  doub Y N 349 
TYR CD2 HD2  sing N N 350 
TYR CE1 CZ   doub Y N 351 
TYR CE1 HE1  sing N N 352 
TYR CE2 CZ   sing Y N 353 
TYR CE2 HE2  sing N N 354 
TYR CZ  OH   sing N N 355 
TYR OH  HH   sing N N 356 
TYR OXT HXT  sing N N 357 
VAL N   CA   sing N N 358 
VAL N   H    sing N N 359 
VAL N   H2   sing N N 360 
VAL CA  C    sing N N 361 
VAL CA  CB   sing N N 362 
VAL CA  HA   sing N N 363 
VAL C   O    doub N N 364 
VAL C   OXT  sing N N 365 
VAL CB  CG1  sing N N 366 
VAL CB  CG2  sing N N 367 
VAL CB  HB   sing N N 368 
VAL CG1 HG11 sing N N 369 
VAL CG1 HG12 sing N N 370 
VAL CG1 HG13 sing N N 371 
VAL CG2 HG21 sing N N 372 
VAL CG2 HG22 sing N N 373 
VAL CG2 HG23 sing N N 374 
VAL OXT HXT  sing N N 375 
# 
_pdbx_initial_refinement_model.id               1 
_pdbx_initial_refinement_model.entity_id_list   ? 
_pdbx_initial_refinement_model.type             'experimental model' 
_pdbx_initial_refinement_model.source_name      PDB 
_pdbx_initial_refinement_model.accession_code   2O4X 
_pdbx_initial_refinement_model.details          'pdb entry 2o4x' 
# 
_atom_sites.entry_id                    3QII 
_atom_sites.fract_transf_matrix[1][1]   0.00268376 
_atom_sites.fract_transf_matrix[1][2]   0.00173339 
_atom_sites.fract_transf_matrix[1][3]   0.02029102 
_atom_sites.fract_transf_matrix[2][1]   0.01423153 
_atom_sites.fract_transf_matrix[2][2]   -0.01479913 
_atom_sites.fract_transf_matrix[2][3]   -0.00061807 
_atom_sites.fract_transf_matrix[3][1]   0.00736605 
_atom_sites.fract_transf_matrix[3][2]   0.00714973 
_atom_sites.fract_transf_matrix[3][3]   -0.00158503 
_atom_sites.fract_transf_vector[1]      -0.111408 
_atom_sites.fract_transf_vector[2]      0.561216 
_atom_sites.fract_transf_vector[3]      0.030392 
# 
loop_
_atom_type.symbol 
C 
N 
O 
S 
X 
# 
loop_
_atom_site.group_PDB 
_atom_site.id 
_atom_site.type_symbol 
_atom_site.label_atom_id 
_atom_site.label_alt_id 
_atom_site.label_comp_id 
_atom_site.label_asym_id 
_atom_site.label_entity_id 
_atom_site.label_seq_id 
_atom_site.pdbx_PDB_ins_code 
_atom_site.Cartn_x 
_atom_site.Cartn_y 
_atom_site.Cartn_z 
_atom_site.occupancy 
_atom_site.B_iso_or_equiv 
_atom_site.pdbx_formal_charge 
_atom_site.auth_seq_id 
_atom_site.auth_comp_id 
_atom_site.auth_asym_id 
_atom_site.auth_atom_id 
_atom_site.pdbx_PDB_model_num 
ATOM   1   N N   . GLU A 1 21 ? 4.452   11.866  -0.169  1.00 66.00 ? 86  GLU A N   1 
ATOM   2   C CA  . GLU A 1 21 ? 4.387   10.524  0.426   1.00 63.38 ? 86  GLU A CA  1 
ATOM   3   C C   . GLU A 1 21 ? 3.114   10.381  1.251   1.00 63.92 ? 86  GLU A C   1 
ATOM   4   O O   . GLU A 1 21 ? 2.715   11.332  1.939   1.00 67.27 ? 86  GLU A O   1 
ATOM   5   C CB  . GLU A 1 21 ? 5.562   10.252  1.376   1.00 62.86 ? 86  GLU A CB  1 
ATOM   6   C CG  . GLU A 1 21 ? 6.910   10.261  0.736   1.00 63.88 ? 86  GLU A CG  1 
ATOM   7   C CD  . GLU A 1 21 ? 7.449   11.684  0.595   1.00 70.91 ? 86  GLU A CD  1 
ATOM   8   O OE1 . GLU A 1 21 ? 7.705   12.354  1.640   1.00 71.52 ? 86  GLU A OE1 1 
ATOM   9   O OE2 . GLU A 1 21 ? 7.607   12.125  -0.571  1.00 73.65 ? 86  GLU A OE2 1 
ATOM   10  N N   . PHE A 1 22 ? 2.537   9.173   1.205   1.00 60.22 ? 87  PHE A N   1 
ATOM   11  C CA  . PHE A 1 22 ? 1.414   8.749   2.043   1.00 59.59 ? 87  PHE A CA  1 
ATOM   12  C C   . PHE A 1 22 ? 1.947   8.422   3.424   1.00 59.76 ? 87  PHE A C   1 
ATOM   13  O O   . PHE A 1 22 ? 3.111   8.042   3.563   1.00 59.08 ? 87  PHE A O   1 
ATOM   14  C CB  . PHE A 1 22 ? 0.755   7.483   1.446   1.00 56.27 ? 87  PHE A CB  1 
ATOM   15  C CG  . PHE A 1 22 ? 0.323   7.660   0.028   1.00 54.24 ? 87  PHE A CG  1 
ATOM   16  C CD1 . PHE A 1 22 ? -0.824  8.370   -0.270  1.00 56.96 ? 87  PHE A CD1 1 
ATOM   17  C CD2 . PHE A 1 22 ? 1.097   7.194   -1.006  1.00 51.37 ? 87  PHE A CD2 1 
ATOM   18  C CE1 . PHE A 1 22 ? -1.207  8.574   -1.584  1.00 57.02 ? 87  PHE A CE1 1 
ATOM   19  C CE2 . PHE A 1 22 ? 0.721   7.396   -2.313  1.00 52.89 ? 87  PHE A CE2 1 
ATOM   20  C CZ  . PHE A 1 22 ? -0.435  8.082   -2.601  1.00 54.83 ? 87  PHE A CZ  1 
ATOM   21  N N   . GLN A 1 23 ? 1.090   8.551   4.435   1.00 61.34 ? 88  GLN A N   1 
ATOM   22  C CA  . GLN A 1 23 ? 1.494   8.411   5.834   1.00 62.32 ? 88  GLN A CA  1 
ATOM   23  C C   . GLN A 1 23 ? 0.817   7.212   6.468   1.00 60.40 ? 88  GLN A C   1 
ATOM   24  O O   . GLN A 1 23 ? -0.125  6.662   5.894   1.00 58.55 ? 88  GLN A O   1 
ATOM   25  C CB  . GLN A 1 23 ? 1.143   9.689   6.590   1.00 66.85 ? 88  GLN A CB  1 
ATOM   26  C CG  . GLN A 1 23 ? 1.991   10.919  6.165   1.00 70.51 ? 88  GLN A CG  1 
ATOM   27  C CD  . GLN A 1 23 ? 1.818   12.098  7.125   1.00 78.31 ? 88  GLN A CD  1 
ATOM   28  O OE1 . GLN A 1 23 ? 0.929   12.077  7.985   1.00 81.72 ? 88  GLN A OE1 1 
ATOM   29  N NE2 . GLN A 1 23 ? 2.671   13.130  6.994   1.00 82.43 ? 88  GLN A NE2 1 
ATOM   30  N N   . ILE A 1 24 ? 1.292   6.807   7.644   1.00 60.79 ? 89  ILE A N   1 
ATOM   31  C CA  . ILE A 1 24 ? 0.709   5.665   8.366   1.00 60.38 ? 89  ILE A CA  1 
ATOM   32  C C   . ILE A 1 24 ? -0.797  5.827   8.603   1.00 61.70 ? 89  ILE A C   1 
ATOM   33  O O   . ILE A 1 24 ? -1.277  6.919   8.914   1.00 64.67 ? 89  ILE A O   1 
ATOM   34  C CB  . ILE A 1 24 ? 1.411   5.401   9.720   1.00 62.09 ? 89  ILE A CB  1 
ATOM   35  C CG1 . ILE A 1 24 ? 2.814   4.835   9.498   1.00 61.40 ? 89  ILE A CG1 1 
ATOM   36  C CG2 . ILE A 1 24 ? 0.629   4.373   10.566  1.00 63.65 ? 89  ILE A CG2 1 
ATOM   37  C CD1 . ILE A 1 24 ? 3.697   4.975   10.742  1.00 65.71 ? 89  ILE A CD1 1 
ATOM   38  N N   . ASN A 1 25 ? -1.516  4.717   8.449   1.00 59.82 ? 90  ASN A N   1 
ATOM   39  C CA  . ASN A 1 25 ? -2.971  4.635   8.594   1.00 61.27 ? 90  ASN A CA  1 
ATOM   40  C C   . ASN A 1 25 ? -3.763  5.238   7.442   1.00 61.03 ? 90  ASN A C   1 
ATOM   41  O O   . ASN A 1 25 ? -4.988  5.268   7.474   1.00 62.31 ? 90  ASN A O   1 
ATOM   42  C CB  . ASN A 1 25 ? -3.440  5.167   9.958   1.00 65.13 ? 90  ASN A CB  1 
ATOM   43  C CG  . ASN A 1 25 ? -3.101  4.216   11.090  1.00 66.60 ? 90  ASN A CG  1 
ATOM   44  O OD1 . ASN A 1 25 ? -2.644  3.090   10.862  1.00 66.87 ? 90  ASN A OD1 1 
ATOM   45  N ND2 . ASN A 1 25 ? -3.320  4.654   12.310  1.00 68.63 ? 90  ASN A ND2 1 
ATOM   46  N N   . GLU A 1 26 ? -3.066  5.665   6.402   1.00 59.51 ? 91  GLU A N   1 
ATOM   47  C CA  . GLU A 1 26 ? -3.710  6.214   5.230   1.00 59.94 ? 91  GLU A CA  1 
ATOM   48  C C   . GLU A 1 26 ? -3.998  5.044   4.302   1.00 56.43 ? 91  GLU A C   1 
ATOM   49  O O   . GLU A 1 26 ? -3.260  4.054   4.272   1.00 52.88 ? 91  GLU A O   1 
ATOM   50  C CB  . GLU A 1 26 ? -2.784  7.237   4.569   1.00 61.04 ? 91  GLU A CB  1 
ATOM   51  C CG  . GLU A 1 26 ? -3.456  8.235   3.613   1.00 66.28 ? 91  GLU A CG  1 
ATOM   52  C CD  . GLU A 1 26 ? -2.577  9.486   3.286   1.00 72.07 ? 91  GLU A CD  1 
ATOM   53  O OE1 . GLU A 1 26 ? -1.452  9.649   3.842   1.00 72.73 ? 91  GLU A OE1 1 
ATOM   54  O OE2 . GLU A 1 26 ? -3.042  10.319  2.474   1.00 76.58 ? 91  GLU A OE2 1 
ATOM   55  N N   . GLN A 1 27 ? -5.089  5.147   3.558   1.00 56.64 ? 92  GLN A N   1 
ATOM   56  C CA  . GLN A 1 27 ? -5.403  4.148   2.557   1.00 54.19 ? 92  GLN A CA  1 
ATOM   57  C C   . GLN A 1 27 ? -4.883  4.542   1.174   1.00 51.99 ? 92  GLN A C   1 
ATOM   58  O O   . GLN A 1 27 ? -4.910  5.706   0.794   1.00 53.67 ? 92  GLN A O   1 
ATOM   59  C CB  . GLN A 1 27 ? -6.919  3.859   2.538   1.00 56.28 ? 92  GLN A CB  1 
ATOM   60  C CG  . GLN A 1 27 ? -7.283  2.708   3.484   1.00 58.40 ? 92  GLN A CG  1 
ATOM   61  C CD  . GLN A 1 27 ? -8.680  2.207   3.309   1.00 64.56 ? 92  GLN A CD  1 
ATOM   62  O OE1 . GLN A 1 27 ? -9.644  2.993   3.262   1.00 70.06 ? 92  GLN A OE1 1 
ATOM   63  N NE2 . GLN A 1 27 ? -8.815  0.884   3.238   1.00 64.88 ? 92  GLN A NE2 1 
ATOM   64  N N   . VAL A 1 28 ? -4.401  3.551   0.437   1.00 48.36 ? 93  VAL A N   1 
ATOM   65  C CA  . VAL A 1 28 ? -3.907  3.741   -0.924  1.00 46.47 ? 93  VAL A CA  1 
ATOM   66  C C   . VAL A 1 28 ? -4.441  2.599   -1.782  1.00 44.46 ? 93  VAL A C   1 
ATOM   67  O O   . VAL A 1 28 ? -5.036  1.647   -1.244  1.00 44.21 ? 93  VAL A O   1 
ATOM   68  C CB  . VAL A 1 28 ? -2.352  3.720   -0.962  1.00 45.51 ? 93  VAL A CB  1 
ATOM   69  C CG1 . VAL A 1 28 ? -1.765  4.825   -0.064  1.00 46.49 ? 93  VAL A CG1 1 
ATOM   70  C CG2 . VAL A 1 28 ? -1.802  2.372   -0.552  1.00 40.14 ? 93  VAL A CG2 1 
ATOM   71  N N   . LEU A 1 29 ? -4.258  2.688   -3.096  1.00 42.27 ? 94  LEU A N   1 
ATOM   72  C CA  . LEU A 1 29 ? -4.515  1.554   -3.953  1.00 40.56 ? 94  LEU A CA  1 
ATOM   73  C C   . LEU A 1 29 ? -3.166  0.855   -4.177  1.00 38.52 ? 94  LEU A C   1 
ATOM   74  O O   . LEU A 1 29 ? -2.213  1.474   -4.597  1.00 38.66 ? 94  LEU A O   1 
ATOM   75  C CB  . LEU A 1 29 ? -5.162  1.972   -5.284  1.00 41.62 ? 94  LEU A CB  1 
ATOM   76  C CG  . LEU A 1 29 ? -6.586  2.519   -5.224  1.00 42.54 ? 94  LEU A CG  1 
ATOM   77  C CD1 . LEU A 1 29 ? -6.951  3.229   -6.524  1.00 44.40 ? 94  LEU A CD1 1 
ATOM   78  C CD2 . LEU A 1 29 ? -7.560  1.407   -4.933  1.00 41.99 ? 94  LEU A CD2 1 
ATOM   79  N N   . ALA A 1 30 ? -3.114  -0.438  -3.880  1.00 36.79 ? 95  ALA A N   1 
ATOM   80  C CA  . ALA A 1 30 ? -1.918  -1.262  -4.003  1.00 35.02 ? 95  ALA A CA  1 
ATOM   81  C C   . ALA A 1 30 ? -2.238  -2.398  -4.948  1.00 34.82 ? 95  ALA A C   1 
ATOM   82  O O   . ALA A 1 30 ? -3.356  -2.866  -4.965  1.00 35.80 ? 95  ALA A O   1 
ATOM   83  C CB  . ALA A 1 30 ? -1.521  -1.805  -2.636  1.00 33.64 ? 95  ALA A CB  1 
ATOM   84  N N   . CYS A 1 31 ? -1.256  -2.854  -5.726  1.00 35.05 ? 96  CYS A N   1 
ATOM   85  C CA  . CYS A 1 31 ? -1.456  -3.918  -6.722  1.00 34.91 ? 96  CYS A CA  1 
ATOM   86  C C   . CYS A 1 31 ? -1.367  -5.300  -6.114  1.00 33.65 ? 96  CYS A C   1 
ATOM   87  O O   . CYS A 1 31 ? -0.410  -5.593  -5.376  1.00 33.60 ? 96  CYS A O   1 
ATOM   88  C CB  . CYS A 1 31 ? -0.328  -3.795  -7.758  1.00 35.98 ? 96  CYS A CB  1 
ATOM   89  S SG  . CYS A 1 31 ? -0.397  -4.983  -9.158  1.00 40.70 ? 96  CYS A SG  1 
ATOM   90  N N   . TRP A 1 32 ? -2.301  -6.189  -6.449  1.00 34.08 ? 97  TRP A N   1 
ATOM   91  C CA  . TRP A 1 32 ? -2.259  -7.572  -5.949  1.00 32.55 ? 97  TRP A CA  1 
ATOM   92  C C   . TRP A 1 32 ? -1.918  -8.502  -7.108  1.00 33.05 ? 97  TRP A C   1 
ATOM   93  O O   . TRP A 1 32 ? -1.782  -8.053  -8.257  1.00 32.07 ? 97  TRP A O   1 
ATOM   94  C CB  . TRP A 1 32 ? -3.602  -7.957  -5.252  1.00 33.60 ? 97  TRP A CB  1 
ATOM   95  C CG  . TRP A 1 32 ? -3.451  -9.206  -4.419  1.00 34.34 ? 97  TRP A CG  1 
ATOM   96  C CD1 . TRP A 1 32 ? -2.518  -9.445  -3.424  1.00 34.78 ? 97  TRP A CD1 1 
ATOM   97  C CD2 . TRP A 1 32 ? -4.172  -10.401 -4.592  1.00 38.16 ? 97  TRP A CD2 1 
ATOM   98  N NE1 . TRP A 1 32 ? -2.654  -10.734 -2.961  1.00 43.39 ? 97  TRP A NE1 1 
ATOM   99  C CE2 . TRP A 1 32 ? -3.665  -11.338 -3.672  1.00 42.44 ? 97  TRP A CE2 1 
ATOM   100 C CE3 . TRP A 1 32 ? -5.189  -10.768 -5.433  1.00 39.89 ? 97  TRP A CE3 1 
ATOM   101 C CZ2 . TRP A 1 32 ? -4.152  -12.616 -3.581  1.00 47.72 ? 97  TRP A CZ2 1 
ATOM   102 C CZ3 . TRP A 1 32 ? -5.691  -12.044 -5.350  1.00 49.43 ? 97  TRP A CZ3 1 
ATOM   103 C CH2 . TRP A 1 32 ? -5.171  -12.970 -4.431  1.00 49.99 ? 97  TRP A CH2 1 
ATOM   104 N N   . SER A 1 33 ? -1.807  -9.799  -6.805  1.00 33.35 ? 98  SER A N   1 
ATOM   105 C CA  . SER A 1 33 ? -1.308  -10.837 -7.745  1.00 34.36 ? 98  SER A CA  1 
ATOM   106 C C   . SER A 1 33 ? -2.122  -11.029 -8.989  1.00 34.88 ? 98  SER A C   1 
ATOM   107 O O   . SER A 1 33 ? -1.626  -11.610 -9.942  1.00 36.42 ? 98  SER A O   1 
ATOM   108 C CB  . SER A 1 33 ? -1.281  -12.196 -7.045  1.00 35.27 ? 98  SER A CB  1 
ATOM   109 O OG  . SER A 1 33 ? -0.652  -12.073 -5.791  1.00 35.06 ? 98  SER A OG  1 
ATOM   110 N N   . ASP A 1 34 ? -3.373  -10.590 -8.958  1.00 34.27 ? 99  ASP A N   1 
ATOM   111 C CA  . ASP A 1 34 ? -4.279  -10.665 -10.113 1.00 35.23 ? 99  ASP A CA  1 
ATOM   112 C C   . ASP A 1 34 ? -4.144  -9.437  -11.005 1.00 35.56 ? 99  ASP A C   1 
ATOM   113 O O   . ASP A 1 34 ? -4.875  -9.299  -11.962 1.00 35.65 ? 99  ASP A O   1 
ATOM   114 C CB  . ASP A 1 34 ? -5.743  -10.789 -9.628  1.00 35.47 ? 99  ASP A CB  1 
ATOM   115 C CG  . ASP A 1 34 ? -6.230  -9.542  -8.906  1.00 36.14 ? 99  ASP A CG  1 
ATOM   116 O OD1 . ASP A 1 34 ? -5.393  -8.684  -8.607  1.00 35.84 ? 99  ASP A OD1 1 
ATOM   117 O OD2 . ASP A 1 34 ? -7.448  -9.406  -8.638  1.00 42.33 ? 99  ASP A OD2 1 
ATOM   118 N N   . CYS A 1 35 ? -3.198  -8.539  -10.681 1.00 35.21 ? 100 CYS A N   1 
ATOM   119 C CA  . CYS A 1 35 ? -2.872  -7.362  -11.523 1.00 36.04 ? 100 CYS A CA  1 
ATOM   120 C C   . CYS A 1 35 ? -4.043  -6.405  -11.507 1.00 36.73 ? 100 CYS A C   1 
ATOM   121 O O   . CYS A 1 35 ? -4.386  -5.785  -12.505 1.00 37.16 ? 100 CYS A O   1 
ATOM   122 C CB  . CYS A 1 35 ? -2.459  -7.753  -12.952 1.00 37.39 ? 100 CYS A CB  1 
ATOM   123 S SG  . CYS A 1 35 ? -0.798  -7.211  -13.453 1.00 37.41 ? 100 CYS A SG  1 
ATOM   124 N N   . ARG A 1 36 ? -4.658  -6.316  -10.334 1.00 36.53 ? 101 ARG A N   1 
ATOM   125 C CA  . ARG A 1 36 ? -5.647  -5.300  -10.068 1.00 37.90 ? 101 ARG A CA  1 
ATOM   126 C C   . ARG A 1 36 ? -5.281  -4.538  -8.822  1.00 35.81 ? 101 ARG A C   1 
ATOM   127 O O   . ARG A 1 36 ? -4.576  -5.033  -7.978  1.00 32.99 ? 101 ARG A O   1 
ATOM   128 C CB  . ARG A 1 36 ? -7.024  -5.929  -9.910  1.00 39.54 ? 101 ARG A CB  1 
ATOM   129 C CG  . ARG A 1 36 ? -7.589  -6.479  -11.214 1.00 45.26 ? 101 ARG A CG  1 
ATOM   130 C CD  . ARG A 1 36 ? -8.979  -7.059  -11.019 1.00 51.97 ? 101 ARG A CD  1 
ATOM   131 N NE  . ARG A 1 36 ? -9.602  -7.367  -12.314 1.00 61.47 ? 101 ARG A NE  1 
ATOM   132 C CZ  . ARG A 1 36 ? -9.565  -8.555  -12.935 1.00 68.10 ? 101 ARG A CZ  1 
ATOM   133 N NH1 . ARG A 1 36 ? -8.920  -9.608  -12.397 1.00 68.74 ? 101 ARG A NH1 1 
ATOM   134 N NH2 . ARG A 1 36 ? -10.188 -8.700  -14.110 1.00 70.19 ? 101 ARG A NH2 1 
ATOM   135 N N   . PHE A 1 37 ? -5.821  -3.332  -8.698  1.00 36.80 ? 102 PHE A N   1 
ATOM   136 C CA  . PHE A 1 37 ? -5.557  -2.516  -7.527  1.00 35.72 ? 102 PHE A CA  1 
ATOM   137 C C   . PHE A 1 37 ? -6.693  -2.670  -6.529  1.00 35.93 ? 102 PHE A C   1 
ATOM   138 O O   . PHE A 1 37 ? -7.840  -2.726  -6.920  1.00 37.02 ? 102 PHE A O   1 
ATOM   139 C CB  . PHE A 1 37 ? -5.464  -1.063  -7.965  1.00 36.97 ? 102 PHE A CB  1 
ATOM   140 C CG  . PHE A 1 37 ? -4.181  -0.705  -8.673  1.00 35.80 ? 102 PHE A CG  1 
ATOM   141 C CD1 . PHE A 1 37 ? -3.073  -0.279  -7.951  1.00 35.99 ? 102 PHE A CD1 1 
ATOM   142 C CD2 . PHE A 1 37 ? -4.108  -0.722  -10.050 1.00 36.85 ? 102 PHE A CD2 1 
ATOM   143 C CE1 . PHE A 1 37 ? -1.894  0.088   -8.599  1.00 36.36 ? 102 PHE A CE1 1 
ATOM   144 C CE2 . PHE A 1 37 ? -2.957  -0.338  -10.708 1.00 38.56 ? 102 PHE A CE2 1 
ATOM   145 C CZ  . PHE A 1 37 ? -1.835  0.063   -9.980  1.00 38.78 ? 102 PHE A CZ  1 
ATOM   146 N N   . TYR A 1 38 ? -6.370  -2.709  -5.235  1.00 35.42 ? 103 TYR A N   1 
ATOM   147 C CA  . TYR A 1 38 ? -7.366  -2.773  -4.189  1.00 35.15 ? 103 TYR A CA  1 
ATOM   148 C C   . TYR A 1 38 ? -6.941  -1.863  -3.072  1.00 35.66 ? 103 TYR A C   1 
ATOM   149 O O   . TYR A 1 38 ? -5.749  -1.557  -2.953  1.00 35.52 ? 103 TYR A O   1 
ATOM   150 C CB  . TYR A 1 38 ? -7.462  -4.185  -3.633  1.00 35.41 ? 103 TYR A CB  1 
ATOM   151 C CG  . TYR A 1 38 ? -7.913  -5.206  -4.641  1.00 35.08 ? 103 TYR A CG  1 
ATOM   152 C CD1 . TYR A 1 38 ? -9.239  -5.259  -5.054  1.00 36.37 ? 103 TYR A CD1 1 
ATOM   153 C CD2 . TYR A 1 38 ? -7.023  -6.118  -5.169  1.00 32.43 ? 103 TYR A CD2 1 
ATOM   154 C CE1 . TYR A 1 38 ? -9.654  -6.202  -5.990  1.00 36.65 ? 103 TYR A CE1 1 
ATOM   155 C CE2 . TYR A 1 38 ? -7.437  -7.055  -6.097  1.00 35.31 ? 103 TYR A CE2 1 
ATOM   156 C CZ  . TYR A 1 38 ? -8.750  -7.096  -6.506  1.00 34.36 ? 103 TYR A CZ  1 
ATOM   157 O OH  . TYR A 1 38 ? -9.132  -8.040  -7.452  1.00 36.58 ? 103 TYR A OH  1 
ATOM   158 N N   . PRO A 1 39 ? -7.893  -1.416  -2.229  1.00 37.17 ? 104 PRO A N   1 
ATOM   159 C CA  . PRO A 1 39 ? -7.503  -0.496  -1.136  1.00 37.82 ? 104 PRO A CA  1 
ATOM   160 C C   . PRO A 1 39 ? -6.690  -1.204  -0.057  1.00 37.16 ? 104 PRO A C   1 
ATOM   161 O O   . PRO A 1 39 ? -7.045  -2.312  0.345   1.00 36.81 ? 104 PRO A O   1 
ATOM   162 C CB  . PRO A 1 39 ? -8.846  -0.026  -0.580  1.00 40.01 ? 104 PRO A CB  1 
ATOM   163 C CG  . PRO A 1 39 ? -9.831  -0.243  -1.724  1.00 40.22 ? 104 PRO A CG  1 
ATOM   164 C CD  . PRO A 1 39 ? -9.362  -1.469  -2.408  1.00 38.75 ? 104 PRO A CD  1 
ATOM   165 N N   . ALA A 1 40 ? -5.597  -0.582  0.393   1.00 36.47 ? 105 ALA A N   1 
ATOM   166 C CA  . ALA A 1 40 ? -4.740  -1.167  1.402   1.00 35.58 ? 105 ALA A CA  1 
ATOM   167 C C   . ALA A 1 40 ? -4.390  -0.055  2.390   1.00 38.53 ? 105 ALA A C   1 
ATOM   168 O O   . ALA A 1 40 ? -4.250  1.112   2.014   1.00 40.27 ? 105 ALA A O   1 
ATOM   169 C CB  . ALA A 1 40 ? -3.468  -1.789  0.721   1.00 33.02 ? 105 ALA A CB  1 
ATOM   170 N N   . LYS A 1 41 ? -4.288  -0.388  3.668   1.00 40.52 ? 106 LYS A N   1 
ATOM   171 C CA  . LYS A 1 41 ? -3.883  0.602   4.680   1.00 43.23 ? 106 LYS A CA  1 
ATOM   172 C C   . LYS A 1 41 ? -2.352  0.652   4.805   1.00 41.83 ? 106 LYS A C   1 
ATOM   173 O O   . LYS A 1 41 ? -1.728  -0.388  4.899   1.00 40.89 ? 106 LYS A O   1 
ATOM   174 C CB  . LYS A 1 41 ? -4.508  0.243   6.028   1.00 45.54 ? 106 LYS A CB  1 
ATOM   175 C CG  . LYS A 1 41 ? -4.210  1.232   7.152   1.00 50.76 ? 106 LYS A CG  1 
ATOM   176 C CD  . LYS A 1 41 ? -5.171  1.076   8.339   1.00 57.94 ? 106 LYS A CD  1 
ATOM   177 C CE  . LYS A 1 41 ? -4.639  0.051   9.381   1.00 60.74 ? 106 LYS A CE  1 
ATOM   178 N NZ  . LYS A 1 41 ? -5.703  -0.364  10.367  1.00 64.81 ? 106 LYS A NZ  1 
ATOM   179 N N   . VAL A 1 42 ? -1.748  1.843   4.792   1.00 42.61 ? 107 VAL A N   1 
ATOM   180 C CA  . VAL A 1 42 ? -0.316  1.969   5.080   1.00 41.95 ? 107 VAL A CA  1 
ATOM   181 C C   . VAL A 1 42 ? -0.063  1.696   6.563   1.00 43.98 ? 107 VAL A C   1 
ATOM   182 O O   . VAL A 1 42 ? -0.601  2.391   7.430   1.00 46.20 ? 107 VAL A O   1 
ATOM   183 C CB  . VAL A 1 42 ? 0.244   3.377   4.749   1.00 43.91 ? 107 VAL A CB  1 
ATOM   184 C CG1 . VAL A 1 42 ? 1.768   3.422   5.032   1.00 42.24 ? 107 VAL A CG1 1 
ATOM   185 C CG2 . VAL A 1 42 ? -0.083  3.782   3.280   1.00 40.35 ? 107 VAL A CG2 1 
ATOM   186 N N   . THR A 1 43 ? 0.723   0.658   6.858   1.00 43.08 ? 108 THR A N   1 
ATOM   187 C CA  . THR A 1 43 ? 1.091   0.333   8.244   1.00 44.09 ? 108 THR A CA  1 
ATOM   188 C C   . THR A 1 43 ? 2.555   0.730   8.592   1.00 44.67 ? 108 THR A C   1 
ATOM   189 O O   . THR A 1 43 ? 2.902   0.867   9.765   1.00 46.05 ? 108 THR A O   1 
ATOM   190 C CB  . THR A 1 43 ? 0.840   -1.162  8.562   1.00 43.28 ? 108 THR A CB  1 
ATOM   191 O OG1 . THR A 1 43 ? 1.609   -1.960  7.679   1.00 42.23 ? 108 THR A OG1 1 
ATOM   192 C CG2 . THR A 1 43 ? -0.628  -1.515  8.399   1.00 42.25 ? 108 THR A CG2 1 
ATOM   193 N N   . ALA A 1 44 ? 3.401   0.953   7.588   1.00 43.17 ? 109 ALA A N   1 
ATOM   194 C CA  . ALA A 1 44 ? 4.743   1.486   7.866   1.00 43.37 ? 109 ALA A CA  1 
ATOM   195 C C   . ALA A 1 44 ? 5.245   2.188   6.636   1.00 41.99 ? 109 ALA A C   1 
ATOM   196 O O   . ALA A 1 44 ? 4.973   1.742   5.496   1.00 41.02 ? 109 ALA A O   1 
ATOM   197 C CB  . ALA A 1 44 ? 5.702   0.362   8.289   1.00 43.10 ? 109 ALA A CB  1 
ATOM   198 N N   . VAL A 1 45 ? 5.919   3.312   6.863   1.00 43.58 ? 110 VAL A N   1 
ATOM   199 C CA  . VAL A 1 45 ? 6.662   4.063   5.845   1.00 42.37 ? 110 VAL A CA  1 
ATOM   200 C C   . VAL A 1 45 ? 8.153   3.827   6.120   1.00 42.54 ? 110 VAL A C   1 
ATOM   201 O O   . VAL A 1 45 ? 8.639   4.147   7.195   1.00 43.44 ? 110 VAL A O   1 
ATOM   202 C CB  . VAL A 1 45 ? 6.380   5.570   5.938   1.00 45.59 ? 110 VAL A CB  1 
ATOM   203 C CG1 . VAL A 1 45 ? 7.058   6.302   4.794   1.00 42.81 ? 110 VAL A CG1 1 
ATOM   204 C CG2 . VAL A 1 45 ? 4.867   5.839   5.961   1.00 43.91 ? 110 VAL A CG2 1 
ATOM   205 N N   . ASN A 1 46 ? 8.857   3.265   5.144   1.00 40.56 ? 111 ASN A N   1 
ATOM   206 C CA  . ASN A 1 46 ? 10.230  2.837   5.309   1.00 39.97 ? 111 ASN A CA  1 
ATOM   207 C C   . ASN A 1 46 ? 11.160  3.848   4.640   1.00 40.12 ? 111 ASN A C   1 
ATOM   208 O O   . ASN A 1 46 ? 10.833  4.409   3.597   1.00 40.38 ? 111 ASN A O   1 
ATOM   209 C CB  . ASN A 1 46 ? 10.381  1.471   4.658   1.00 38.34 ? 111 ASN A CB  1 
ATOM   210 C CG  . ASN A 1 46 ? 9.399   0.448   5.236   1.00 41.05 ? 111 ASN A CG  1 
ATOM   211 O OD1 . ASN A 1 46 ? 9.236   0.374   6.443   1.00 47.95 ? 111 ASN A OD1 1 
ATOM   212 N ND2 . ASN A 1 46 ? 8.720   -0.295  4.380   1.00 39.31 ? 111 ASN A ND2 1 
ATOM   213 N N   . LYS A 1 47 ? 12.336  4.042   5.208   1.00 39.92 ? 112 LYS A N   1 
ATOM   214 C CA  . LYS A 1 47 ? 13.262  5.019   4.692   1.00 40.20 ? 112 LYS A CA  1 
ATOM   215 C C   . LYS A 1 47 ? 13.768  4.686   3.270   1.00 39.77 ? 112 LYS A C   1 
ATOM   216 O O   . LYS A 1 47 ? 14.153  5.580   2.496   1.00 39.67 ? 112 LYS A O   1 
ATOM   217 C CB  . LYS A 1 47 ? 14.400  5.213   5.673   1.00 41.36 ? 112 LYS A CB  1 
ATOM   218 C CG  . LYS A 1 47 ? 13.998  5.816   7.001   1.00 40.62 ? 112 LYS A CG  1 
ATOM   219 C CD  . LYS A 1 47 ? 15.192  6.170   7.808   1.00 41.51 ? 112 LYS A CD  1 
ATOM   220 C CE  . LYS A 1 47 ? 14.802  6.809   9.163   1.00 46.62 ? 112 LYS A CE  1 
ATOM   221 N NZ  . LYS A 1 47 ? 13.800  5.929   9.852   1.00 47.29 ? 112 LYS A NZ  1 
ATOM   222 N N   . ASP A 1 48 ? 13.702  3.419   2.886   1.00 39.45 ? 113 ASP A N   1 
ATOM   223 C CA  . ASP A 1 48 ? 14.108  3.022   1.525   1.00 40.04 ? 113 ASP A CA  1 
ATOM   224 C C   . ASP A 1 48 ? 13.077  3.329   0.443   1.00 40.13 ? 113 ASP A C   1 
ATOM   225 O O   . ASP A 1 48 ? 13.227  2.870   -0.672  1.00 40.15 ? 113 ASP A O   1 
ATOM   226 C CB  . ASP A 1 48 ? 14.462  1.523   1.488   1.00 39.51 ? 113 ASP A CB  1 
ATOM   227 C CG  . ASP A 1 48 ? 13.279  0.629   1.703   1.00 40.31 ? 113 ASP A CG  1 
ATOM   228 O OD1 . ASP A 1 48 ? 12.152  1.110   1.891   1.00 41.98 ? 113 ASP A OD1 1 
ATOM   229 O OD2 . ASP A 1 48 ? 13.449  -0.596  1.671   1.00 46.03 ? 113 ASP A OD2 1 
ATOM   230 N N   . GLY A 1 49 ? 12.000  4.041   0.769   1.00 41.43 ? 114 GLY A N   1 
ATOM   231 C CA  . GLY A 1 49 ? 10.991  4.415   -0.220  1.00 41.73 ? 114 GLY A CA  1 
ATOM   232 C C   . GLY A 1 49 ? 9.894   3.402   -0.498  1.00 40.80 ? 114 GLY A C   1 
ATOM   233 O O   . GLY A 1 49 ? 9.185   3.534   -1.481  1.00 41.14 ? 114 GLY A O   1 
ATOM   234 N N   . THR A 1 50 ? 9.762   2.405   0.376   1.00 39.80 ? 115 THR A N   1 
ATOM   235 C CA  . THR A 1 50 ? 8.706   1.434   0.319   1.00 38.65 ? 115 THR A CA  1 
ATOM   236 C C   . THR A 1 50 ? 7.688   1.668   1.438   1.00 39.23 ? 115 THR A C   1 
ATOM   237 O O   . THR A 1 50 ? 7.960   2.378   2.390   1.00 40.92 ? 115 THR A O   1 
ATOM   238 C CB  . THR A 1 50 ? 9.267   0.015   0.476   1.00 38.00 ? 115 THR A CB  1 
ATOM   239 O OG1 . THR A 1 50 ? 9.904   -0.093  1.760   1.00 39.94 ? 115 THR A OG1 1 
ATOM   240 C CG2 . THR A 1 50 ? 10.266  -0.288  -0.654  1.00 35.11 ? 115 THR A CG2 1 
ATOM   241 N N   . TYR A 1 51 ? 6.505   1.079   1.296   1.00 39.29 ? 116 TYR A N   1 
ATOM   242 C CA  . TYR A 1 51 ? 5.486   1.070   2.355   1.00 39.66 ? 116 TYR A CA  1 
ATOM   243 C C   . TYR A 1 51 ? 5.180   -0.351  2.660   1.00 38.91 ? 116 TYR A C   1 
ATOM   244 O O   . TYR A 1 51 ? 5.232   -1.179  1.766   1.00 38.39 ? 116 TYR A O   1 
ATOM   245 C CB  . TYR A 1 51 ? 4.176   1.669   1.879   1.00 40.06 ? 116 TYR A CB  1 
ATOM   246 C CG  . TYR A 1 51 ? 4.243   3.061   1.373   1.00 41.31 ? 116 TYR A CG  1 
ATOM   247 C CD1 . TYR A 1 51 ? 4.495   4.113   2.234   1.00 46.30 ? 116 TYR A CD1 1 
ATOM   248 C CD2 . TYR A 1 51 ? 4.003   3.352   0.034   1.00 41.13 ? 116 TYR A CD2 1 
ATOM   249 C CE1 . TYR A 1 51 ? 4.559   5.416   1.769   1.00 46.00 ? 116 TYR A CE1 1 
ATOM   250 C CE2 . TYR A 1 51 ? 4.052   4.654   -0.431  1.00 43.63 ? 116 TYR A CE2 1 
ATOM   251 C CZ  . TYR A 1 51 ? 4.343   5.685   0.433   1.00 45.41 ? 116 TYR A CZ  1 
ATOM   252 O OH  . TYR A 1 51 ? 4.408   7.001   -0.027  1.00 49.11 ? 116 TYR A OH  1 
ATOM   253 N N   . THR A 1 52 ? 4.864   -0.655  3.910   1.00 40.32 ? 117 THR A N   1 
ATOM   254 C CA  . THR A 1 52 ? 4.138   -1.893  4.223   1.00 40.21 ? 117 THR A CA  1 
ATOM   255 C C   . THR A 1 52 ? 2.651   -1.497  4.188   1.00 40.61 ? 117 THR A C   1 
ATOM   256 O O   . THR A 1 52 ? 2.255   -0.469  4.789   1.00 42.59 ? 117 THR A O   1 
ATOM   257 C CB  . THR A 1 52 ? 4.495   -2.445  5.621   1.00 42.38 ? 117 THR A CB  1 
ATOM   258 O OG1 . THR A 1 52 ? 5.916   -2.593  5.732   1.00 44.70 ? 117 THR A OG1 1 
ATOM   259 C CG2 . THR A 1 52 ? 3.845   -3.779  5.885   1.00 40.99 ? 117 THR A CG2 1 
ATOM   260 N N   . VAL A 1 53 ? 1.841   -2.279  3.467   1.00 38.39 ? 118 VAL A N   1 
ATOM   261 C CA  . VAL A 1 53 ? 0.423   -2.020  3.372   1.00 37.55 ? 118 VAL A CA  1 
ATOM   262 C C   . VAL A 1 53 ? -0.325  -3.310  3.652   1.00 37.78 ? 118 VAL A C   1 
ATOM   263 O O   . VAL A 1 53 ? 0.213   -4.362  3.483   1.00 37.63 ? 118 VAL A O   1 
ATOM   264 C CB  . VAL A 1 53 ? 0.025   -1.496  1.978   1.00 36.97 ? 118 VAL A CB  1 
ATOM   265 C CG1 . VAL A 1 53 ? 0.798   -0.226  1.635   1.00 34.83 ? 118 VAL A CG1 1 
ATOM   266 C CG2 . VAL A 1 53 ? 0.210   -2.599  0.904   1.00 31.67 ? 118 VAL A CG2 1 
ATOM   267 N N   . LYS A 1 54 ? -1.569  -3.189  4.083   1.00 38.74 ? 119 LYS A N   1 
ATOM   268 C CA  . LYS A 1 54 ? -2.418  -4.299  4.447   1.00 39.41 ? 119 LYS A CA  1 
ATOM   269 C C   . LYS A 1 54 ? -3.792  -4.184  3.765   1.00 38.69 ? 119 LYS A C   1 
ATOM   270 O O   . LYS A 1 54 ? -4.503  -3.203  3.940   1.00 39.62 ? 119 LYS A O   1 
ATOM   271 C CB  . LYS A 1 54 ? -2.572  -4.280  5.948   1.00 41.62 ? 119 LYS A CB  1 
ATOM   272 C CG  . LYS A 1 54 ? -3.373  -5.417  6.516   1.00 45.70 ? 119 LYS A CG  1 
ATOM   273 C CD  . LYS A 1 54 ? -3.325  -5.422  8.040   1.00 53.13 ? 119 LYS A CD  1 
ATOM   274 C CE  . LYS A 1 54 ? -4.325  -4.451  8.651   1.00 58.69 ? 119 LYS A CE  1 
ATOM   275 N NZ  . LYS A 1 54 ? -3.940  -4.084  10.086  1.00 63.98 ? 119 LYS A NZ  1 
ATOM   276 N N   . PHE A 1 55 ? -4.157  -5.201  2.986   1.00 37.53 ? 120 PHE A N   1 
ATOM   277 C CA  . PHE A 1 55 ? -5.422  -5.219  2.282   1.00 36.62 ? 120 PHE A CA  1 
ATOM   278 C C   . PHE A 1 55 ? -6.547  -5.482  3.259   1.00 38.66 ? 120 PHE A C   1 
ATOM   279 O O   . PHE A 1 55 ? -6.307  -5.765  4.422   1.00 38.74 ? 120 PHE A O   1 
ATOM   280 C CB  . PHE A 1 55 ? -5.392  -6.284  1.214   1.00 35.69 ? 120 PHE A CB  1 
ATOM   281 C CG  . PHE A 1 55 ? -4.403  -6.020  0.116   1.00 32.95 ? 120 PHE A CG  1 
ATOM   282 C CD1 . PHE A 1 55 ? -4.706  -5.105  -0.899  1.00 33.99 ? 120 PHE A CD1 1 
ATOM   283 C CD2 . PHE A 1 55 ? -3.212  -6.712  0.053   1.00 31.69 ? 120 PHE A CD2 1 
ATOM   284 C CE1 . PHE A 1 55 ? -3.810  -4.845  -1.937  1.00 30.76 ? 120 PHE A CE1 1 
ATOM   285 C CE2 . PHE A 1 55 ? -2.297  -6.458  -0.986  1.00 31.56 ? 120 PHE A CE2 1 
ATOM   286 C CZ  . PHE A 1 55 ? -2.612  -5.522  -1.977  1.00 31.29 ? 120 PHE A CZ  1 
ATOM   287 N N   . TYR A 1 56 ? -7.794  -5.386  2.807   1.00 39.82 ? 121 TYR A N   1 
ATOM   288 C CA  . TYR A 1 56 ? -8.879  -5.504  3.743   1.00 42.77 ? 121 TYR A CA  1 
ATOM   289 C C   . TYR A 1 56 ? -8.851  -6.855  4.422   1.00 43.76 ? 121 TYR A C   1 
ATOM   290 O O   . TYR A 1 56 ? -9.275  -6.978  5.580   1.00 45.34 ? 121 TYR A O   1 
ATOM   291 C CB  . TYR A 1 56 ? -10.249 -5.333  3.071   1.00 44.11 ? 121 TYR A CB  1 
ATOM   292 C CG  . TYR A 1 56 ? -10.604 -3.918  2.667   1.00 45.43 ? 121 TYR A CG  1 
ATOM   293 C CD1 . TYR A 1 56 ? -10.452 -2.853  3.548   1.00 47.50 ? 121 TYR A CD1 1 
ATOM   294 C CD2 . TYR A 1 56 ? -11.136 -3.655  1.411   1.00 46.22 ? 121 TYR A CD2 1 
ATOM   295 C CE1 . TYR A 1 56 ? -10.797 -1.569  3.182   1.00 48.83 ? 121 TYR A CE1 1 
ATOM   296 C CE2 . TYR A 1 56 ? -11.509 -2.367  1.047   1.00 47.60 ? 121 TYR A CE2 1 
ATOM   297 C CZ  . TYR A 1 56 ? -11.318 -1.329  1.932   1.00 48.13 ? 121 TYR A CZ  1 
ATOM   298 O OH  . TYR A 1 56 ? -11.687 -0.069  1.555   1.00 48.77 ? 121 TYR A OH  1 
ATOM   299 N N   . ASP A 1 57 ? -8.388  -7.869  3.691   1.00 42.87 ? 122 ASP A N   1 
ATOM   300 C CA  . ASP A 1 57 ? -8.396  -9.236  4.211   1.00 44.72 ? 122 ASP A CA  1 
ATOM   301 C C   . ASP A 1 57 ? -7.242  -9.538  5.159   1.00 45.58 ? 122 ASP A C   1 
ATOM   302 O O   . ASP A 1 57 ? -7.150  -10.643 5.664   1.00 46.85 ? 122 ASP A O   1 
ATOM   303 C CB  . ASP A 1 57 ? -8.483  -10.259 3.079   1.00 43.73 ? 122 ASP A CB  1 
ATOM   304 C CG  . ASP A 1 57 ? -7.299  -10.208 2.157   1.00 43.17 ? 122 ASP A CG  1 
ATOM   305 O OD1 . ASP A 1 57 ? -6.408  -9.353  2.379   1.00 41.29 ? 122 ASP A OD1 1 
ATOM   306 O OD2 . ASP A 1 57 ? -7.272  -11.025 1.206   1.00 41.61 ? 122 ASP A OD2 1 
ATOM   307 N N   . GLY A 1 58 ? -6.384  -8.553  5.441   1.00 45.79 ? 123 GLY A N   1 
ATOM   308 C CA  . GLY A 1 58 ? -5.303  -8.743  6.395   1.00 46.94 ? 123 GLY A CA  1 
ATOM   309 C C   . GLY A 1 58 ? -4.000  -9.198  5.741   1.00 45.47 ? 123 GLY A C   1 
ATOM   310 O O   . GLY A 1 58 ? -3.001  -9.380  6.428   1.00 46.88 ? 123 GLY A O   1 
ATOM   311 N N   . VAL A 1 59 ? -4.001  -9.363  4.422   1.00 43.73 ? 124 VAL A N   1 
ATOM   312 C CA  . VAL A 1 59 ? -2.759  -9.677  3.662   1.00 42.00 ? 124 VAL A CA  1 
ATOM   313 C C   . VAL A 1 59 ? -1.826  -8.464  3.564   1.00 41.49 ? 124 VAL A C   1 
ATOM   314 O O   . VAL A 1 59 ? -2.229  -7.371  3.142   1.00 40.00 ? 124 VAL A O   1 
ATOM   315 C CB  . VAL A 1 59 ? -3.121  -10.270 2.285   1.00 41.57 ? 124 VAL A CB  1 
ATOM   316 C CG1 . VAL A 1 59 ? -1.891  -10.433 1.387   1.00 39.25 ? 124 VAL A CG1 1 
ATOM   317 C CG2 . VAL A 1 59 ? -3.856  -11.666 2.512   1.00 39.42 ? 124 VAL A CG2 1 
ATOM   318 N N   . VAL A 1 60 ? -0.592  -8.669  4.016   1.00 42.14 ? 125 VAL A N   1 
ATOM   319 C CA  . VAL A 1 60 ? 0.407   -7.627  4.126   1.00 42.25 ? 125 VAL A CA  1 
ATOM   320 C C   . VAL A 1 60 ? 1.376   -7.775  2.986   1.00 41.89 ? 125 VAL A C   1 
ATOM   321 O O   . VAL A 1 60 ? 1.710   -8.876  2.572   1.00 43.92 ? 125 VAL A O   1 
ATOM   322 C CB  . VAL A 1 60 ? 1.189   -7.721  5.437   1.00 43.71 ? 125 VAL A CB  1 
ATOM   323 C CG1 . VAL A 1 60 ? 2.294   -6.666  5.468   1.00 44.51 ? 125 VAL A CG1 1 
ATOM   324 C CG2 . VAL A 1 60 ? 0.249   -7.550  6.621   1.00 45.81 ? 125 VAL A CG2 1 
ATOM   325 N N   . GLN A 1 61 ? 1.847   -6.651  2.499   1.00 40.96 ? 126 GLN A N   1 
ATOM   326 C CA  . GLN A 1 61 ? 2.710   -6.594  1.342   1.00 40.84 ? 126 GLN A CA  1 
ATOM   327 C C   . GLN A 1 61 ? 3.617   -5.355  1.474   1.00 39.65 ? 126 GLN A C   1 
ATOM   328 O O   . GLN A 1 61 ? 3.164   -4.330  1.950   1.00 39.45 ? 126 GLN A O   1 
ATOM   329 C CB  . GLN A 1 61 ? 1.789   -6.405  0.138   1.00 40.60 ? 126 GLN A CB  1 
ATOM   330 C CG  . GLN A 1 61 ? 2.347   -6.781  -1.149  1.00 42.09 ? 126 GLN A CG  1 
ATOM   331 C CD  . GLN A 1 61 ? 1.277   -6.886  -2.219  1.00 43.54 ? 126 GLN A CD  1 
ATOM   332 O OE1 . GLN A 1 61 ? 0.759   -7.974  -2.438  1.00 46.01 ? 126 GLN A OE1 1 
ATOM   333 N NE2 . GLN A 1 61 ? 0.960   -5.760  -2.910  1.00 39.07 ? 126 GLN A NE2 1 
ATOM   334 N N   . THR A 1 62 ? 4.865   -5.452  1.035   1.00 39.18 ? 127 THR A N   1 
ATOM   335 C CA  . THR A 1 62 ? 5.792   -4.320  0.991   1.00 39.39 ? 127 THR A CA  1 
ATOM   336 C C   . THR A 1 62 ? 5.842   -3.881  -0.436  1.00 39.02 ? 127 THR A C   1 
ATOM   337 O O   . THR A 1 62 ? 5.956   -4.733  -1.323  1.00 38.92 ? 127 THR A O   1 
ATOM   338 C CB  . THR A 1 62 ? 7.206   -4.762  1.407   1.00 41.13 ? 127 THR A CB  1 
ATOM   339 O OG1 . THR A 1 62 ? 7.122   -5.361  2.708   1.00 42.57 ? 127 THR A OG1 1 
ATOM   340 C CG2 . THR A 1 62 ? 8.193   -3.578  1.433   1.00 39.28 ? 127 THR A CG2 1 
ATOM   341 N N   . VAL A 1 63 ? 5.733   -2.579  -0.672  1.00 38.42 ? 128 VAL A N   1 
ATOM   342 C CA  . VAL A 1 63 ? 5.602   -2.058  -2.013  1.00 38.77 ? 128 VAL A CA  1 
ATOM   343 C C   . VAL A 1 63 ? 6.362   -0.733  -2.135  1.00 39.92 ? 128 VAL A C   1 
ATOM   344 O O   . VAL A 1 63 ? 6.511   -0.015  -1.154  1.00 40.07 ? 128 VAL A O   1 
ATOM   345 C CB  . VAL A 1 63 ? 4.087   -1.884  -2.416  1.00 39.49 ? 128 VAL A CB  1 
ATOM   346 C CG1 . VAL A 1 63 ? 3.329   -3.227  -2.384  1.00 37.10 ? 128 VAL A CG1 1 
ATOM   347 C CG2 . VAL A 1 63 ? 3.407   -0.913  -1.554  1.00 39.76 ? 128 VAL A CG2 1 
ATOM   348 N N   . LYS A 1 64 ? 6.894   -0.455  -3.318  1.00 40.73 ? 129 LYS A N   1 
ATOM   349 C CA  . LYS A 1 64 ? 7.525   0.816   -3.624  1.00 42.30 ? 129 LYS A CA  1 
ATOM   350 C C   . LYS A 1 64 ? 6.505   1.925   -3.769  1.00 42.99 ? 129 LYS A C   1 
ATOM   351 O O   . LYS A 1 64 ? 5.404   1.708   -4.277  1.00 42.53 ? 129 LYS A O   1 
ATOM   352 C CB  . LYS A 1 64 ? 8.317   0.737   -4.908  1.00 43.60 ? 129 LYS A CB  1 
ATOM   353 C CG  . LYS A 1 64 ? 9.483   -0.235  -4.880  1.00 47.58 ? 129 LYS A CG  1 
ATOM   354 C CD  . LYS A 1 64 ? 10.514  0.098   -5.991  1.00 54.53 ? 129 LYS A CD  1 
ATOM   355 C CE  . LYS A 1 64 ? 11.147  -1.185  -6.590  1.00 59.49 ? 129 LYS A CE  1 
ATOM   356 N NZ  . LYS A 1 64 ? 11.350  -1.121  -8.135  1.00 62.74 ? 129 LYS A NZ  1 
ATOM   357 N N   . HIS A 1 65 ? 6.907   3.131   -3.366  1.00 43.60 ? 130 HIS A N   1 
ATOM   358 C CA  . HIS A 1 65 ? 6.054   4.297   -3.420  1.00 45.38 ? 130 HIS A CA  1 
ATOM   359 C C   . HIS A 1 65 ? 5.481   4.473   -4.817  1.00 44.73 ? 130 HIS A C   1 
ATOM   360 O O   . HIS A 1 65 ? 4.324   4.862   -4.940  1.00 44.12 ? 130 HIS A O   1 
ATOM   361 C CB  . HIS A 1 65 ? 6.821   5.589   -2.958  1.00 48.22 ? 130 HIS A CB  1 
ATOM   362 C CG  . HIS A 1 65 ? 6.066   6.884   -3.177  1.00 55.28 ? 130 HIS A CG  1 
ATOM   363 N ND1 . HIS A 1 65 ? 4.887   7.197   -2.519  1.00 58.58 ? 130 HIS A ND1 1 
ATOM   364 C CD2 . HIS A 1 65 ? 6.346   7.961   -3.960  1.00 63.00 ? 130 HIS A CD2 1 
ATOM   365 C CE1 . HIS A 1 65 ? 4.464   8.392   -2.904  1.00 62.88 ? 130 HIS A CE1 1 
ATOM   366 N NE2 . HIS A 1 65 ? 5.338   8.887   -3.765  1.00 65.64 ? 130 HIS A NE2 1 
ATOM   367 N N   . ILE A 1 66 ? 6.285   4.202   -5.851  1.00 43.78 ? 131 ILE A N   1 
ATOM   368 C CA  . ILE A 1 66 ? 5.879   4.457   -7.236  1.00 45.07 ? 131 ILE A CA  1 
ATOM   369 C C   . ILE A 1 66 ? 4.815   3.453   -7.715  1.00 43.58 ? 131 ILE A C   1 
ATOM   370 O O   . ILE A 1 66 ? 4.199   3.648   -8.761  1.00 44.26 ? 131 ILE A O   1 
ATOM   371 C CB  . ILE A 1 66 ? 7.091   4.484   -8.216  1.00 47.30 ? 131 ILE A CB  1 
ATOM   372 C CG1 . ILE A 1 66 ? 8.015   3.262   -8.055  1.00 45.86 ? 131 ILE A CG1 1 
ATOM   373 C CG2 . ILE A 1 66 ? 7.967   5.797   -8.005  1.00 50.88 ? 131 ILE A CG2 1 
ATOM   374 C CD1 . ILE A 1 66 ? 8.956   2.985   -9.300  1.00 46.97 ? 131 ILE A CD1 1 
ATOM   375 N N   . HIS A 1 67 ? 4.570   2.398   -6.933  1.00 40.67 ? 132 HIS A N   1 
ATOM   376 C CA  . HIS A 1 67 ? 3.680   1.332   -7.347  1.00 38.85 ? 132 HIS A CA  1 
ATOM   377 C C   . HIS A 1 67 ? 2.337   1.352   -6.613  1.00 39.40 ? 132 HIS A C   1 
ATOM   378 O O   . HIS A 1 67 ? 1.540   0.403   -6.753  1.00 39.65 ? 132 HIS A O   1 
ATOM   379 C CB  . HIS A 1 67 ? 4.383   -0.011  -7.165  1.00 37.14 ? 132 HIS A CB  1 
ATOM   380 C CG  . HIS A 1 67 ? 5.515   -0.242  -8.117  1.00 36.31 ? 132 HIS A CG  1 
ATOM   381 N ND1 . HIS A 1 67 ? 6.566   -1.087  -7.826  1.00 34.06 ? 132 HIS A ND1 1 
ATOM   382 C CD2 . HIS A 1 67 ? 5.784   0.292   -9.338  1.00 38.56 ? 132 HIS A CD2 1 
ATOM   383 C CE1 . HIS A 1 67 ? 7.423   -1.077  -8.837  1.00 38.42 ? 132 HIS A CE1 1 
ATOM   384 N NE2 . HIS A 1 67 ? 6.968   -0.258  -9.772  1.00 37.48 ? 132 HIS A NE2 1 
ATOM   385 N N   . VAL A 1 68 ? 2.084   2.405   -5.830  1.00 40.79 ? 133 VAL A N   1 
ATOM   386 C CA  . VAL A 1 68 ? 0.782   2.637   -5.219  1.00 41.44 ? 133 VAL A CA  1 
ATOM   387 C C   . VAL A 1 68 ? 0.205   3.938   -5.771  1.00 44.99 ? 133 VAL A C   1 
ATOM   388 O O   . VAL A 1 68 ? 0.940   4.812   -6.236  1.00 46.05 ? 133 VAL A O   1 
ATOM   389 C CB  . VAL A 1 68 ? 0.847   2.704   -3.651  1.00 40.95 ? 133 VAL A CB  1 
ATOM   390 C CG1 . VAL A 1 68 ? 1.497   1.460   -3.069  1.00 38.63 ? 133 VAL A CG1 1 
ATOM   391 C CG2 . VAL A 1 68 ? 1.581   3.939   -3.186  1.00 42.16 ? 133 VAL A CG2 1 
ATOM   392 N N   . LYS A 1 69 ? -1.113  4.063   -5.710  1.00 46.69 ? 134 LYS A N   1 
ATOM   393 C CA  . LYS A 1 69 ? -1.826  5.261   -6.174  1.00 50.50 ? 134 LYS A CA  1 
ATOM   394 C C   . LYS A 1 69 ? -2.652  5.780   -5.012  1.00 51.90 ? 134 LYS A C   1 
ATOM   395 O O   . LYS A 1 69 ? -2.976  5.019   -4.089  1.00 49.44 ? 134 LYS A O   1 
ATOM   396 C CB  . LYS A 1 69 ? -2.851  4.889   -7.260  1.00 51.73 ? 134 LYS A CB  1 
ATOM   397 C CG  . LYS A 1 69 ? -2.328  4.590   -8.628  1.00 53.47 ? 134 LYS A CG  1 
ATOM   398 C CD  . LYS A 1 69 ? -3.046  3.396   -9.275  1.00 53.99 ? 134 LYS A CD  1 
ATOM   399 C CE  . LYS A 1 69 ? -4.360  3.714   -9.913  1.00 57.57 ? 134 LYS A CE  1 
ATOM   400 N NZ  . LYS A 1 69 ? -4.803  2.611   -10.829 1.00 57.09 ? 134 LYS A NZ  1 
ATOM   401 N N   . ALA A 1 70 ? -3.057  7.038   -5.104  1.00 55.94 ? 135 ALA A N   1 
ATOM   402 C CA  . ALA A 1 70 ? -4.049  7.617   -4.195  1.00 59.44 ? 135 ALA A CA  1 
ATOM   403 C C   . ALA A 1 70 ? -5.388  6.867   -4.244  1.00 60.41 ? 135 ALA A C   1 
ATOM   404 O O   . ALA A 1 70 ? -5.871  6.537   -5.335  1.00 60.04 ? 135 ALA A O   1 
ATOM   405 C CB  . ALA A 1 70 ? -4.284  9.098   -4.545  1.00 63.23 ? 135 ALA A CB  1 
ATOM   406 N N   . PHE A 1 71 ? -5.966  6.615   -3.059  1.00 62.11 ? 136 PHE A N   1 
ATOM   407 C CA  . PHE A 1 71 ? -7.344  6.095   -2.913  1.00 63.76 ? 136 PHE A CA  1 
ATOM   408 C C   . PHE A 1 71 ? -8.302  7.197   -2.450  1.00 68.44 ? 136 PHE A C   1 
ATOM   409 O O   . PHE A 1 71 ? -8.100  7.742   -1.362  1.00 69.84 ? 136 PHE A O   1 
ATOM   410 C CB  . PHE A 1 71 ? -7.369  4.957   -1.890  1.00 61.63 ? 136 PHE A CB  1 
ATOM   411 C CG  . PHE A 1 71 ? -8.754  4.379   -1.641  1.00 63.53 ? 136 PHE A CG  1 
ATOM   412 C CD1 . PHE A 1 71 ? -9.536  3.923   -2.707  1.00 64.69 ? 136 PHE A CD1 1 
ATOM   413 C CD2 . PHE A 1 71 ? -9.265  4.286   -0.340  1.00 65.52 ? 136 PHE A CD2 1 
ATOM   414 C CE1 . PHE A 1 71 ? -10.789 3.403   -2.488  1.00 66.57 ? 136 PHE A CE1 1 
ATOM   415 C CE2 . PHE A 1 71 ? -10.530 3.777   -0.101  1.00 67.30 ? 136 PHE A CE2 1 
ATOM   416 C CZ  . PHE A 1 71 ? -11.299 3.331   -1.170  1.00 67.98 ? 136 PHE A CZ  1 
ATOM   417 N N   . SER A 1 72 ? -9.348  7.499   -3.241  1.00 71.57 ? 137 SER A N   1 
ATOM   418 C CA  . SER A 1 72 ? -10.267 8.653   -2.951  1.00 76.76 ? 137 SER A CA  1 
ATOM   419 C C   . SER A 1 72 ? -11.776 8.314   -2.917  1.00 78.54 ? 137 SER A C   1 
ATOM   420 O O   . SER A 1 72 ? -12.189 7.271   -2.386  1.00 76.66 ? 137 SER A O   1 
ATOM   421 C CB  . SER A 1 72 ? -10.026 9.808   -3.951  1.00 80.03 ? 137 SER A CB  1 
HETATM 422 X UNK . UNX B 2 .  ? 13.455  2.028   7.065   1.00 30.00 ? 1   UNX A UNK 1 
HETATM 423 O O   . HOH C 3 .  ? -7.101  -2.394  -11.187 1.00 34.03 ? 2   HOH A O   1 
HETATM 424 O O   . HOH C 3 .  ? 0.770   -12.909 -10.107 1.00 35.06 ? 3   HOH A O   1 
HETATM 425 O O   . HOH C 3 .  ? 1.248   -1.822  -5.334  1.00 29.56 ? 4   HOH A O   1 
HETATM 426 O O   . HOH C 3 .  ? 0.030   -11.449 5.113   1.00 48.70 ? 5   HOH A O   1 
HETATM 427 O O   . HOH C 3 .  ? -8.234  -4.684  0.005   1.00 37.79 ? 6   HOH A O   1 
HETATM 428 O O   . HOH C 3 .  ? -13.461 -0.057  -0.474  1.00 50.91 ? 7   HOH A O   1 
HETATM 429 O O   . HOH C 3 .  ? 11.644  -2.772  2.172   1.00 53.88 ? 8   HOH A O   1 
HETATM 430 O O   . HOH C 3 .  ? -2.245  -11.563 -12.540 1.00 39.24 ? 9   HOH A O   1 
HETATM 431 O O   . HOH C 3 .  ? -6.848  -2.712  5.519   1.00 51.90 ? 10  HOH A O   1 
HETATM 432 O O   . HOH C 3 .  ? 6.211   -2.529  -5.488  1.00 41.98 ? 151 HOH A O   1 
# 
loop_
_atom_site_anisotrop.id 
_atom_site_anisotrop.type_symbol 
_atom_site_anisotrop.pdbx_label_atom_id 
_atom_site_anisotrop.pdbx_label_alt_id 
_atom_site_anisotrop.pdbx_label_comp_id 
_atom_site_anisotrop.pdbx_label_asym_id 
_atom_site_anisotrop.pdbx_label_seq_id 
_atom_site_anisotrop.pdbx_PDB_ins_code 
_atom_site_anisotrop.U[1][1] 
_atom_site_anisotrop.U[2][2] 
_atom_site_anisotrop.U[3][3] 
_atom_site_anisotrop.U[1][2] 
_atom_site_anisotrop.U[1][3] 
_atom_site_anisotrop.U[2][3] 
_atom_site_anisotrop.pdbx_auth_seq_id 
_atom_site_anisotrop.pdbx_auth_comp_id 
_atom_site_anisotrop.pdbx_auth_asym_id 
_atom_site_anisotrop.pdbx_auth_atom_id 
1   N N   . GLU A 21 ? 0.8813 0.5134 1.1129 -0.1219 0.0375  -0.0653 86  GLU A N   
2   C CA  . GLU A 21 ? 0.8386 0.5298 1.0396 -0.1163 0.0447  -0.0778 86  GLU A CA  
3   C C   . GLU A 21 ? 0.8371 0.5399 1.0515 -0.0920 0.0506  -0.1041 86  GLU A C   
4   O O   . GLU A 21 ? 0.8786 0.5551 1.1222 -0.0852 0.0544  -0.1348 86  GLU A O   
5   C CB  . GLU A 21 ? 0.8290 0.5488 1.0105 -0.1373 0.0502  -0.1029 86  GLU A CB  
6   C CG  . GLU A 21 ? 0.8444 0.5682 1.0142 -0.1626 0.0469  -0.0835 86  GLU A CG  
7   C CD  . GLU A 21 ? 0.9421 0.6150 1.1368 -0.1810 0.0440  -0.0861 86  GLU A CD  
8   O OE1 . GLU A 21 ? 0.9500 0.6102 1.1573 -0.1891 0.0472  -0.1228 86  GLU A OE1 
9   O OE2 . GLU A 21 ? 0.9834 0.6302 1.1846 -0.1895 0.0379  -0.0508 86  GLU A OE2 
10  N N   . PHE A 22 ? 0.7827 0.5280 0.9774 -0.0809 0.0521  -0.0946 87  PHE A N   
11  C CA  . PHE A 22 ? 0.7634 0.5373 0.9633 -0.0632 0.0595  -0.1169 87  PHE A CA  
12  C C   . PHE A 22 ? 0.7608 0.5697 0.9400 -0.0763 0.0686  -0.1502 87  PHE A C   
13  O O   . PHE A 22 ? 0.7557 0.5779 0.9110 -0.0957 0.0660  -0.1461 87  PHE A O   
14  C CB  . PHE A 22 ? 0.7157 0.5229 0.8992 -0.0533 0.0559  -0.0904 87  PHE A CB  
15  C CG  . PHE A 22 ? 0.6938 0.4775 0.8893 -0.0444 0.0452  -0.0551 87  PHE A CG  
16  C CD1 . PHE A 22 ? 0.7235 0.4859 0.9545 -0.0239 0.0415  -0.0530 87  PHE A CD1 
17  C CD2 . PHE A 22 ? 0.6641 0.4498 0.8377 -0.0572 0.0381  -0.0254 87  PHE A CD2 
18  C CE1 . PHE A 22 ? 0.7275 0.4707 0.9681 -0.0174 0.0282  -0.0164 87  PHE A CE1 
19  C CE2 . PHE A 22 ? 0.6867 0.4567 0.8661 -0.0526 0.0278  0.0074  87  PHE A CE2 
20  C CZ  . PHE A 22 ? 0.7078 0.4562 0.9191 -0.0335 0.0216  0.0143  87  PHE A CZ  
21  N N   . GLN A 23 ? 0.7707 0.6001 0.9596 -0.0665 0.0787  -0.1828 88  GLN A N   
22  C CA  . GLN A 23 ? 0.7776 0.6440 0.9462 -0.0809 0.0876  -0.2177 88  GLN A CA  
23  C C   . GLN A 23 ? 0.7419 0.6658 0.8870 -0.0787 0.0925  -0.2154 88  GLN A C   
24  O O   . GLN A 23 ? 0.7135 0.6445 0.8665 -0.0634 0.0913  -0.1947 88  GLN A O   
25  C CB  . GLN A 23 ? 0.8311 0.6785 1.0300 -0.0764 0.0973  -0.2648 88  GLN A CB  
26  C CG  . GLN A 23 ? 0.8900 0.6770 1.1121 -0.0855 0.0910  -0.2701 88  GLN A CG  
27  C CD  . GLN A 23 ? 0.9845 0.7554 1.2353 -0.0851 0.1006  -0.3260 88  GLN A CD  
28  O OE1 . GLN A 23 ? 1.0140 0.8191 1.2719 -0.0737 0.1133  -0.3616 88  GLN A OE1 
29  N NE2 . GLN A 23 ? 1.0472 0.7687 1.3161 -0.0993 0.0950  -0.3367 88  GLN A NE2 
30  N N   . ILE A 24 ? 0.7425 0.7085 0.8587 -0.0963 0.0966  -0.2341 89  ILE A N   
31  C CA  . ILE A 24 ? 0.7266 0.7497 0.8177 -0.0998 0.1001  -0.2283 89  ILE A CA  
32  C C   . ILE A 24 ? 0.7297 0.7721 0.8424 -0.0827 0.1132  -0.2455 89  ILE A C   
33  O O   . ILE A 24 ? 0.7615 0.7923 0.9031 -0.0727 0.1242  -0.2827 89  ILE A O   
34  C CB  . ILE A 24 ? 0.7444 0.8136 0.8010 -0.1239 0.1018  -0.2478 89  ILE A CB  
35  C CG1 . ILE A 24 ? 0.7437 0.8094 0.7795 -0.1394 0.0857  -0.2221 89  ILE A CG1 
36  C CG2 . ILE A 24 ? 0.7519 0.8820 0.7843 -0.1301 0.1067  -0.2420 89  ILE A CG2 
37  C CD1 . ILE A 24 ? 0.7951 0.8969 0.8046 -0.1635 0.0842  -0.2456 89  ILE A CD1 
38  N N   . ASN A 25 ? 0.6991 0.7718 0.8020 -0.0797 0.1116  -0.2192 90  ASN A N   
39  C CA  . ASN A 25 ? 0.7010 0.8026 0.8246 -0.0655 0.1229  -0.2285 90  ASN A CA  
40  C C   . ASN A 25 ? 0.6961 0.7584 0.8641 -0.0390 0.1202  -0.2211 90  ASN A C   
41  O O   . ASN A 25 ? 0.6958 0.7819 0.8898 -0.0243 0.1284  -0.2298 90  ASN A O   
42  C CB  . ASN A 25 ? 0.7344 0.8829 0.8574 -0.0716 0.1422  -0.2765 90  ASN A CB  
43  C CG  . ASN A 25 ? 0.7489 0.9574 0.8239 -0.0993 0.1437  -0.2718 90  ASN A CG  
44  O OD1 . ASN A 25 ? 0.7598 0.9725 0.8083 -0.1109 0.1293  -0.2306 90  ASN A OD1 
45  N ND2 . ASN A 25 ? 0.7622 1.0183 0.8270 -0.1105 0.1601  -0.3138 90  ASN A ND2 
46  N N   . GLU A 26 ? 0.6924 0.6997 0.8688 -0.0344 0.1076  -0.2016 91  GLU A N   
47  C CA  . GLU A 26 ? 0.6980 0.6674 0.9119 -0.0124 0.1006  -0.1861 91  GLU A CA  
48  C C   . GLU A 26 ? 0.6547 0.6345 0.8549 -0.0117 0.0893  -0.1444 91  GLU A C   
49  O O   . GLU A 26 ? 0.6174 0.6085 0.7830 -0.0278 0.0833  -0.1249 91  GLU A O   
50  C CB  . GLU A 26 ? 0.7280 0.6375 0.9537 -0.0135 0.0919  -0.1819 91  GLU A CB  
51  C CG  . GLU A 26 ? 0.7937 0.6583 1.0664 0.0089  0.0845  -0.1734 91  GLU A CG  
52  C CD  . GLU A 26 ? 0.8818 0.6851 1.1715 0.0040  0.0782  -0.1771 91  GLU A CD  
53  O OE1 . GLU A 26 ? 0.8993 0.6974 1.1667 -0.0169 0.0813  -0.1919 91  GLU A OE1 
54  O OE2 . GLU A 26 ? 0.9400 0.7012 1.2686 0.0202  0.0684  -0.1634 91  GLU A OE2 
55  N N   . GLN A 27 ? 0.6479 0.6255 0.8785 0.0075  0.0856  -0.1327 92  GLN A N   
56  C CA  . GLN A 27 ? 0.6178 0.6024 0.8386 0.0080  0.0737  -0.0965 92  GLN A CA  
57  C C   . GLN A 27 ? 0.6040 0.5435 0.8277 0.0114  0.0586  -0.0683 92  GLN A C   
58  O O   . GLN A 27 ? 0.6283 0.5314 0.8793 0.0222  0.0553  -0.0706 92  GLN A O   
59  C CB  . GLN A 27 ? 0.6230 0.6436 0.8717 0.0227  0.0768  -0.0974 92  GLN A CB  
60  C CG  . GLN A 27 ? 0.6390 0.7143 0.8654 0.0078  0.0859  -0.1021 92  GLN A CG  
61  C CD  . GLN A 27 ? 0.6960 0.8104 0.9464 0.0165  0.0870  -0.0963 92  GLN A CD  
62  O OE1 . GLN A 27 ? 0.7483 0.8719 1.0415 0.0368  0.0920  -0.1122 92  GLN A OE1 
63  N NE2 . GLN A 27 ? 0.6994 0.8385 0.9269 0.0011  0.0818  -0.0744 92  GLN A NE2 
64  N N   . VAL A 28 ? 0.5658 0.5094 0.7620 0.0008  0.0494  -0.0419 93  VAL A N   
65  C CA  . VAL A 28 ? 0.5532 0.4678 0.7445 -0.0003 0.0366  -0.0146 93  VAL A CA  
66  C C   . VAL A 28 ? 0.5233 0.4613 0.7045 -0.0003 0.0274  0.0075  93  VAL A C   
67  O O   . VAL A 28 ? 0.5104 0.4811 0.6882 -0.0018 0.0307  0.0022  93  VAL A O   
68  C CB  . VAL A 28 ? 0.5555 0.4539 0.7197 -0.0187 0.0365  -0.0127 93  VAL A CB  
69  C CG1 . VAL A 28 ? 0.5722 0.4485 0.7455 -0.0227 0.0446  -0.0374 93  VAL A CG1 
70  C CG2 . VAL A 28 ? 0.4870 0.4146 0.6232 -0.0311 0.0373  -0.0131 93  VAL A CG2 
71  N N   . LEU A 29 ? 0.5019 0.4258 0.6781 -0.0012 0.0158  0.0316  94  LEU A N   
72  C CA  . LEU A 29 ? 0.4777 0.4243 0.6387 -0.0054 0.0072  0.0473  94  LEU A CA  
73  C C   . LEU A 29 ? 0.4625 0.4082 0.5928 -0.0220 0.0079  0.0478  94  LEU A C   
74  O O   . LEU A 29 ? 0.4735 0.4002 0.5949 -0.0293 0.0080  0.0531  94  LEU A O   
75  C CB  . LEU A 29 ? 0.4892 0.4319 0.6600 0.0017  -0.0066 0.0718  94  LEU A CB  
76  C CG  . LEU A 29 ? 0.4858 0.4361 0.6944 0.0210  -0.0112 0.0740  94  LEU A CG  
77  C CD1 . LEU A 29 ? 0.5100 0.4483 0.7286 0.0269  -0.0284 0.1035  94  LEU A CD1 
78  C CD2 . LEU A 29 ? 0.4639 0.4541 0.6772 0.0226  -0.0104 0.0673  94  LEU A CD2 
79  N N   . ALA A 30 ? 0.4370 0.4047 0.5560 -0.0277 0.0078  0.0423  95  ALA A N   
80  C CA  . ALA A 30 ? 0.4200 0.3909 0.5195 -0.0393 0.0072  0.0394  95  ALA A CA  
81  C C   . ALA A 30 ? 0.4137 0.4014 0.5079 -0.0409 -0.0016 0.0455  95  ALA A C   
82  O O   . ALA A 30 ? 0.4185 0.4191 0.5224 -0.0365 -0.0058 0.0485  95  ALA A O   
83  C CB  . ALA A 30 ? 0.4010 0.3795 0.4976 -0.0441 0.0122  0.0262  95  ALA A CB  
84  N N   . CYS A 31 ? 0.4200 0.4108 0.5010 -0.0483 -0.0037 0.0442  96  CYS A N   
85  C CA  . CYS A 31 ? 0.4140 0.4218 0.4903 -0.0508 -0.0114 0.0432  96  CYS A CA  
86  C C   . CYS A 31 ? 0.3939 0.4069 0.4774 -0.0521 -0.0149 0.0322  96  CYS A C   
87  O O   . CYS A 31 ? 0.3946 0.4026 0.4793 -0.0543 -0.0126 0.0249  96  CYS A O   
88  C CB  . CYS A 31 ? 0.4303 0.4449 0.4916 -0.0588 -0.0095 0.0408  96  CYS A CB  
89  S SG  . CYS A 31 ? 0.4838 0.5258 0.5364 -0.0638 -0.0163 0.0309  96  CYS A SG  
90  N N   . TRP A 32 ? 0.3939 0.4167 0.4842 -0.0521 -0.0229 0.0322  97  TRP A N   
91  C CA  . TRP A 32 ? 0.3711 0.3931 0.4724 -0.0554 -0.0294 0.0249  97  TRP A CA  
92  C C   . TRP A 32 ? 0.3747 0.4040 0.4768 -0.0579 -0.0363 0.0110  97  TRP A C   
93  O O   . TRP A 32 ? 0.3626 0.4044 0.4514 -0.0591 -0.0345 0.0081  97  TRP A O   
94  C CB  . TRP A 32 ? 0.3785 0.4062 0.4918 -0.0572 -0.0330 0.0337  97  TRP A CB  
95  C CG  . TRP A 32 ? 0.3862 0.4078 0.5106 -0.0639 -0.0398 0.0335  97  TRP A CG  
96  C CD1 . TRP A 32 ? 0.3951 0.4070 0.5194 -0.0658 -0.0399 0.0348  97  TRP A CD1 
97  C CD2 . TRP A 32 ? 0.4294 0.4523 0.5681 -0.0710 -0.0508 0.0343  97  TRP A CD2 
98  N NE1 . TRP A 32 ? 0.5016 0.5067 0.6400 -0.0730 -0.0516 0.0402  97  TRP A NE1 
99  C CE2 . TRP A 32 ? 0.4849 0.4942 0.6331 -0.0769 -0.0578 0.0390  97  TRP A CE2 
100 C CE3 . TRP A 32 ? 0.4454 0.4795 0.5906 -0.0743 -0.0570 0.0323  97  TRP A CE3 
101 C CZ2 . TRP A 32 ? 0.5484 0.5499 0.7148 -0.0863 -0.0708 0.0429  97  TRP A CZ2 
102 C CZ3 . TRP A 32 ? 0.5619 0.5917 0.7244 -0.0846 -0.0686 0.0322  97  TRP A CZ3 
103 C CH2 . TRP A 32 ? 0.5716 0.5820 0.7457 -0.0908 -0.0754 0.0380  97  TRP A CH2 
104 N N   . SER A 33 ? 0.3756 0.3979 0.4936 -0.0599 -0.0446 0.0024  98  SER A N   
105 C CA  . SER A 33 ? 0.3842 0.4100 0.5112 -0.0605 -0.0511 -0.0194 98  SER A CA  
106 C C   . SER A 33 ? 0.3871 0.4307 0.5075 -0.0650 -0.0552 -0.0275 98  SER A C   
107 O O   . SER A 33 ? 0.4027 0.4571 0.5240 -0.0663 -0.0568 -0.0507 98  SER A O   
108 C CB  . SER A 33 ? 0.3929 0.4001 0.5467 -0.0616 -0.0630 -0.0230 98  SER A CB  
109 O OG  . SER A 33 ? 0.3929 0.3878 0.5512 -0.0595 -0.0625 -0.0103 98  SER A OG  
110 N N   . ASP A 34 ? 0.3784 0.4291 0.4944 -0.0677 -0.0575 -0.0111 99  ASP A N   
111 C CA  . ASP A 34 ? 0.3853 0.4586 0.4944 -0.0731 -0.0641 -0.0146 99  ASP A CA  
112 C C   . ASP A 34 ? 0.3915 0.4837 0.4756 -0.0724 -0.0589 -0.0050 99  ASP A C   
113 O O   . ASP A 34 ? 0.3883 0.5035 0.4626 -0.0772 -0.0658 -0.0020 99  ASP A O   
114 C CB  . ASP A 34 ? 0.3824 0.4600 0.5052 -0.0763 -0.0709 0.0006  99  ASP A CB  
115 C CG  . ASP A 34 ? 0.3911 0.4701 0.5120 -0.0690 -0.0634 0.0230  99  ASP A CG  
116 O OD1 . ASP A 34 ? 0.3944 0.4627 0.5046 -0.0628 -0.0540 0.0270  99  ASP A OD1 
117 O OD2 . ASP A 34 ? 0.4605 0.5532 0.5942 -0.0694 -0.0666 0.0340  99  ASP A OD2 
118 N N   . CYS A 35 ? 0.3936 0.4764 0.4678 -0.0683 -0.0484 0.0019  100 CYS A N   
119 C CA  . CYS A 35 ? 0.4073 0.5033 0.4584 -0.0709 -0.0440 0.0143  100 CYS A CA  
120 C C   . CYS A 35 ? 0.4153 0.5120 0.4681 -0.0667 -0.0495 0.0401  100 CYS A C   
121 O O   . CYS A 35 ? 0.4196 0.5343 0.4577 -0.0708 -0.0553 0.0542  100 CYS A O   
122 C CB  . CYS A 35 ? 0.4205 0.5478 0.4521 -0.0811 -0.0454 -0.0015 100 CYS A CB  
123 S SG  . CYS A 35 ? 0.4228 0.5631 0.4356 -0.0879 -0.0312 -0.0093 100 CYS A SG  
124 N N   . ARG A 36 ? 0.4115 0.4919 0.4844 -0.0588 -0.0483 0.0462  101 ARG A N   
125 C CA  . ARG A 36 ? 0.4255 0.5047 0.5096 -0.0504 -0.0505 0.0660  101 ARG A CA  
126 C C   . ARG A 36 ? 0.4038 0.4592 0.4975 -0.0430 -0.0396 0.0679  101 ARG A C   
127 O O   . ARG A 36 ? 0.3716 0.4161 0.4654 -0.0452 -0.0327 0.0561  101 ARG A O   
128 C CB  . ARG A 36 ? 0.4340 0.5305 0.5377 -0.0492 -0.0590 0.0666  101 ARG A CB  
129 C CG  . ARG A 36 ? 0.4998 0.6243 0.5954 -0.0572 -0.0725 0.0657  101 ARG A CG  
130 C CD  . ARG A 36 ? 0.5703 0.7147 0.6894 -0.0579 -0.0814 0.0666  101 ARG A CD  
131 N NE  . ARG A 36 ? 0.6827 0.8586 0.7940 -0.0660 -0.0965 0.0675  101 ARG A NE  
132 C CZ  . ARG A 36 ? 0.7648 0.9534 0.8691 -0.0794 -0.1031 0.0472  101 ARG A CZ  
133 N NH1 . ARG A 36 ? 0.7783 0.9458 0.8874 -0.0846 -0.0973 0.0258  101 ARG A NH1 
134 N NH2 . ARG A 36 ? 0.7830 1.0058 0.8779 -0.0879 -0.1174 0.0476  101 ARG A NH2 
135 N N   . PHE A 37 ? 0.4149 0.4635 0.5195 -0.0337 -0.0395 0.0823  102 PHE A N   
136 C CA  . PHE A 37 ? 0.4046 0.4321 0.5204 -0.0268 -0.0287 0.0788  102 PHE A CA  
137 C C   . PHE A 37 ? 0.3951 0.4345 0.5357 -0.0189 -0.0258 0.0734  102 PHE A C   
138 O O   . PHE A 37 ? 0.3968 0.4559 0.5537 -0.0135 -0.0336 0.0806  102 PHE A O   
139 C CB  . PHE A 37 ? 0.4250 0.4346 0.5449 -0.0209 -0.0306 0.0945  102 PHE A CB  
140 C CG  . PHE A 37 ? 0.4222 0.4202 0.5177 -0.0325 -0.0290 0.1005  102 PHE A CG  
141 C CD1 . PHE A 37 ? 0.4329 0.4104 0.5242 -0.0369 -0.0181 0.0911  102 PHE A CD1 
142 C CD2 . PHE A 37 ? 0.4365 0.4496 0.5138 -0.0410 -0.0384 0.1160  102 PHE A CD2 
143 C CE1 . PHE A 37 ? 0.4456 0.4179 0.5176 -0.0499 -0.0157 0.0969  102 PHE A CE1 
144 C CE2 . PHE A 37 ? 0.4666 0.4769 0.5214 -0.0546 -0.0351 0.1224  102 PHE A CE2 
145 C CZ  . PHE A 37 ? 0.4766 0.4663 0.5305 -0.0591 -0.0232 0.1129  102 PHE A CZ  
146 N N   . TYR A 38 ? 0.3898 0.4231 0.5328 -0.0198 -0.0145 0.0610  103 TYR A N   
147 C CA  . TYR A 38 ? 0.3734 0.4253 0.5368 -0.0154 -0.0082 0.0540  103 TYR A CA  
148 C C   . TYR A 38 ? 0.3826 0.4224 0.5496 -0.0114 0.0048  0.0413  103 TYR A C   
149 O O   . TYR A 38 ? 0.3940 0.4115 0.5440 -0.0164 0.0079  0.0377  103 TYR A O   
150 C CB  . TYR A 38 ? 0.3732 0.4413 0.5306 -0.0285 -0.0089 0.0508  103 TYR A CB  
151 C CG  . TYR A 38 ? 0.3654 0.4448 0.5225 -0.0346 -0.0218 0.0576  103 TYR A CG  
152 C CD1 . TYR A 38 ? 0.3664 0.4716 0.5438 -0.0312 -0.0279 0.0631  103 TYR A CD1 
153 C CD2 . TYR A 38 ? 0.3414 0.4088 0.4819 -0.0437 -0.0281 0.0549  103 TYR A CD2 
154 C CE1 . TYR A 38 ? 0.3660 0.4834 0.5428 -0.0394 -0.0408 0.0663  103 TYR A CE1 
155 C CE2 . TYR A 38 ? 0.3738 0.4517 0.5157 -0.0501 -0.0397 0.0549  103 TYR A CE2 
156 C CZ  . TYR A 38 ? 0.3484 0.4508 0.5063 -0.0492 -0.0463 0.0606  103 TYR A CZ  
157 O OH  . TYR A 38 ? 0.3724 0.4865 0.5306 -0.0581 -0.0589 0.0575  103 TYR A OH  
158 N N   . PRO A 39 ? 0.3877 0.4465 0.5782 -0.0033 0.0133  0.0309  104 PRO A N   
159 C CA  . PRO A 39 ? 0.3975 0.4476 0.5918 0.0000  0.0269  0.0120  104 PRO A CA  
160 C C   . PRO A 39 ? 0.3952 0.4530 0.5636 -0.0167 0.0337  0.0036  104 PRO A C   
161 O O   . PRO A 39 ? 0.3847 0.4674 0.5461 -0.0277 0.0326  0.0088  104 PRO A O   
162 C CB  . PRO A 39 ? 0.4037 0.4834 0.6328 0.0128  0.0348  -0.0008 104 PRO A CB  
163 C CG  . PRO A 39 ? 0.3959 0.4872 0.6450 0.0219  0.0214  0.0172  104 PRO A CG  
164 C CD  . PRO A 39 ? 0.3875 0.4770 0.6076 0.0060  0.0107  0.0336  104 PRO A CD  
165 N N   . ALA A 40 ? 0.3979 0.4344 0.5533 -0.0204 0.0387  -0.0066 105 ALA A N   
166 C CA  . ALA A 40 ? 0.3916 0.4371 0.5229 -0.0360 0.0421  -0.0123 105 ALA A CA  
167 C C   . ALA A 40 ? 0.4295 0.4723 0.5622 -0.0358 0.0542  -0.0368 105 ALA A C   
168 O O   . ALA A 40 ? 0.4554 0.4710 0.6035 -0.0256 0.0562  -0.0453 105 ALA A O   
169 C CB  . ALA A 40 ? 0.3725 0.3971 0.4847 -0.0439 0.0313  0.0007  105 ALA A CB  
170 N N   . LYS A 41 ? 0.4499 0.5217 0.5678 -0.0484 0.0617  -0.0482 106 LYS A N   
171 C CA  . LYS A 41 ? 0.4840 0.5590 0.5992 -0.0516 0.0734  -0.0767 106 LYS A CA  
172 C C   . LYS A 41 ? 0.4804 0.5355 0.5735 -0.0636 0.0671  -0.0755 106 LYS A C   
173 O O   . LYS A 41 ? 0.4720 0.5360 0.5457 -0.0750 0.0575  -0.0579 106 LYS A O   
174 C CB  . LYS A 41 ? 0.4994 0.6259 0.6048 -0.0630 0.0849  -0.0909 106 LYS A CB  
175 C CG  . LYS A 41 ? 0.5624 0.7025 0.6635 -0.0679 0.0988  -0.1272 106 LYS A CG  
176 C CD  . LYS A 41 ? 0.6343 0.8350 0.7320 -0.0763 0.1147  -0.1469 106 LYS A CD  
177 C CE  . LYS A 41 ? 0.6708 0.9111 0.7260 -0.1045 0.1110  -0.1326 106 LYS A CE  
178 N NZ  . LYS A 41 ? 0.7024 1.0091 0.7507 -0.1175 0.1252  -0.1399 106 LYS A NZ  
179 N N   . VAL A 42 ? 0.4966 0.5247 0.5975 -0.0612 0.0709  -0.0938 107 VAL A N   
180 C CA  . VAL A 42 ? 0.4975 0.5160 0.5801 -0.0753 0.0664  -0.0969 107 VAL A CA  
181 C C   . VAL A 42 ? 0.5176 0.5758 0.5776 -0.0918 0.0711  -0.1132 107 VAL A C   
182 O O   . VAL A 42 ? 0.5383 0.6145 0.6023 -0.0923 0.0841  -0.1427 107 VAL A O   
183 C CB  . VAL A 42 ? 0.5300 0.5093 0.6287 -0.0728 0.0692  -0.1131 107 VAL A CB  
184 C CG1 . VAL A 42 ? 0.5159 0.4921 0.5968 -0.0905 0.0640  -0.1155 107 VAL A CG1 
185 C CG2 . VAL A 42 ? 0.4904 0.4323 0.6103 -0.0587 0.0634  -0.0928 107 VAL A CG2 
186 N N   . THR A 43 ? 0.5077 0.5834 0.5455 -0.1050 0.0599  -0.0945 108 THR A N   
187 C CA  . THR A 43 ? 0.5154 0.6321 0.5275 -0.1238 0.0597  -0.1025 108 THR A CA  
188 C C   . THR A 43 ? 0.5278 0.6403 0.5291 -0.1365 0.0527  -0.1114 108 THR A C   
189 O O   . THR A 43 ? 0.5409 0.6867 0.5219 -0.1528 0.0539  -0.1267 108 THR A O   
190 C CB  . THR A 43 ? 0.5007 0.6459 0.4977 -0.1323 0.0487  -0.0717 108 THR A CB  
191 O OG1 . THR A 43 ? 0.4933 0.6144 0.4966 -0.1279 0.0324  -0.0460 108 THR A OG1 
192 C CG2 . THR A 43 ? 0.4800 0.6380 0.4871 -0.1252 0.0567  -0.0660 108 THR A CG2 
193 N N   . ALA A 44 ? 0.5159 0.5938 0.5304 -0.1311 0.0460  -0.1032 109 ALA A N   
194 C CA  . ALA A 44 ? 0.5204 0.5967 0.5308 -0.1439 0.0412  -0.1148 109 ALA A CA  
195 C C   . ALA A 44 ? 0.5099 0.5444 0.5411 -0.1370 0.0420  -0.1127 109 ALA A C   
196 O O   . ALA A 44 ? 0.5003 0.5164 0.5418 -0.1248 0.0391  -0.0915 109 ALA A O   
197 C CB  . ALA A 44 ? 0.5118 0.6171 0.5085 -0.1544 0.0241  -0.0940 109 ALA A CB  
198 N N   . VAL A 45 ? 0.5329 0.5537 0.5691 -0.1471 0.0461  -0.1352 110 VAL A N   
199 C CA  . VAL A 45 ? 0.5234 0.5093 0.5768 -0.1490 0.0456  -0.1315 110 VAL A CA  
200 C C   . VAL A 45 ? 0.5201 0.5284 0.5677 -0.1662 0.0362  -0.1307 110 VAL A C   
201 O O   . VAL A 45 ? 0.5277 0.5573 0.5655 -0.1810 0.0349  -0.1515 110 VAL A O   
202 C CB  . VAL A 45 ? 0.5703 0.5211 0.6406 -0.1508 0.0552  -0.1576 110 VAL A CB  
203 C CG1 . VAL A 45 ? 0.5421 0.4546 0.6296 -0.1556 0.0531  -0.1451 110 VAL A CG1 
204 C CG2 . VAL A 45 ? 0.5493 0.4878 0.6311 -0.1321 0.0640  -0.1655 110 VAL A CG2 
205 N N   . ASN A 46 ? 0.4924 0.5009 0.5475 -0.1643 0.0297  -0.1089 111 ASN A N   
206 C CA  . ASN A 46 ? 0.4747 0.5125 0.5314 -0.1763 0.0199  -0.1059 111 ASN A CA  
207 C C   . ASN A 46 ? 0.4773 0.4981 0.5490 -0.1901 0.0239  -0.1115 111 ASN A C   
208 O O   . ASN A 46 ? 0.4885 0.4766 0.5691 -0.1866 0.0310  -0.1030 111 ASN A O   
209 C CB  . ASN A 46 ? 0.4468 0.5013 0.5085 -0.1635 0.0110  -0.0822 111 ASN A CB  
210 C CG  . ASN A 46 ? 0.4815 0.5472 0.5310 -0.1526 0.0058  -0.0719 111 ASN A CG  
211 O OD1 . ASN A 46 ? 0.5669 0.6536 0.6014 -0.1603 0.0024  -0.0789 111 ASN A OD1 
212 N ND2 . ASN A 46 ? 0.4614 0.5156 0.5163 -0.1376 0.0055  -0.0558 111 ASN A ND2 
213 N N   . LYS A 47 ? 0.4650 0.5115 0.5399 -0.2077 0.0180  -0.1226 112 LYS A N   
214 C CA  . LYS A 47 ? 0.4674 0.5023 0.5574 -0.2260 0.0218  -0.1284 112 LYS A CA  
215 C C   . LYS A 47 ? 0.4567 0.4941 0.5600 -0.2234 0.0240  -0.1066 112 LYS A C   
216 O O   . LYS A 47 ? 0.4590 0.4759 0.5724 -0.2375 0.0307  -0.1030 112 LYS A O   
217 C CB  . LYS A 47 ? 0.4699 0.5401 0.5614 -0.2466 0.0136  -0.1462 112 LYS A CB  
218 C CG  . LYS A 47 ? 0.4656 0.5353 0.5421 -0.2559 0.0139  -0.1741 112 LYS A CG  
219 C CD  . LYS A 47 ? 0.4648 0.5686 0.5439 -0.2805 0.0053  -0.1926 112 LYS A CD  
220 C CE  . LYS A 47 ? 0.5338 0.6429 0.5946 -0.2927 0.0064  -0.2268 112 LYS A CE  
221 N NZ  . LYS A 47 ? 0.5439 0.6730 0.5797 -0.2767 0.0048  -0.2212 112 LYS A NZ  
222 N N   . ASP A 48 ? 0.4446 0.5058 0.5481 -0.2065 0.0191  -0.0921 113 ASP A N   
223 C CA  . ASP A 48 ? 0.4453 0.5158 0.5601 -0.2030 0.0230  -0.0773 113 ASP A CA  
224 C C   . ASP A 48 ? 0.4611 0.4952 0.5683 -0.1948 0.0316  -0.0629 113 ASP A C   
225 O O   . ASP A 48 ? 0.4561 0.5025 0.5666 -0.1909 0.0348  -0.0514 113 ASP A O   
226 C CB  . ASP A 48 ? 0.4226 0.5315 0.5469 -0.1870 0.0134  -0.0723 113 ASP A CB  
227 C CG  . ASP A 48 ? 0.4412 0.5363 0.5540 -0.1663 0.0086  -0.0639 113 ASP A CG  
228 O OD1 . ASP A 48 ? 0.4783 0.5415 0.5753 -0.1630 0.0137  -0.0629 113 ASP A OD1 
229 O OD2 . ASP A 48 ? 0.5029 0.6197 0.6263 -0.1528 -0.0009 -0.0586 113 ASP A OD2 
230 N N   . GLY A 49 ? 0.4936 0.4881 0.5921 -0.1906 0.0346  -0.0648 114 GLY A N   
231 C CA  . GLY A 49 ? 0.5098 0.4706 0.6051 -0.1822 0.0394  -0.0489 114 GLY A CA  
232 C C   . GLY A 49 ? 0.4997 0.4630 0.5871 -0.1597 0.0370  -0.0395 114 GLY A C   
233 O O   . GLY A 49 ? 0.5106 0.4569 0.5957 -0.1532 0.0389  -0.0241 114 GLY A O   
234 N N   . THR A 50 ? 0.4810 0.4666 0.5646 -0.1501 0.0311  -0.0468 115 THR A N   
235 C CA  . THR A 50 ? 0.4676 0.4550 0.5458 -0.1323 0.0277  -0.0390 115 THR A CA  
236 C C   . THR A 50 ? 0.4805 0.4579 0.5520 -0.1272 0.0287  -0.0481 115 THR A C   
237 O O   . THR A 50 ? 0.5027 0.4794 0.5725 -0.1368 0.0309  -0.0643 115 THR A O   
238 C CB  . THR A 50 ? 0.4473 0.4671 0.5294 -0.1265 0.0184  -0.0370 115 THR A CB  
239 O OG1 . THR A 50 ? 0.4655 0.5047 0.5472 -0.1339 0.0117  -0.0463 115 THR A OG1 
240 C CG2 . THR A 50 ? 0.4006 0.4390 0.4941 -0.1295 0.0196  -0.0346 115 THR A CG2 
241 N N   . TYR A 51 ? 0.4832 0.4576 0.5519 -0.1133 0.0281  -0.0401 116 TYR A N   
242 C CA  . TYR A 51 ? 0.4884 0.4664 0.5517 -0.1087 0.0305  -0.0486 116 TYR A CA  
243 C C   . TYR A 51 ? 0.4731 0.4744 0.5306 -0.1039 0.0223  -0.0374 116 TYR A C   
244 O O   . TYR A 51 ? 0.4648 0.4665 0.5274 -0.0975 0.0167  -0.0243 116 TYR A O   
245 C CB  . TYR A 51 ? 0.4984 0.4539 0.5698 -0.0968 0.0368  -0.0469 116 TYR A CB  
246 C CG  . TYR A 51 ? 0.5211 0.4435 0.6048 -0.0983 0.0417  -0.0512 116 TYR A CG  
247 C CD1 . TYR A 51 ? 0.5864 0.4971 0.6755 -0.1060 0.0473  -0.0738 116 TYR A CD1 
248 C CD2 . TYR A 51 ? 0.5234 0.4254 0.6141 -0.0934 0.0396  -0.0321 116 TYR A CD2 
249 C CE1 . TYR A 51 ? 0.5896 0.4623 0.6958 -0.1082 0.0496  -0.0766 116 TYR A CE1 
250 C CE2 . TYR A 51 ? 0.5621 0.4295 0.6662 -0.0966 0.0412  -0.0298 116 TYR A CE2 
251 C CZ  . TYR A 51 ? 0.5872 0.4364 0.7015 -0.1036 0.0457  -0.0516 116 TYR A CZ  
252 O OH  . TYR A 51 ? 0.6418 0.4490 0.7750 -0.1077 0.0451  -0.0482 116 TYR A OH  
253 N N   . THR A 52 ? 0.4877 0.5095 0.5347 -0.1088 0.0211  -0.0427 117 THR A N   
254 C CA  . THR A 52 ? 0.4822 0.5205 0.5249 -0.1054 0.0142  -0.0277 117 THR A CA  
255 C C   . THR A 52 ? 0.4881 0.5216 0.5333 -0.0978 0.0248  -0.0318 117 THR A C   
256 O O   . THR A 52 ? 0.5131 0.5472 0.5576 -0.0992 0.0360  -0.0512 117 THR A O   
257 C CB  . THR A 52 ? 0.5043 0.5739 0.5321 -0.1183 0.0065  -0.0257 117 THR A CB  
258 O OG1 . THR A 52 ? 0.5301 0.6075 0.5607 -0.1245 -0.0040 -0.0249 117 THR A OG1 
259 C CG2 . THR A 52 ? 0.4829 0.5657 0.5086 -0.1183 -0.0035 -0.0038 117 THR A CG2 
260 N N   . VAL A 53 ? 0.4586 0.4889 0.5111 -0.0893 0.0211  -0.0167 118 VAL A N   
261 C CA  . VAL A 53 ? 0.4448 0.4771 0.5047 -0.0815 0.0291  -0.0187 118 VAL A CA  
262 C C   . VAL A 53 ? 0.4416 0.4941 0.4995 -0.0850 0.0225  -0.0027 118 VAL A C   
263 O O   . VAL A 53 ? 0.4405 0.4921 0.4971 -0.0887 0.0102  0.0116  118 VAL A O   
264 C CB  . VAL A 53 ? 0.4409 0.4481 0.5155 -0.0687 0.0300  -0.0145 118 VAL A CB  
265 C CG1 . VAL A 53 ? 0.4206 0.4037 0.4988 -0.0687 0.0345  -0.0243 118 VAL A CG1 
266 C CG2 . VAL A 53 ? 0.3745 0.3781 0.4503 -0.0666 0.0189  0.0023  118 VAL A CG2 
267 N N   . LYS A 54 ? 0.4460 0.5175 0.5082 -0.0841 0.0310  -0.0064 119 LYS A N   
268 C CA  . LYS A 54 ? 0.4470 0.5418 0.5083 -0.0917 0.0268  0.0090  119 LYS A CA  
269 C C   . LYS A 54 ? 0.4298 0.5292 0.5109 -0.0814 0.0320  0.0091  119 LYS A C   
270 O O   . LYS A 54 ? 0.4346 0.5436 0.5270 -0.0731 0.0446  -0.0077 119 LYS A O   
271 C CB  . LYS A 54 ? 0.4684 0.6001 0.5127 -0.1072 0.0338  0.0035  119 LYS A CB  
272 C CG  . LYS A 54 ? 0.5116 0.6729 0.5515 -0.1218 0.0295  0.0237  119 LYS A CG  
273 C CD  . LYS A 54 ? 0.5997 0.8039 0.6149 -0.1422 0.0352  0.0217  119 LYS A CD  
274 C CE  . LYS A 54 ? 0.6570 0.8978 0.6747 -0.1413 0.0581  -0.0066 119 LYS A CE  
275 N NZ  . LYS A 54 ? 0.7199 1.0021 0.7087 -0.1602 0.0662  -0.0212 119 LYS A NZ  
276 N N   . PHE A 55 ? 0.4146 0.5079 0.5033 -0.0815 0.0209  0.0263  120 PHE A N   
277 C CA  . PHE A 55 ? 0.3937 0.4956 0.5017 -0.0738 0.0223  0.0286  120 PHE A CA  
278 C C   . PHE A 55 ? 0.4044 0.5475 0.5169 -0.0839 0.0308  0.0289  120 PHE A C   
279 O O   . PHE A 55 ? 0.4038 0.5679 0.5000 -0.0991 0.0343  0.0306  120 PHE A O   
280 C CB  . PHE A 55 ? 0.3856 0.4716 0.4987 -0.0746 0.0073  0.0428  120 PHE A CB  
281 C CG  . PHE A 55 ? 0.3620 0.4181 0.4716 -0.0656 0.0013  0.0399  120 PHE A CG  
282 C CD1 . PHE A 55 ? 0.3755 0.4231 0.4925 -0.0531 0.0037  0.0360  120 PHE A CD1 
283 C CD2 . PHE A 55 ? 0.3536 0.3948 0.4554 -0.0702 -0.0074 0.0426  120 PHE A CD2 
284 C CE1 . PHE A 55 ? 0.3439 0.3709 0.4540 -0.0491 -0.0005 0.0357  120 PHE A CE1 
285 C CE2 . PHE A 55 ? 0.3588 0.3818 0.4583 -0.0636 -0.0100 0.0371  120 PHE A CE2 
286 C CZ  . PHE A 55 ? 0.3568 0.3746 0.4576 -0.0550 -0.0056 0.0344  120 PHE A CZ  
287 N N   . TYR A 56 ? 0.4057 0.5668 0.5402 -0.0772 0.0341  0.0280  121 TYR A N   
288 C CA  . TYR A 56 ? 0.4245 0.6336 0.5669 -0.0870 0.0457  0.0246  121 TYR A CA  
289 C C   . TYR A 56 ? 0.4369 0.6617 0.5638 -0.1126 0.0382  0.0465  121 TYR A C   
290 O O   . TYR A 56 ? 0.4458 0.7127 0.5640 -0.1291 0.0487  0.0465  121 TYR A O   
291 C CB  . TYR A 56 ? 0.4233 0.6545 0.5982 -0.0763 0.0477  0.0225  121 TYR A CB  
292 C CG  . TYR A 56 ? 0.4333 0.6601 0.6327 -0.0510 0.0558  0.0023  121 TYR A CG  
293 C CD1 . TYR A 56 ? 0.4555 0.6917 0.6572 -0.0441 0.0719  -0.0228 121 TYR A CD1 
294 C CD2 . TYR A 56 ? 0.4397 0.6538 0.6624 -0.0348 0.0456  0.0086  121 TYR A CD2 
295 C CE1 . TYR A 56 ? 0.4658 0.6916 0.6977 -0.0199 0.0769  -0.0411 121 TYR A CE1 
296 C CE2 . TYR A 56 ? 0.4500 0.6578 0.7007 -0.0113 0.0492  -0.0045 121 TYR A CE2 
297 C CZ  . TYR A 56 ? 0.4538 0.6635 0.7112 -0.0030 0.0646  -0.0291 121 TYR A CZ  
298 O OH  . TYR A 56 ? 0.4548 0.6513 0.7468 0.0216  0.0657  -0.0418 121 TYR A OH  
299 N N   . ASP A 57 ? 0.4367 0.6298 0.5623 -0.1168 0.0198  0.0649  122 ASP A N   
300 C CA  . ASP A 57 ? 0.4606 0.6588 0.5797 -0.1404 0.0080  0.0897  122 ASP A CA  
301 C C   . ASP A 57 ? 0.4823 0.6725 0.5767 -0.1521 0.0020  0.1000  122 ASP A C   
302 O O   . ASP A 57 ? 0.4997 0.6905 0.5898 -0.1718 -0.0110 0.1250  122 ASP A O   
303 C CB  . ASP A 57 ? 0.4528 0.6208 0.5878 -0.1402 -0.0103 0.1012  122 ASP A CB  
304 C CG  . ASP A 57 ? 0.4615 0.5851 0.5935 -0.1247 -0.0203 0.0940  122 ASP A CG  
305 O OD1 . ASP A 57 ? 0.4452 0.5601 0.5635 -0.1148 -0.0137 0.0828  122 ASP A OD1 
306 O OD2 . ASP A 57 ? 0.4451 0.5461 0.5896 -0.1239 -0.0341 0.0970  122 ASP A OD2 
307 N N   . GLY A 58 ? 0.4918 0.6757 0.5722 -0.1416 0.0096  0.0826  123 GLY A N   
308 C CA  . GLY A 58 ? 0.5139 0.6984 0.5712 -0.1533 0.0033  0.0910  123 GLY A CA  
309 C C   . GLY A 58 ? 0.5089 0.6493 0.5695 -0.1444 -0.0146 0.0973  123 GLY A C   
310 O O   . GLY A 58 ? 0.5315 0.6711 0.5785 -0.1514 -0.0233 0.1052  123 GLY A O   
311 N N   . VAL A 59 ? 0.4908 0.6005 0.5702 -0.1293 -0.0200 0.0922  124 VAL A N   
312 C CA  . VAL A 59 ? 0.4783 0.5532 0.5644 -0.1184 -0.0329 0.0902  124 VAL A CA  
313 C C   . VAL A 59 ? 0.4769 0.5463 0.5532 -0.1073 -0.0233 0.0704  124 VAL A C   
314 O O   . VAL A 59 ? 0.4576 0.5282 0.5339 -0.0977 -0.0094 0.0543  124 VAL A O   
315 C CB  . VAL A 59 ? 0.4733 0.5260 0.5798 -0.1093 -0.0402 0.0876  124 VAL A CB  
316 C CG1 . VAL A 59 ? 0.4501 0.4766 0.5643 -0.0969 -0.0481 0.0774  124 VAL A CG1 
317 C CG2 . VAL A 59 ? 0.4418 0.4940 0.5616 -0.1248 -0.0543 0.1089  124 VAL A CG2 
318 N N   . VAL A 60 ? 0.4885 0.5528 0.5597 -0.1099 -0.0325 0.0739  125 VAL A N   
319 C CA  . VAL A 60 ? 0.4932 0.5566 0.5552 -0.1051 -0.0254 0.0575  125 VAL A CA  
320 C C   . VAL A 60 ? 0.4914 0.5319 0.5681 -0.0930 -0.0317 0.0510  125 VAL A C   
321 O O   . VAL A 60 ? 0.5155 0.5450 0.6082 -0.0902 -0.0459 0.0594  125 VAL A O   
322 C CB  . VAL A 60 ? 0.5103 0.5932 0.5573 -0.1182 -0.0323 0.0647  125 VAL A CB  
323 C CG1 . VAL A 60 ? 0.5227 0.6042 0.5640 -0.1148 -0.0264 0.0456  125 VAL A CG1 
324 C CG2 . VAL A 60 ? 0.5322 0.6484 0.5600 -0.1337 -0.0237 0.0687  125 VAL A CG2 
325 N N   . GLN A 61 ? 0.4828 0.5175 0.5558 -0.0870 -0.0207 0.0346  126 GLN A N   
326 C CA  . GLN A 61 ? 0.4822 0.5037 0.5657 -0.0786 -0.0222 0.0267  126 GLN A CA  
327 C C   . GLN A 61 ? 0.4694 0.4918 0.5453 -0.0811 -0.0130 0.0140  126 GLN A C   
328 O O   . GLN A 61 ? 0.4701 0.4925 0.5360 -0.0842 -0.0024 0.0072  126 GLN A O   
329 C CB  . GLN A 61 ? 0.4811 0.4932 0.5682 -0.0712 -0.0164 0.0245  126 GLN A CB  
330 C CG  . GLN A 61 ? 0.4988 0.5051 0.5949 -0.0653 -0.0195 0.0187  126 GLN A CG  
331 C CD  . GLN A 61 ? 0.5180 0.5213 0.6151 -0.0612 -0.0185 0.0199  126 GLN A CD  
332 O OE1 . GLN A 61 ? 0.5461 0.5489 0.6532 -0.0608 -0.0274 0.0227  126 GLN A OE1 
333 N NE2 . GLN A 61 ? 0.4649 0.4656 0.5538 -0.0590 -0.0096 0.0193  126 GLN A NE2 
334 N N   . THR A 62 ? 0.4598 0.4841 0.5444 -0.0801 -0.0169 0.0088  127 THR A N   
335 C CA  . THR A 62 ? 0.4633 0.4889 0.5441 -0.0855 -0.0088 -0.0024 127 THR A CA  
336 C C   . THR A 62 ? 0.4607 0.4769 0.5447 -0.0817 -0.0014 -0.0055 127 THR A C   
337 O O   . THR A 62 ? 0.4548 0.4753 0.5485 -0.0756 -0.0058 -0.0053 127 THR A O   
338 C CB  . THR A 62 ? 0.4757 0.5192 0.5678 -0.0888 -0.0185 -0.0050 127 THR A CB  
339 O OG1 . THR A 62 ? 0.4914 0.5468 0.5790 -0.0935 -0.0300 0.0043  127 THR A OG1 
340 C CG2 . THR A 62 ? 0.4514 0.5000 0.5410 -0.0985 -0.0105 -0.0168 127 THR A CG2 
341 N N   . VAL A 63 ? 0.4596 0.4636 0.5364 -0.0863 0.0089  -0.0085 128 VAL A N   
342 C CA  . VAL A 63 ? 0.4674 0.4626 0.5430 -0.0857 0.0145  -0.0044 128 VAL A CA  
343 C C   . VAL A 63 ? 0.4855 0.4718 0.5593 -0.0973 0.0219  -0.0071 128 VAL A C   
344 O O   . VAL A 63 ? 0.4901 0.4686 0.5635 -0.1029 0.0243  -0.0148 128 VAL A O   
345 C CB  . VAL A 63 ? 0.4822 0.4634 0.5547 -0.0775 0.0153  0.0045  128 VAL A CB  
346 C CG1 . VAL A 63 ? 0.4475 0.4384 0.5236 -0.0699 0.0075  0.0077  128 VAL A CG1 
347 C CG2 . VAL A 63 ? 0.4902 0.4572 0.5632 -0.0766 0.0205  0.0014  128 VAL A CG2 
348 N N   . LYS A 64 ? 0.4947 0.4857 0.5673 -0.1035 0.0254  -0.0020 129 LYS A N   
349 C CA  . LYS A 64 ? 0.5185 0.4985 0.5901 -0.1181 0.0317  0.0015  129 LYS A CA  
350 C C   . LYS A 64 ? 0.5393 0.4844 0.6095 -0.1162 0.0328  0.0125  129 LYS A C   
351 O O   . LYS A 64 ? 0.5364 0.4752 0.6044 -0.1050 0.0296  0.0225  129 LYS A O   
352 C CB  . LYS A 64 ? 0.5289 0.5306 0.5971 -0.1282 0.0356  0.0071  129 LYS A CB  
353 C CG  . LYS A 64 ? 0.5629 0.6031 0.6417 -0.1291 0.0356  -0.0079 129 LYS A CG  
354 C CD  . LYS A 64 ? 0.6416 0.7104 0.7196 -0.1459 0.0444  -0.0066 129 LYS A CD  
355 C CE  . LYS A 64 ? 0.6860 0.7985 0.7755 -0.1386 0.0453  -0.0231 129 LYS A CE  
356 N NZ  . LYS A 64 ? 0.7212 0.8643 0.7982 -0.1502 0.0550  -0.0202 129 LYS A NZ  
357 N N   . HIS A 65 ? 0.5525 0.4754 0.6285 -0.1272 0.0361  0.0100  130 HIS A N   
358 C CA  . HIS A 65 ? 0.5851 0.4693 0.6696 -0.1242 0.0356  0.0178  130 HIS A CA  
359 C C   . HIS A 65 ? 0.5806 0.4582 0.6605 -0.1228 0.0314  0.0443  130 HIS A C   
360 O O   . HIS A 65 ? 0.5771 0.4333 0.6659 -0.1097 0.0268  0.0531  130 HIS A O   
361 C CB  . HIS A 65 ? 0.6262 0.4844 0.7213 -0.1410 0.0385  0.0106  130 HIS A CB  
362 C CG  . HIS A 65 ? 0.7260 0.5366 0.8376 -0.1382 0.0358  0.0204  130 HIS A CG  
363 N ND1 . HIS A 65 ? 0.7695 0.5596 0.8966 -0.1191 0.0351  0.0086  130 HIS A ND1 
364 C CD2 . HIS A 65 ? 0.8313 0.6111 0.9512 -0.1524 0.0325  0.0414  130 HIS A CD2 
365 C CE1 . HIS A 65 ? 0.8314 0.5777 0.9797 -0.1180 0.0305  0.0201  130 HIS A CE1 
366 N NE2 . HIS A 65 ? 0.8715 0.6074 1.0150 -0.1391 0.0277  0.0425  130 HIS A NE2 
367 N N   . ILE A 66 ? 0.5649 0.4661 0.6322 -0.1367 0.0328  0.0561  131 ILE A N   
368 C CA  . ILE A 66 ? 0.5844 0.4865 0.6415 -0.1416 0.0285  0.0837  131 ILE A CA  
369 C C   . ILE A 66 ? 0.5620 0.4824 0.6115 -0.1246 0.0230  0.0862  131 ILE A C   
370 O O   . ILE A 66 ? 0.5728 0.4947 0.6139 -0.1256 0.0165  0.1088  131 ILE A O   
371 C CB  . ILE A 66 ? 0.6073 0.5396 0.6501 -0.1658 0.0341  0.0932  131 ILE A CB  
372 C CG1 . ILE A 66 ? 0.5747 0.5532 0.6145 -0.1657 0.0413  0.0683  131 ILE A CG1 
373 C CG2 . ILE A 66 ? 0.6581 0.5649 0.7100 -0.1885 0.0370  0.1015  131 ILE A CG2 
374 C CD1 . ILE A 66 ? 0.5777 0.6032 0.6035 -0.1850 0.0486  0.0732  131 ILE A CD1 
375 N N   . HIS A 67 ? 0.5192 0.4535 0.5724 -0.1109 0.0239  0.0650  132 HIS A N   
376 C CA  . HIS A 67 ? 0.4916 0.4444 0.5401 -0.0985 0.0187  0.0645  132 HIS A CA  
377 C C   . HIS A 67 ? 0.4996 0.4355 0.5616 -0.0812 0.0143  0.0633  132 HIS A C   
378 O O   . HIS A 67 ? 0.4977 0.4492 0.5594 -0.0720 0.0098  0.0609  132 HIS A O   
379 C CB  . HIS A 67 ? 0.4605 0.4434 0.5071 -0.0977 0.0211  0.0445  132 HIS A CB  
380 C CG  . HIS A 67 ? 0.4432 0.4558 0.4803 -0.1115 0.0262  0.0417  132 HIS A CG  
381 N ND1 . HIS A 67 ? 0.4038 0.4410 0.4491 -0.1121 0.0298  0.0212  132 HIS A ND1 
382 C CD2 . HIS A 67 ? 0.4722 0.4986 0.4942 -0.1261 0.0287  0.0568  132 HIS A CD2 
383 C CE1 . HIS A 67 ? 0.4511 0.5194 0.4891 -0.1252 0.0364  0.0193  132 HIS A CE1 
384 N NE2 . HIS A 67 ? 0.4466 0.5105 0.4669 -0.1359 0.0366  0.0414  132 HIS A NE2 
385 N N   . VAL A 68 ? 0.5221 0.4290 0.5986 -0.0777 0.0162  0.0617  133 VAL A N   
386 C CA  . VAL A 68 ? 0.5281 0.4238 0.6224 -0.0612 0.0141  0.0585  133 VAL A CA  
387 C C   . VAL A 68 ? 0.5777 0.4436 0.6883 -0.0567 0.0081  0.0770  133 VAL A C   
388 O O   . VAL A 68 ? 0.5985 0.4439 0.7072 -0.0692 0.0071  0.0895  133 VAL A O   
389 C CB  . VAL A 68 ? 0.5200 0.4126 0.6232 -0.0580 0.0220  0.0335  133 VAL A CB  
390 C CG1 . VAL A 68 ? 0.4864 0.4057 0.5755 -0.0637 0.0238  0.0217  133 VAL A CG1 
391 C CG2 . VAL A 68 ? 0.5418 0.4067 0.6531 -0.0662 0.0265  0.0256  133 VAL A CG2 
392 N N   . LYS A 69 ? 0.5932 0.4573 0.7233 -0.0394 0.0029  0.0801  134 LYS A N   
393 C CA  . LYS A 69 ? 0.6426 0.4777 0.7982 -0.0297 -0.0064 0.0984  134 LYS A CA  
394 C C   . LYS A 69 ? 0.6530 0.4765 0.8425 -0.0115 -0.0010 0.0748  134 LYS A C   
395 O O   . LYS A 69 ? 0.6138 0.4631 0.8013 -0.0069 0.0081  0.0516  134 LYS A O   
396 C CB  . LYS A 69 ? 0.6514 0.5061 0.8077 -0.0217 -0.0199 0.1228  134 LYS A CB  
397 C CG  . LYS A 69 ? 0.6784 0.5485 0.8044 -0.0384 -0.0278 0.1486  134 LYS A CG  
398 C CD  . LYS A 69 ? 0.6759 0.5870 0.7881 -0.0358 -0.0339 0.1509  134 LYS A CD  
399 C CE  . LYS A 69 ? 0.7129 0.6302 0.8444 -0.0226 -0.0502 0.1728  134 LYS A CE  
400 N NZ  . LYS A 69 ? 0.6998 0.6593 0.8098 -0.0283 -0.0579 0.1776  134 LYS A NZ  
401 N N   . ALA A 70 ? 0.7051 0.4926 0.9276 -0.0012 -0.0074 0.0817  135 ALA A N   
402 C CA  . ALA A 70 ? 0.7379 0.5180 1.0023 0.0210  -0.0032 0.0577  135 ALA A CA  
403 C C   . ALA A 70 ? 0.7327 0.5525 1.0100 0.0380  -0.0057 0.0575  135 ALA A C   
404 O O   . ALA A 70 ? 0.7252 0.5576 0.9982 0.0399  -0.0197 0.0870  135 ALA A O   
405 C CB  . ALA A 70 ? 0.7891 0.5184 1.0948 0.0315  -0.0147 0.0703  135 ALA A CB  
406 N N   . PHE A 71 ? 0.7413 0.5851 1.0335 0.0476  0.0079  0.0241  136 PHE A N   
407 C CA  . PHE A 71 ? 0.7411 0.6252 1.0563 0.0640  0.0081  0.0190  136 PHE A CA  
408 C C   . PHE A 71 ? 0.7841 0.6584 1.1578 0.0898  0.0094  -0.0001 136 PHE A C   
409 O O   . PHE A 71 ? 0.7998 0.6667 1.1869 0.0923  0.0240  -0.0355 136 PHE A O   
410 C CB  . PHE A 71 ? 0.7076 0.6349 0.9990 0.0537  0.0234  -0.0036 136 PHE A CB  
411 C CG  . PHE A 71 ? 0.7084 0.6826 1.0229 0.0653  0.0258  -0.0097 136 PHE A CG  
412 C CD1 . PHE A 71 ? 0.7150 0.7055 1.0374 0.0708  0.0108  0.0168  136 PHE A CD1 
413 C CD2 . PHE A 71 ? 0.7182 0.7260 1.0452 0.0677  0.0436  -0.0424 136 PHE A CD2 
414 C CE1 . PHE A 71 ? 0.7154 0.7519 1.0619 0.0792  0.0126  0.0112  136 PHE A CE1 
415 C CE2 . PHE A 71 ? 0.7166 0.7736 1.0668 0.0755  0.0474  -0.0478 136 PHE A CE2 
416 C CZ  . PHE A 71 ? 0.7167 0.7873 1.0789 0.0815  0.0317  -0.0208 136 PHE A CZ  
417 N N   . SER A 72 ? 0.8102 0.6885 1.2207 0.1091  -0.0061 0.0204  137 SER A N   
418 C CA  . SER A 72 ? 0.8578 0.7223 1.3364 0.1387  -0.0088 0.0043  137 SER A CA  
419 C C   . SER A 72 ? 0.8491 0.7657 1.3693 0.1604  -0.0105 -0.0014 137 SER A C   
420 O O   . SER A 72 ? 0.8133 0.7837 1.3156 0.1523  0.0026  -0.0157 137 SER A O   
421 C CB  . SER A 72 ? 0.9106 0.7158 1.4142 0.1463  -0.0316 0.0376  137 SER A CB  
423 O O   . HOH C .  ? 0.3712 0.4526 0.4690 -0.0334 -0.0670 0.1215  2   HOH A O   
424 O O   . HOH C .  ? 0.3753 0.4261 0.5303 -0.0554 -0.0549 -0.0973 3   HOH A O   
425 O O   . HOH C .  ? 0.3594 0.3351 0.4285 -0.0621 0.0079  0.0348  4   HOH A O   
426 O O   . HOH C .  ? 0.5690 0.6243 0.6570 -0.1313 -0.0762 0.1266  5   HOH A O   
427 O O   . HOH C .  ? 0.3839 0.5044 0.5475 -0.0465 0.0184  0.0328  6   HOH A O   
428 O O   . HOH C .  ? 0.4572 0.6704 0.8066 0.0468  0.0398  -0.0123 7   HOH A O   
429 O O   . HOH C .  ? 0.6095 0.7127 0.7249 -0.1213 -0.0180 -0.0376 8   HOH A O   
430 O O   . HOH C .  ? 0.4305 0.5404 0.5198 -0.0794 -0.0593 -0.0744 9   HOH A O   
431 O O   . HOH C .  ? 0.5557 0.7474 0.6687 -0.0761 0.0728  -0.0337 10  HOH A O   
432 O O   . HOH C .  ? 0.5006 0.5236 0.5706 -0.0896 0.0191  0.0008  151 HOH A O   
# 
